data_8DGW
#
_entry.id   8DGW
#
_cell.length_a   157.422
_cell.length_b   157.422
_cell.length_c   205.095
_cell.angle_alpha   90.000
_cell.angle_beta   90.000
_cell.angle_gamma   120.000
#
_symmetry.space_group_name_H-M   'H 3'
#
loop_
_entity.id
_entity.type
_entity.pdbx_description
1 polymer 'Antibody CC95.108 Fab heavy chain'
2 polymer 'Antibody CC95.108 Fab light chain'
3 polymer "Spike protein S2'"
#
loop_
_entity_poly.entity_id
_entity_poly.type
_entity_poly.pdbx_seq_one_letter_code
_entity_poly.pdbx_strand_id
1 'polypeptide(L)'
;QVQLVQSGTEVRQPGASVRVSCKASGYTFTDSYIHWVRQAPGQGLEWMGIIKPSGGNTRYAQRFQGRVTMTRDTSTSTVY
MELSSLRSEDTAVYYCARDSRGPGIFWGQGTLVTVSSASTKGPSVFPLAPSSKSTSGGTAALGCLVKDYFPEPVTVSWNS
GALTSGVHTFPAVLQSSGLYSLSSVVTVPSSSLGTQTYICNVNHKPSNTKVDKRVEPKSC
;
H,A,C,E
2 'polypeptide(L)'
;QSVLTQPPSVSAAPERKVTISCSGSSSNIGTNFVSWYQQLPGTAPKLLIYENNKRPSGIPDRFSGSKSGTSATLGITGLQ
TGDEADYYCGAWDSTPGTWVFGGGTRLTVLGQPKAAPSVTLFPPSSEELQANKATLVCLISDFYPGAVTVAWKADSSPVK
AGVETTTPSKQSNNKYAASSYLSLTPEQWKSHRSYSCQVTHEGSTVEKTVAPTECS
;
L,B,D,F
3 'polypeptide(L)' HSVPKLSDFESELSHWFKNQTSIAP G,I,J,K
#
# COMPACT_ATOMS: atom_id res chain seq x y z
N GLN A 1 26.37 -11.79 -1.95
CA GLN A 1 26.25 -12.55 -3.19
C GLN A 1 25.00 -12.14 -3.96
N VAL A 2 25.02 -10.93 -4.51
CA VAL A 2 23.90 -10.47 -5.33
C VAL A 2 23.82 -11.33 -6.60
N GLN A 3 22.67 -11.96 -6.81
CA GLN A 3 22.49 -12.85 -7.93
C GLN A 3 21.14 -12.57 -8.59
N LEU A 4 21.15 -12.45 -9.91
CA LEU A 4 19.93 -12.28 -10.71
C LEU A 4 19.75 -13.53 -11.57
N VAL A 5 18.76 -14.33 -11.21
CA VAL A 5 18.50 -15.61 -11.89
C VAL A 5 17.30 -15.46 -12.80
N GLN A 6 17.44 -15.87 -14.06
CA GLN A 6 16.40 -15.74 -15.08
C GLN A 6 15.76 -17.08 -15.37
N SER A 7 14.61 -17.01 -16.04
CA SER A 7 13.88 -18.22 -16.44
C SER A 7 14.60 -18.90 -17.61
N GLY A 8 13.99 -19.97 -18.12
CA GLY A 8 14.58 -20.78 -19.15
C GLY A 8 14.14 -20.37 -20.55
N THR A 9 14.75 -21.03 -21.54
CA THR A 9 14.48 -20.73 -22.94
C THR A 9 13.01 -20.96 -23.26
N GLU A 10 12.48 -20.14 -24.17
CA GLU A 10 11.08 -20.19 -24.55
C GLU A 10 10.94 -20.16 -26.06
N VAL A 11 10.03 -20.97 -26.57
CA VAL A 11 9.70 -21.02 -27.98
C VAL A 11 8.26 -20.58 -28.15
N ARG A 12 8.03 -19.60 -29.01
CA ARG A 12 6.69 -19.06 -29.23
C ARG A 12 6.41 -18.89 -30.71
N GLN A 13 5.13 -19.04 -31.07
CA GLN A 13 4.67 -18.81 -32.43
C GLN A 13 4.47 -17.31 -32.67
N PRO A 14 4.66 -16.84 -33.90
CA PRO A 14 4.40 -15.43 -34.19
C PRO A 14 2.99 -15.04 -33.80
N GLY A 15 2.87 -13.96 -33.02
CA GLY A 15 1.59 -13.51 -32.53
C GLY A 15 1.24 -13.89 -31.10
N ALA A 16 2.17 -14.50 -30.37
CA ALA A 16 1.92 -14.95 -29.02
C ALA A 16 2.64 -14.03 -28.03
N SER A 17 2.70 -14.47 -26.77
CA SER A 17 3.31 -13.69 -25.70
C SER A 17 4.29 -14.56 -24.94
N VAL A 18 5.31 -13.92 -24.39
CA VAL A 18 6.31 -14.59 -23.56
C VAL A 18 6.49 -13.79 -22.28
N ARG A 19 6.60 -14.50 -21.17
CA ARG A 19 6.89 -13.89 -19.87
C ARG A 19 8.21 -14.45 -19.36
N VAL A 20 9.20 -13.56 -19.23
CA VAL A 20 10.50 -13.91 -18.68
C VAL A 20 10.57 -13.36 -17.26
N SER A 21 11.26 -14.08 -16.39
CA SER A 21 11.33 -13.75 -14.98
C SER A 21 12.78 -13.48 -14.59
N CYS A 22 12.95 -12.55 -13.65
CA CYS A 22 14.25 -12.22 -13.09
C CYS A 22 14.11 -12.12 -11.58
N LYS A 23 14.61 -13.13 -10.87
CA LYS A 23 14.63 -13.14 -9.42
C LYS A 23 15.94 -12.53 -8.94
N ALA A 24 15.84 -11.46 -8.14
CA ALA A 24 16.98 -10.79 -7.58
C ALA A 24 17.21 -11.26 -6.14
N SER A 25 18.48 -11.37 -5.75
CA SER A 25 18.80 -11.81 -4.40
C SER A 25 20.09 -11.15 -3.95
N GLY A 26 20.23 -10.99 -2.63
CA GLY A 26 21.42 -10.43 -2.02
C GLY A 26 21.37 -8.94 -1.72
N TYR A 27 20.24 -8.28 -1.99
CA TYR A 27 20.12 -6.85 -1.73
C TYR A 27 18.65 -6.51 -1.57
N THR A 28 18.39 -5.28 -1.15
CA THR A 28 17.01 -4.81 -0.99
C THR A 28 16.44 -4.51 -2.37
N PHE A 29 15.43 -5.28 -2.77
CA PHE A 29 14.88 -5.20 -4.13
C PHE A 29 14.50 -3.79 -4.52
N THR A 30 13.91 -3.04 -3.59
CA THR A 30 13.38 -1.71 -3.88
C THR A 30 14.45 -0.63 -3.96
N ASP A 31 15.69 -0.96 -3.66
CA ASP A 31 16.78 0.01 -3.58
C ASP A 31 17.48 0.22 -4.92
N SER A 32 17.09 -0.49 -5.97
CA SER A 32 17.76 -0.37 -7.25
C SER A 32 16.77 -0.62 -8.38
N TYR A 33 16.94 0.15 -9.46
CA TYR A 33 16.15 -0.02 -10.68
C TYR A 33 16.54 -1.32 -11.38
N ILE A 34 15.64 -1.82 -12.23
CA ILE A 34 15.95 -3.00 -13.03
C ILE A 34 15.77 -2.66 -14.51
N HIS A 35 16.79 -2.96 -15.32
CA HIS A 35 16.75 -2.79 -16.76
C HIS A 35 16.55 -4.14 -17.44
N TRP A 36 15.92 -4.11 -18.60
CA TRP A 36 15.82 -5.25 -19.49
C TRP A 36 16.40 -4.85 -20.84
N VAL A 37 17.38 -5.66 -21.29
CA VAL A 37 18.13 -5.42 -22.52
C VAL A 37 18.21 -6.73 -23.30
N ARG A 38 18.03 -6.65 -24.61
CA ARG A 38 18.05 -7.84 -25.46
C ARG A 38 19.23 -7.81 -26.43
N GLN A 39 19.70 -9.00 -26.81
CA GLN A 39 20.74 -9.16 -27.83
C GLN A 39 20.25 -10.19 -28.83
N ALA A 40 20.04 -9.77 -30.07
CA ALA A 40 19.66 -10.69 -31.13
C ALA A 40 20.87 -11.52 -31.56
N PRO A 41 20.64 -12.72 -32.09
CA PRO A 41 21.76 -13.58 -32.50
C PRO A 41 22.62 -12.89 -33.55
N GLY A 42 23.89 -12.67 -33.20
CA GLY A 42 24.85 -12.05 -34.09
C GLY A 42 24.79 -10.54 -34.16
N GLN A 43 23.93 -9.90 -33.37
CA GLN A 43 23.78 -8.45 -33.39
C GLN A 43 24.25 -7.86 -32.06
N GLY A 44 23.98 -6.56 -31.87
CA GLY A 44 24.40 -5.84 -30.69
C GLY A 44 23.32 -5.77 -29.62
N LEU A 45 23.55 -4.91 -28.65
CA LEU A 45 22.69 -4.77 -27.49
C LEU A 45 21.57 -3.77 -27.77
N GLU A 46 20.37 -4.10 -27.30
CA GLU A 46 19.21 -3.23 -27.43
C GLU A 46 18.50 -3.13 -26.08
N TRP A 47 18.44 -1.91 -25.54
CA TRP A 47 17.70 -1.67 -24.31
C TRP A 47 16.21 -1.83 -24.59
N MET A 48 15.52 -2.46 -23.65
CA MET A 48 14.08 -2.68 -23.78
C MET A 48 13.27 -1.88 -22.78
N GLY A 49 13.75 -1.74 -21.56
CA GLY A 49 12.98 -0.95 -20.62
C GLY A 49 13.56 -0.98 -19.23
N ILE A 50 12.92 -0.20 -18.36
CA ILE A 50 13.32 -0.09 -16.96
C ILE A 50 12.07 -0.13 -16.09
N ILE A 51 12.21 -0.76 -14.93
CA ILE A 51 11.15 -0.91 -13.95
C ILE A 51 11.67 -0.41 -12.61
N LYS A 52 10.80 0.32 -11.90
CA LYS A 52 11.06 0.74 -10.54
C LYS A 52 10.43 -0.29 -9.60
N PRO A 53 11.23 -1.00 -8.80
CA PRO A 53 10.67 -2.10 -7.99
C PRO A 53 9.78 -1.66 -6.85
N SER A 54 9.74 -0.36 -6.53
CA SER A 54 8.92 0.10 -5.41
C SER A 54 7.46 0.26 -5.83
N GLY A 55 7.19 1.16 -6.76
CA GLY A 55 5.85 1.45 -7.21
C GLY A 55 5.44 0.77 -8.50
N GLY A 56 6.35 0.06 -9.16
CA GLY A 56 6.05 -0.55 -10.43
C GLY A 56 6.07 0.39 -11.61
N ASN A 57 6.60 1.60 -11.44
CA ASN A 57 6.71 2.53 -12.56
C ASN A 57 7.64 1.97 -13.62
N THR A 58 7.27 2.19 -14.89
CA THR A 58 7.95 1.57 -16.02
C THR A 58 8.23 2.61 -17.10
N ARG A 59 9.34 2.43 -17.79
CA ARG A 59 9.64 3.19 -19.00
C ARG A 59 10.13 2.23 -20.08
N TYR A 60 9.50 2.30 -21.25
CA TYR A 60 9.82 1.39 -22.34
C TYR A 60 10.34 2.17 -23.55
N ALA A 61 11.09 1.46 -24.39
CA ALA A 61 11.57 2.02 -25.65
C ALA A 61 10.44 2.04 -26.67
N GLN A 62 10.52 3.02 -27.59
CA GLN A 62 9.44 3.19 -28.57
C GLN A 62 9.27 1.96 -29.43
N ARG A 63 10.37 1.26 -29.75
CA ARG A 63 10.27 0.07 -30.57
C ARG A 63 9.48 -1.03 -29.90
N PHE A 64 9.51 -1.06 -28.56
CA PHE A 64 8.77 -2.04 -27.77
C PHE A 64 7.65 -1.44 -26.96
N GLN A 65 7.40 -0.14 -27.14
CA GLN A 65 6.29 0.48 -26.42
C GLN A 65 5.02 -0.28 -26.78
N GLY A 66 4.95 -0.74 -28.00
CA GLY A 66 3.76 -1.40 -28.49
C GLY A 66 3.72 -2.88 -28.22
N ARG A 67 4.69 -3.44 -27.50
CA ARG A 67 4.68 -4.89 -27.28
C ARG A 67 5.20 -5.42 -25.93
N VAL A 68 5.62 -4.55 -25.03
CA VAL A 68 6.21 -4.99 -23.77
C VAL A 68 5.48 -4.41 -22.58
N THR A 69 5.36 -5.24 -21.54
CA THR A 69 4.82 -4.86 -20.23
C THR A 69 5.72 -5.43 -19.12
N MET A 70 6.08 -4.60 -18.15
CA MET A 70 6.93 -5.01 -17.04
C MET A 70 6.21 -4.91 -15.69
N THR A 71 6.39 -5.93 -14.86
CA THR A 71 5.72 -6.06 -13.56
C THR A 71 6.72 -6.50 -12.50
N ARG A 72 6.30 -6.40 -11.23
CA ARG A 72 7.17 -6.76 -10.13
C ARG A 72 6.37 -7.38 -9.00
N ASP A 73 6.97 -8.38 -8.34
CA ASP A 73 6.46 -8.97 -7.11
C ASP A 73 7.48 -8.64 -6.01
N THR A 74 7.10 -7.71 -5.13
CA THR A 74 7.96 -7.28 -4.04
C THR A 74 8.18 -8.39 -3.01
N SER A 75 7.21 -9.31 -2.85
CA SER A 75 7.38 -10.37 -1.87
C SER A 75 8.46 -11.36 -2.31
N THR A 76 8.39 -11.80 -3.56
CA THR A 76 9.36 -12.74 -4.12
C THR A 76 10.56 -12.06 -4.76
N SER A 77 10.60 -10.72 -4.76
CA SER A 77 11.71 -9.94 -5.35
C SER A 77 11.95 -10.29 -6.81
N THR A 78 10.88 -10.32 -7.60
CA THR A 78 11.02 -10.75 -8.99
C THR A 78 10.41 -9.75 -9.96
N VAL A 79 11.13 -9.51 -11.06
CA VAL A 79 10.63 -8.69 -12.15
C VAL A 79 10.16 -9.61 -13.27
N TYR A 80 9.12 -9.19 -13.98
CA TYR A 80 8.53 -9.98 -15.05
C TYR A 80 8.44 -9.10 -16.29
N MET A 81 8.96 -9.60 -17.40
CA MET A 81 8.84 -8.94 -18.69
C MET A 81 7.94 -9.77 -19.59
N GLU A 82 6.94 -9.15 -20.19
CA GLU A 82 5.98 -9.84 -21.04
C GLU A 82 5.96 -9.15 -22.40
N LEU A 83 6.42 -9.85 -23.42
CA LEU A 83 6.40 -9.35 -24.79
C LEU A 83 5.30 -10.07 -25.56
N SER A 84 4.42 -9.30 -26.21
CA SER A 84 3.28 -9.84 -26.93
C SER A 84 3.39 -9.46 -28.41
N SER A 85 2.45 -9.94 -29.21
CA SER A 85 2.48 -9.78 -30.67
C SER A 85 3.86 -10.17 -31.19
N LEU A 86 4.31 -11.36 -30.77
CA LEU A 86 5.69 -11.76 -31.03
C LEU A 86 5.93 -11.92 -32.52
N ARG A 87 7.14 -11.56 -32.95
CA ARG A 87 7.56 -11.63 -34.33
C ARG A 87 8.95 -12.23 -34.39
N SER A 88 9.38 -12.58 -35.61
CA SER A 88 10.66 -13.24 -35.77
C SER A 88 11.84 -12.37 -35.33
N GLU A 89 11.73 -11.04 -35.38
CA GLU A 89 12.85 -10.24 -34.88
C GLU A 89 12.90 -10.20 -33.36
N ASP A 90 11.94 -10.78 -32.66
CA ASP A 90 12.02 -10.87 -31.21
C ASP A 90 12.81 -12.07 -30.74
N THR A 91 13.24 -12.94 -31.65
CA THR A 91 14.11 -14.05 -31.29
C THR A 91 15.45 -13.48 -30.83
N ALA A 92 15.79 -13.67 -29.56
CA ALA A 92 16.97 -13.04 -28.98
C ALA A 92 17.20 -13.58 -27.59
N VAL A 93 18.36 -13.26 -27.03
CA VAL A 93 18.66 -13.51 -25.63
C VAL A 93 18.31 -12.26 -24.84
N TYR A 94 17.38 -12.39 -23.90
CA TYR A 94 16.93 -11.28 -23.08
C TYR A 94 17.61 -11.34 -21.72
N TYR A 95 18.13 -10.20 -21.27
CA TYR A 95 18.87 -10.09 -20.01
C TYR A 95 18.20 -9.06 -19.11
N CYS A 96 18.22 -9.34 -17.81
CA CYS A 96 17.89 -8.35 -16.78
C CYS A 96 19.18 -7.87 -16.11
N ALA A 97 19.17 -6.62 -15.66
CA ALA A 97 20.35 -6.04 -15.05
C ALA A 97 19.97 -5.04 -13.97
N ARG A 98 20.70 -5.08 -12.86
CA ARG A 98 20.52 -4.08 -11.82
C ARG A 98 21.17 -2.76 -12.25
N ASP A 99 20.58 -1.65 -11.82
CA ASP A 99 21.03 -0.34 -12.27
C ASP A 99 22.28 0.11 -11.55
N SER A 100 23.20 0.70 -12.31
CA SER A 100 24.38 1.39 -11.78
C SER A 100 24.61 2.64 -12.63
N ARG A 101 23.62 3.54 -12.63
CA ARG A 101 23.56 4.67 -13.57
C ARG A 101 23.49 4.15 -15.01
N GLY A 102 22.59 3.19 -15.22
CA GLY A 102 22.49 2.46 -16.46
C GLY A 102 22.44 0.97 -16.17
N PRO A 103 22.40 0.12 -17.19
CA PRO A 103 22.60 -1.30 -16.94
C PRO A 103 23.95 -1.49 -16.27
N GLY A 104 23.98 -2.34 -15.25
CA GLY A 104 25.08 -2.26 -14.32
C GLY A 104 25.91 -3.50 -14.05
N ILE A 105 26.33 -3.64 -12.79
CA ILE A 105 27.30 -4.65 -12.42
C ILE A 105 26.69 -6.05 -12.49
N PHE A 106 25.47 -6.20 -11.98
CA PHE A 106 24.85 -7.51 -11.83
C PHE A 106 23.84 -7.74 -12.95
N TRP A 107 24.10 -8.73 -13.80
CA TRP A 107 23.24 -9.11 -14.91
C TRP A 107 22.69 -10.51 -14.67
N GLY A 108 21.80 -10.93 -15.56
CA GLY A 108 21.28 -12.28 -15.56
C GLY A 108 22.03 -13.17 -16.54
N GLN A 109 21.76 -14.47 -16.44
CA GLN A 109 22.38 -15.43 -17.35
C GLN A 109 21.87 -15.26 -18.78
N GLY A 110 20.66 -14.75 -18.94
CA GLY A 110 20.06 -14.60 -20.26
C GLY A 110 19.05 -15.68 -20.56
N THR A 111 17.94 -15.30 -21.18
CA THR A 111 16.89 -16.23 -21.58
C THR A 111 16.73 -16.16 -23.09
N LEU A 112 16.95 -17.28 -23.77
CA LEU A 112 16.78 -17.32 -25.23
C LEU A 112 15.31 -17.51 -25.56
N VAL A 113 14.74 -16.56 -26.29
CA VAL A 113 13.35 -16.63 -26.76
C VAL A 113 13.38 -16.72 -28.27
N THR A 114 12.91 -17.84 -28.80
CA THR A 114 12.85 -18.09 -30.23
C THR A 114 11.41 -18.00 -30.70
N VAL A 115 11.14 -17.07 -31.62
CA VAL A 115 9.82 -16.92 -32.22
C VAL A 115 9.89 -17.52 -33.62
N SER A 116 9.14 -18.60 -33.83
CA SER A 116 9.14 -19.27 -35.12
C SER A 116 7.78 -19.93 -35.33
N SER A 117 7.38 -20.01 -36.60
CA SER A 117 6.17 -20.74 -36.96
C SER A 117 6.41 -22.24 -37.12
N ALA A 118 7.67 -22.67 -37.13
CA ALA A 118 7.99 -24.08 -37.26
C ALA A 118 7.82 -24.80 -35.93
N SER A 119 7.51 -26.09 -36.00
CA SER A 119 7.33 -26.89 -34.81
C SER A 119 8.70 -27.25 -34.22
N THR A 120 8.73 -27.40 -32.90
CA THR A 120 9.95 -27.85 -32.24
C THR A 120 10.22 -29.31 -32.60
N LYS A 121 11.48 -29.63 -32.90
CA LYS A 121 11.89 -30.97 -33.25
C LYS A 121 12.93 -31.46 -32.25
N GLY A 122 12.74 -32.68 -31.75
CA GLY A 122 13.67 -33.23 -30.79
C GLY A 122 14.95 -33.69 -31.45
N PRO A 123 16.05 -33.63 -30.70
CA PRO A 123 17.35 -34.04 -31.25
C PRO A 123 17.48 -35.55 -31.33
N SER A 124 18.34 -35.99 -32.25
CA SER A 124 18.76 -37.38 -32.34
C SER A 124 20.23 -37.46 -31.98
N VAL A 125 20.55 -38.18 -30.92
CA VAL A 125 21.93 -38.29 -30.44
C VAL A 125 22.54 -39.57 -30.98
N PHE A 126 23.70 -39.45 -31.61
CA PHE A 126 24.45 -40.58 -32.13
C PHE A 126 25.87 -40.55 -31.60
N PRO A 127 26.48 -41.71 -31.35
CA PRO A 127 27.85 -41.73 -30.83
C PRO A 127 28.87 -41.50 -31.93
N LEU A 128 29.85 -40.62 -31.67
CA LEU A 128 30.96 -40.38 -32.58
C LEU A 128 32.20 -41.07 -32.01
N ALA A 129 32.52 -42.25 -32.57
CA ALA A 129 33.59 -43.14 -32.13
C ALA A 129 34.95 -42.64 -32.61
N PRO A 130 36.03 -42.97 -31.89
CA PRO A 130 37.36 -42.49 -32.34
C PRO A 130 37.77 -42.96 -33.73
N SER A 131 37.59 -44.25 -34.04
CA SER A 131 37.88 -44.94 -35.30
C SER A 131 39.28 -45.55 -35.35
N SER A 132 40.18 -44.95 -36.12
CA SER A 132 41.49 -45.52 -36.42
C SER A 132 42.46 -45.32 -35.26
N LYS A 133 43.56 -46.09 -35.29
CA LYS A 133 44.64 -45.96 -34.31
C LYS A 133 45.93 -45.48 -34.98
N GLY A 138 50.06 -39.54 -28.16
CA GLY A 138 48.97 -39.63 -29.12
C GLY A 138 47.67 -39.07 -28.59
N THR A 139 46.91 -38.40 -29.46
CA THR A 139 45.66 -37.77 -29.09
C THR A 139 44.53 -38.33 -29.95
N ALA A 140 43.35 -38.43 -29.34
CA ALA A 140 42.16 -38.95 -30.02
C ALA A 140 40.96 -38.14 -29.56
N ALA A 141 39.88 -38.24 -30.33
CA ALA A 141 38.66 -37.51 -30.05
C ALA A 141 37.46 -38.43 -30.11
N LEU A 142 36.59 -38.33 -29.11
CA LEU A 142 35.31 -39.04 -29.12
C LEU A 142 34.23 -37.99 -28.92
N GLY A 143 32.99 -38.33 -29.20
CA GLY A 143 31.97 -37.31 -29.05
C GLY A 143 30.56 -37.83 -29.25
N CYS A 144 29.65 -36.86 -29.31
CA CYS A 144 28.24 -37.10 -29.56
C CYS A 144 27.75 -36.12 -30.62
N LEU A 145 26.95 -36.62 -31.55
CA LEU A 145 26.33 -35.81 -32.59
C LEU A 145 24.86 -35.63 -32.26
N VAL A 146 24.46 -34.38 -32.03
CA VAL A 146 23.08 -34.01 -31.78
C VAL A 146 22.53 -33.51 -33.11
N LYS A 147 21.68 -34.30 -33.75
CA LYS A 147 21.29 -34.06 -35.14
C LYS A 147 19.82 -33.71 -35.25
N ASP A 148 19.52 -32.81 -36.19
CA ASP A 148 18.17 -32.49 -36.64
C ASP A 148 17.28 -32.10 -35.45
N TYR A 149 17.60 -30.95 -34.87
CA TYR A 149 16.81 -30.38 -33.80
C TYR A 149 16.45 -28.93 -34.12
N PHE A 150 15.26 -28.53 -33.69
CA PHE A 150 14.80 -27.17 -33.81
C PHE A 150 13.85 -26.93 -32.65
N PRO A 151 13.88 -25.76 -32.01
CA PRO A 151 14.90 -24.73 -32.22
C PRO A 151 16.06 -24.86 -31.25
N GLU A 152 16.84 -23.79 -31.13
CA GLU A 152 17.90 -23.71 -30.14
C GLU A 152 17.33 -23.38 -28.77
N PRO A 153 18.04 -23.70 -27.68
CA PRO A 153 19.39 -24.29 -27.62
C PRO A 153 19.41 -25.76 -27.22
N VAL A 154 20.62 -26.33 -27.22
CA VAL A 154 20.87 -27.65 -26.67
C VAL A 154 22.08 -27.56 -25.75
N THR A 155 22.01 -28.26 -24.62
CA THR A 155 23.10 -28.29 -23.66
C THR A 155 23.65 -29.71 -23.58
N VAL A 156 24.96 -29.84 -23.72
CA VAL A 156 25.62 -31.14 -23.69
C VAL A 156 26.60 -31.17 -22.53
N SER A 157 26.51 -32.19 -21.70
CA SER A 157 27.46 -32.44 -20.63
C SER A 157 28.08 -33.82 -20.83
N TRP A 158 29.20 -34.07 -20.17
CA TRP A 158 29.87 -35.35 -20.28
C TRP A 158 30.04 -35.98 -18.91
N ASN A 159 29.62 -37.24 -18.78
CA ASN A 159 29.68 -37.99 -17.53
C ASN A 159 28.98 -37.25 -16.40
N SER A 160 27.79 -36.71 -16.71
CA SER A 160 26.94 -36.02 -15.74
C SER A 160 27.61 -34.78 -15.13
N GLY A 161 28.56 -34.20 -15.87
CA GLY A 161 29.25 -33.00 -15.42
C GLY A 161 30.57 -33.24 -14.71
N ALA A 162 30.91 -34.50 -14.42
CA ALA A 162 32.20 -34.79 -13.79
C ALA A 162 33.37 -34.58 -14.74
N LEU A 163 33.13 -34.65 -16.04
CA LEU A 163 34.18 -34.48 -17.05
C LEU A 163 34.09 -33.07 -17.63
N THR A 164 35.06 -32.23 -17.30
CA THR A 164 35.13 -30.88 -17.82
C THR A 164 36.42 -30.55 -18.53
N SER A 165 37.43 -31.40 -18.45
CA SER A 165 38.72 -31.15 -19.09
C SER A 165 38.75 -31.81 -20.46
N GLY A 166 39.10 -31.03 -21.48
CA GLY A 166 39.15 -31.54 -22.83
C GLY A 166 37.82 -31.62 -23.53
N VAL A 167 36.77 -31.03 -22.97
CA VAL A 167 35.43 -31.06 -23.56
C VAL A 167 35.25 -29.80 -24.39
N HIS A 168 34.98 -29.97 -25.68
CA HIS A 168 34.70 -28.87 -26.60
C HIS A 168 33.36 -29.14 -27.27
N THR A 169 32.34 -28.35 -26.92
CA THR A 169 31.04 -28.39 -27.59
C THR A 169 31.05 -27.37 -28.71
N PHE A 170 31.05 -27.86 -29.96
CA PHE A 170 31.17 -27.00 -31.12
C PHE A 170 29.86 -26.27 -31.41
N PRO A 171 29.93 -25.09 -32.01
CA PRO A 171 28.70 -24.38 -32.41
C PRO A 171 27.95 -25.14 -33.49
N ALA A 172 26.64 -24.88 -33.54
CA ALA A 172 25.72 -25.62 -34.39
C ALA A 172 25.71 -25.05 -35.81
N VAL A 173 25.32 -25.91 -36.76
CA VAL A 173 25.17 -25.54 -38.16
C VAL A 173 23.68 -25.50 -38.49
N LEU A 174 23.25 -24.46 -39.20
CA LEU A 174 21.89 -24.36 -39.70
C LEU A 174 21.84 -24.96 -41.10
N GLN A 175 21.18 -26.11 -41.24
CA GLN A 175 21.08 -26.79 -42.52
C GLN A 175 19.99 -26.17 -43.39
N SER A 176 19.98 -26.57 -44.66
CA SER A 176 18.97 -26.06 -45.59
C SER A 176 17.56 -26.43 -45.15
N SER A 177 17.40 -27.53 -44.41
CA SER A 177 16.09 -27.92 -43.91
C SER A 177 15.54 -26.95 -42.88
N GLY A 178 16.40 -26.10 -42.29
CA GLY A 178 16.01 -25.24 -41.21
C GLY A 178 16.26 -25.82 -39.83
N LEU A 179 16.75 -27.05 -39.76
CA LEU A 179 17.08 -27.70 -38.50
C LEU A 179 18.56 -27.47 -38.16
N TYR A 180 18.87 -27.61 -36.88
CA TYR A 180 20.23 -27.42 -36.38
C TYR A 180 20.89 -28.76 -36.09
N SER A 181 22.22 -28.76 -36.10
CA SER A 181 22.99 -29.93 -35.72
C SER A 181 24.26 -29.47 -35.02
N LEU A 182 24.66 -30.23 -34.01
CA LEU A 182 25.77 -29.88 -33.14
C LEU A 182 26.60 -31.13 -32.87
N SER A 183 27.86 -30.93 -32.51
CA SER A 183 28.73 -32.02 -32.12
C SER A 183 29.54 -31.60 -30.90
N SER A 184 29.63 -32.49 -29.93
CA SER A 184 30.41 -32.26 -28.72
C SER A 184 31.49 -33.33 -28.60
N VAL A 185 32.73 -32.89 -28.43
CA VAL A 185 33.87 -33.80 -28.42
C VAL A 185 34.59 -33.73 -27.09
N VAL A 186 35.24 -34.84 -26.76
CA VAL A 186 36.19 -34.93 -25.66
C VAL A 186 37.49 -35.41 -26.27
N THR A 187 38.56 -34.66 -26.00
CA THR A 187 39.90 -35.02 -26.45
C THR A 187 40.59 -35.81 -25.35
N VAL A 188 41.03 -37.02 -25.68
CA VAL A 188 41.61 -37.92 -24.69
C VAL A 188 42.94 -38.41 -25.24
N PRO A 189 43.84 -38.84 -24.36
CA PRO A 189 45.03 -39.54 -24.85
C PRO A 189 44.59 -40.80 -25.59
N SER A 190 45.28 -41.10 -26.68
CA SER A 190 44.89 -42.27 -27.46
C SER A 190 45.27 -43.55 -26.74
N SER A 191 46.17 -43.46 -25.76
CA SER A 191 46.50 -44.59 -24.90
C SER A 191 45.32 -44.96 -24.01
N SER A 192 44.39 -44.03 -23.79
CA SER A 192 43.22 -44.28 -22.95
C SER A 192 42.02 -44.73 -23.77
N LEU A 193 42.22 -45.08 -25.03
CA LEU A 193 41.15 -45.68 -25.83
C LEU A 193 40.91 -47.11 -25.37
N GLY A 194 39.64 -47.50 -25.33
CA GLY A 194 39.26 -48.85 -24.95
C GLY A 194 39.14 -49.08 -23.48
N THR A 195 39.59 -48.13 -22.65
CA THR A 195 39.60 -48.30 -21.21
C THR A 195 38.49 -47.54 -20.48
N GLN A 196 37.95 -46.47 -21.07
CA GLN A 196 36.90 -45.72 -20.40
C GLN A 196 35.69 -45.54 -21.31
N THR A 197 34.51 -45.72 -20.73
CA THR A 197 33.25 -45.43 -21.39
C THR A 197 32.90 -43.97 -21.11
N TYR A 198 32.37 -43.28 -22.11
CA TYR A 198 31.97 -41.89 -21.96
C TYR A 198 30.47 -41.78 -22.19
N ILE A 199 29.78 -40.94 -21.43
CA ILE A 199 28.36 -40.74 -21.60
C ILE A 199 28.10 -39.27 -21.83
N CYS A 200 27.44 -38.94 -22.94
CA CYS A 200 27.02 -37.59 -23.23
C CYS A 200 25.57 -37.41 -22.80
N ASN A 201 25.32 -36.34 -22.05
CA ASN A 201 24.00 -36.01 -21.55
C ASN A 201 23.52 -34.80 -22.34
N VAL A 202 22.58 -35.04 -23.25
CA VAL A 202 22.03 -34.02 -24.13
C VAL A 202 20.69 -33.57 -23.58
N ASN A 203 20.48 -32.26 -23.57
CA ASN A 203 19.25 -31.66 -23.08
C ASN A 203 18.76 -30.65 -24.12
N HIS A 204 17.53 -30.85 -24.58
CA HIS A 204 16.84 -29.95 -25.50
C HIS A 204 15.58 -29.52 -24.78
N LYS A 205 15.66 -28.34 -24.16
CA LYS A 205 14.53 -27.79 -23.41
C LYS A 205 13.27 -27.62 -24.25
N PRO A 206 13.31 -27.11 -25.49
CA PRO A 206 12.07 -26.94 -26.25
C PRO A 206 11.28 -28.22 -26.50
N SER A 207 11.92 -29.39 -26.50
CA SER A 207 11.21 -30.64 -26.78
C SER A 207 11.19 -31.59 -25.59
N ASN A 208 11.57 -31.13 -24.40
CA ASN A 208 11.61 -31.99 -23.21
C ASN A 208 12.48 -33.21 -23.45
N THR A 209 13.63 -32.99 -24.08
CA THR A 209 14.53 -34.09 -24.44
C THR A 209 15.69 -34.14 -23.45
N LYS A 210 15.79 -35.23 -22.68
CA LYS A 210 16.93 -35.47 -21.81
C LYS A 210 17.43 -36.88 -22.13
N VAL A 211 18.42 -36.97 -23.01
CA VAL A 211 18.90 -38.25 -23.52
C VAL A 211 20.34 -38.44 -23.09
N ASP A 212 20.67 -39.65 -22.62
CA ASP A 212 22.03 -40.01 -22.23
C ASP A 212 22.53 -41.10 -23.15
N LYS A 213 23.53 -40.77 -23.97
CA LYS A 213 24.07 -41.68 -24.98
C LYS A 213 25.49 -42.10 -24.60
N ARG A 214 25.76 -43.40 -24.72
CA ARG A 214 27.09 -43.93 -24.40
C ARG A 214 27.98 -43.96 -25.63
N VAL A 215 29.15 -43.36 -25.52
CA VAL A 215 30.22 -43.42 -26.51
C VAL A 215 31.29 -44.33 -25.91
N GLU A 216 31.34 -45.58 -26.35
CA GLU A 216 32.46 -46.42 -25.99
C GLU A 216 33.03 -47.04 -27.26
N PRO A 217 34.35 -47.27 -27.30
CA PRO A 217 35.06 -47.85 -28.46
C PRO A 217 34.76 -49.32 -28.70
N SER B 2 17.77 6.26 -32.11
CA SER B 2 18.75 6.94 -31.25
C SER B 2 19.86 5.98 -30.86
N VAL B 3 21.04 6.16 -31.47
CA VAL B 3 22.17 5.26 -31.28
C VAL B 3 23.45 6.05 -31.24
N LEU B 4 24.31 5.73 -30.29
CA LEU B 4 25.65 6.30 -30.29
C LEU B 4 26.51 5.53 -31.27
N THR B 5 27.38 6.24 -31.98
CA THR B 5 28.18 5.64 -33.04
C THR B 5 29.55 5.24 -32.49
N GLN B 6 30.04 4.08 -32.95
CA GLN B 6 31.28 3.47 -32.47
C GLN B 6 32.06 2.93 -33.66
N PRO B 7 33.39 2.91 -33.58
CA PRO B 7 34.18 2.26 -34.63
C PRO B 7 33.82 0.79 -34.72
N PRO B 8 33.60 0.28 -35.94
CA PRO B 8 33.25 -1.15 -36.10
C PRO B 8 34.32 -2.07 -35.58
N SER B 9 35.59 -1.68 -35.71
CA SER B 9 36.71 -2.57 -35.43
C SER B 9 37.89 -1.74 -34.93
N VAL B 10 38.58 -2.22 -33.89
CA VAL B 10 39.83 -1.59 -33.47
C VAL B 10 40.87 -2.67 -33.23
N SER B 11 42.00 -2.54 -33.90
CA SER B 11 43.15 -3.42 -33.74
C SER B 11 44.27 -2.63 -33.09
N ALA B 12 44.94 -3.28 -32.13
CA ALA B 12 46.03 -2.64 -31.41
C ALA B 12 46.97 -3.74 -30.90
N ALA B 13 48.20 -3.29 -30.46
CA ALA B 13 49.32 -4.14 -30.08
C ALA B 13 49.34 -4.43 -28.58
N PRO B 14 49.88 -5.58 -28.20
CA PRO B 14 49.96 -5.95 -26.78
C PRO B 14 50.84 -4.99 -25.98
N GLU B 15 50.46 -4.80 -24.72
CA GLU B 15 51.20 -3.96 -23.77
C GLU B 15 51.21 -2.50 -24.21
N ARG B 16 50.19 -2.11 -24.95
CA ARG B 16 50.00 -0.75 -25.42
C ARG B 16 48.61 -0.28 -24.97
N LYS B 17 48.33 0.99 -25.23
CA LYS B 17 47.05 1.58 -24.86
C LYS B 17 46.13 1.60 -26.07
N VAL B 18 44.86 1.27 -25.84
CA VAL B 18 43.85 1.23 -26.89
C VAL B 18 42.76 2.22 -26.52
N THR B 19 42.16 2.82 -27.53
CA THR B 19 41.15 3.84 -27.37
C THR B 19 39.96 3.50 -28.25
N ILE B 20 38.77 3.46 -27.64
CA ILE B 20 37.52 3.27 -28.35
C ILE B 20 36.67 4.50 -28.12
N SER B 21 36.16 5.09 -29.19
CA SER B 21 35.43 6.35 -29.14
C SER B 21 33.95 6.10 -29.37
N CYS B 22 33.12 6.74 -28.54
CA CYS B 22 31.68 6.67 -28.64
C CYS B 22 31.15 8.07 -28.93
N SER B 23 30.61 8.26 -30.12
CA SER B 23 30.10 9.55 -30.55
C SER B 23 28.58 9.57 -30.43
N GLY B 24 28.05 10.65 -29.89
CA GLY B 24 26.62 10.80 -29.69
C GLY B 24 26.12 12.19 -29.98
N SER B 25 25.09 12.61 -29.25
CA SER B 25 24.48 13.93 -29.42
C SER B 25 24.38 14.60 -28.06
N SER B 26 23.89 15.84 -28.06
CA SER B 26 23.79 16.58 -26.81
C SER B 26 22.79 15.94 -25.85
N SER B 27 21.76 15.29 -26.40
CA SER B 27 20.71 14.71 -25.57
C SER B 27 21.20 13.47 -24.80
N ASN B 28 22.09 12.68 -25.40
CA ASN B 28 22.50 11.45 -24.75
C ASN B 28 23.83 11.61 -24.01
N ILE B 29 24.92 11.84 -24.74
CA ILE B 29 26.22 11.95 -24.07
C ILE B 29 26.42 13.34 -23.49
N GLY B 30 25.89 14.38 -24.15
CA GLY B 30 26.13 15.73 -23.67
C GLY B 30 25.41 16.04 -22.36
N THR B 31 24.28 15.38 -22.12
CA THR B 31 23.49 15.64 -20.92
C THR B 31 23.55 14.52 -19.88
N ASN B 32 23.91 13.29 -20.28
CA ASN B 32 23.76 12.14 -19.41
C ASN B 32 25.07 11.36 -19.31
N PHE B 33 25.13 10.48 -18.30
CA PHE B 33 26.29 9.67 -18.05
C PHE B 33 26.48 8.61 -19.12
N VAL B 34 27.73 8.20 -19.33
CA VAL B 34 28.10 7.17 -20.30
C VAL B 34 28.69 5.99 -19.54
N SER B 35 28.32 4.79 -19.97
CA SER B 35 28.80 3.56 -19.36
C SER B 35 29.41 2.66 -20.44
N TRP B 36 30.48 1.97 -20.07
CA TRP B 36 31.21 1.09 -20.97
C TRP B 36 31.14 -0.35 -20.47
N TYR B 37 30.89 -1.26 -21.41
CA TYR B 37 30.68 -2.68 -21.13
C TYR B 37 31.60 -3.51 -22.01
N GLN B 38 31.94 -4.70 -21.52
CA GLN B 38 32.74 -5.66 -22.27
C GLN B 38 31.96 -6.97 -22.39
N GLN B 39 31.94 -7.52 -23.60
CA GLN B 39 31.32 -8.81 -23.88
C GLN B 39 32.39 -9.71 -24.48
N LEU B 40 32.92 -10.62 -23.67
CA LEU B 40 33.79 -11.65 -24.18
C LEU B 40 32.94 -12.64 -24.98
N PRO B 41 33.52 -13.34 -25.95
CA PRO B 41 32.72 -14.26 -26.76
C PRO B 41 32.05 -15.32 -25.90
N GLY B 42 30.77 -15.54 -26.16
CA GLY B 42 29.96 -16.52 -25.47
C GLY B 42 29.39 -16.07 -24.13
N THR B 43 29.72 -14.87 -23.66
CA THR B 43 29.23 -14.40 -22.36
C THR B 43 28.31 -13.20 -22.49
N ALA B 44 27.71 -12.87 -21.36
CA ALA B 44 26.83 -11.72 -21.17
C ALA B 44 27.66 -10.45 -20.96
N PRO B 45 27.10 -9.28 -21.27
CA PRO B 45 27.85 -8.04 -21.08
C PRO B 45 28.28 -7.84 -19.63
N LYS B 46 29.52 -7.40 -19.45
CA LYS B 46 30.07 -7.06 -18.15
C LYS B 46 30.33 -5.56 -18.11
N LEU B 47 29.85 -4.89 -17.06
CA LEU B 47 30.10 -3.46 -16.93
C LEU B 47 31.57 -3.21 -16.59
N LEU B 48 32.19 -2.31 -17.36
CA LEU B 48 33.58 -1.91 -17.12
C LEU B 48 33.68 -0.53 -16.49
N ILE B 49 32.90 0.43 -16.97
CA ILE B 49 32.95 1.80 -16.48
C ILE B 49 31.53 2.33 -16.37
N TYR B 50 31.26 3.07 -15.30
CA TYR B 50 29.99 3.76 -15.13
C TYR B 50 30.25 5.17 -14.63
N GLU B 51 29.27 6.05 -14.84
CA GLU B 51 29.38 7.47 -14.47
C GLU B 51 30.61 8.11 -15.10
N ASN B 52 30.84 7.78 -16.38
CA ASN B 52 31.87 8.36 -17.25
C ASN B 52 33.26 7.82 -16.94
N ASN B 53 33.59 7.66 -15.66
CA ASN B 53 34.93 7.22 -15.28
C ASN B 53 34.98 6.20 -14.16
N LYS B 54 33.93 6.03 -13.36
CA LYS B 54 33.99 5.19 -12.18
C LYS B 54 34.10 3.71 -12.57
N ARG B 55 34.82 2.96 -11.74
CA ARG B 55 35.10 1.55 -12.00
C ARG B 55 34.42 0.66 -10.96
N PRO B 56 33.57 -0.27 -11.38
CA PRO B 56 33.01 -1.24 -10.43
C PRO B 56 34.08 -2.16 -9.88
N SER B 57 33.85 -2.63 -8.65
CA SER B 57 34.81 -3.48 -7.97
C SER B 57 35.11 -4.73 -8.78
N GLY B 58 36.39 -5.11 -8.84
CA GLY B 58 36.87 -6.24 -9.59
C GLY B 58 37.41 -5.90 -10.97
N ILE B 59 37.09 -4.72 -11.49
CA ILE B 59 37.59 -4.30 -12.79
C ILE B 59 38.97 -3.69 -12.64
N PRO B 60 39.98 -4.17 -13.36
CA PRO B 60 41.34 -3.65 -13.19
C PRO B 60 41.45 -2.20 -13.59
N ASP B 61 42.44 -1.52 -12.99
CA ASP B 61 42.69 -0.10 -13.24
C ASP B 61 43.14 0.17 -14.68
N ARG B 62 43.51 -0.86 -15.43
CA ARG B 62 43.90 -0.67 -16.83
C ARG B 62 42.75 -0.13 -17.67
N PHE B 63 41.51 -0.28 -17.21
CA PHE B 63 40.35 0.25 -17.92
C PHE B 63 40.04 1.65 -17.40
N SER B 64 39.88 2.60 -18.32
CA SER B 64 39.69 4.01 -17.97
C SER B 64 38.59 4.60 -18.83
N GLY B 65 37.95 5.62 -18.32
CA GLY B 65 36.80 6.22 -18.97
C GLY B 65 36.94 7.72 -19.08
N SER B 66 36.44 8.27 -20.18
CA SER B 66 36.55 9.70 -20.46
C SER B 66 35.30 10.20 -21.17
N LYS B 67 34.97 11.47 -20.92
CA LYS B 67 33.82 12.08 -21.57
C LYS B 67 34.15 13.54 -21.86
N SER B 68 33.71 14.02 -23.02
CA SER B 68 33.94 15.42 -23.40
C SER B 68 32.86 15.81 -24.41
N GLY B 69 31.95 16.69 -24.01
CA GLY B 69 30.94 17.15 -24.93
C GLY B 69 30.04 16.00 -25.37
N THR B 70 30.06 15.72 -26.67
CA THR B 70 29.31 14.64 -27.29
C THR B 70 30.17 13.42 -27.54
N SER B 71 31.27 13.27 -26.81
CA SER B 71 32.20 12.17 -26.99
C SER B 71 32.45 11.42 -25.69
N ALA B 72 32.70 10.13 -25.84
CA ALA B 72 33.10 9.28 -24.74
C ALA B 72 34.27 8.45 -25.23
N THR B 73 35.13 8.04 -24.31
CA THR B 73 36.30 7.27 -24.67
C THR B 73 36.56 6.20 -23.64
N LEU B 74 36.89 5.00 -24.12
CA LEU B 74 37.29 3.88 -23.30
C LEU B 74 38.76 3.61 -23.58
N GLY B 75 39.56 3.52 -22.53
CA GLY B 75 40.99 3.29 -22.67
C GLY B 75 41.40 2.02 -21.97
N ILE B 76 42.23 1.23 -22.65
CA ILE B 76 42.77 -0.01 -22.10
C ILE B 76 44.28 0.06 -22.11
N THR B 77 44.90 0.00 -20.94
CA THR B 77 46.35 -0.03 -20.82
C THR B 77 46.81 -1.46 -20.57
N GLY B 78 48.07 -1.73 -20.92
CA GLY B 78 48.59 -3.07 -20.72
C GLY B 78 47.84 -4.11 -21.51
N LEU B 79 47.46 -3.80 -22.75
CA LEU B 79 46.57 -4.64 -23.54
C LEU B 79 47.05 -6.09 -23.59
N GLN B 80 46.18 -6.99 -23.15
CA GLN B 80 46.45 -8.42 -23.15
C GLN B 80 45.59 -9.12 -24.20
N THR B 81 45.99 -10.35 -24.53
CA THR B 81 45.20 -11.16 -25.45
C THR B 81 43.81 -11.44 -24.89
N GLY B 82 43.69 -11.56 -23.57
CA GLY B 82 42.41 -11.84 -22.95
C GLY B 82 41.42 -10.70 -23.03
N ASP B 83 41.90 -9.50 -23.36
CA ASP B 83 41.04 -8.34 -23.51
C ASP B 83 40.30 -8.31 -24.84
N GLU B 84 40.55 -9.30 -25.71
CA GLU B 84 39.87 -9.36 -27.00
C GLU B 84 38.40 -9.68 -26.77
N ALA B 85 37.53 -8.74 -27.10
CA ALA B 85 36.10 -8.86 -26.85
C ALA B 85 35.40 -7.76 -27.62
N ASP B 86 34.06 -7.72 -27.51
CA ASP B 86 33.26 -6.65 -28.09
C ASP B 86 32.96 -5.63 -27.01
N TYR B 87 33.32 -4.38 -27.24
CA TYR B 87 33.16 -3.31 -26.25
C TYR B 87 32.01 -2.41 -26.67
N TYR B 88 31.14 -2.08 -25.72
CA TYR B 88 29.93 -1.33 -25.98
C TYR B 88 29.89 -0.08 -25.11
N CYS B 89 29.28 0.98 -25.65
CA CYS B 89 29.02 2.20 -24.90
C CYS B 89 27.51 2.42 -24.81
N GLY B 90 27.09 3.09 -23.74
CA GLY B 90 25.68 3.35 -23.54
C GLY B 90 25.48 4.66 -22.80
N ALA B 91 24.31 5.25 -23.01
CA ALA B 91 23.96 6.52 -22.38
C ALA B 91 22.45 6.62 -22.35
N TRP B 92 21.96 7.67 -21.69
CA TRP B 92 20.53 7.95 -21.64
C TRP B 92 20.23 9.12 -22.58
N ASP B 93 19.35 8.88 -23.55
CA ASP B 93 18.86 9.94 -24.44
C ASP B 93 17.60 10.52 -23.80
N SER B 94 17.68 11.79 -23.41
CA SER B 94 16.56 12.45 -22.75
C SER B 94 15.50 12.96 -23.72
N THR B 95 15.80 13.05 -25.02
CA THR B 95 14.75 13.40 -25.97
C THR B 95 13.64 12.36 -26.03
N PRO B 96 13.91 11.05 -26.20
CA PRO B 96 12.82 10.09 -26.10
C PRO B 96 12.65 9.56 -24.68
N GLY B 97 13.72 9.64 -23.89
CA GLY B 97 13.73 9.05 -22.58
C GLY B 97 14.06 7.57 -22.65
N THR B 98 15.20 7.24 -23.24
CA THR B 98 15.52 5.84 -23.52
C THR B 98 17.02 5.62 -23.40
N TRP B 99 17.42 4.46 -22.85
CA TRP B 99 18.83 4.12 -22.81
C TRP B 99 19.25 3.63 -24.19
N VAL B 100 20.25 4.29 -24.76
CA VAL B 100 20.76 3.97 -26.09
C VAL B 100 22.13 3.30 -25.94
N PHE B 101 22.33 2.21 -26.67
CA PHE B 101 23.59 1.50 -26.71
C PHE B 101 24.32 1.81 -28.02
N GLY B 102 25.61 1.50 -28.04
CA GLY B 102 26.39 1.58 -29.26
C GLY B 102 26.26 0.33 -30.10
N GLY B 103 26.90 0.38 -31.28
CA GLY B 103 26.85 -0.76 -32.18
C GLY B 103 27.87 -1.84 -31.86
N GLY B 104 28.88 -1.51 -31.07
CA GLY B 104 29.88 -2.48 -30.69
C GLY B 104 31.20 -2.21 -31.39
N THR B 105 32.29 -2.45 -30.67
CA THR B 105 33.64 -2.33 -31.23
C THR B 105 34.38 -3.62 -30.93
N ARG B 106 34.76 -4.35 -31.98
CA ARG B 106 35.51 -5.59 -31.82
C ARG B 106 36.99 -5.27 -31.72
N LEU B 107 37.58 -5.55 -30.56
CA LEU B 107 39.00 -5.33 -30.35
C LEU B 107 39.78 -6.57 -30.75
N THR B 108 40.83 -6.38 -31.53
CA THR B 108 41.71 -7.47 -31.94
C THR B 108 43.11 -7.13 -31.49
N VAL B 109 43.69 -7.99 -30.67
CA VAL B 109 45.07 -7.82 -30.24
C VAL B 109 45.99 -8.37 -31.32
N LEU B 110 47.07 -7.66 -31.59
CA LEU B 110 47.98 -8.00 -32.68
C LEU B 110 49.14 -8.83 -32.15
N GLY B 111 49.95 -9.35 -33.07
CA GLY B 111 51.08 -10.15 -32.64
C GLY B 111 50.73 -11.56 -32.26
N GLN B 112 49.55 -12.02 -32.62
CA GLN B 112 49.09 -13.38 -32.31
C GLN B 112 49.63 -14.38 -33.32
N PRO B 113 50.34 -15.42 -32.88
CA PRO B 113 50.89 -16.42 -33.80
C PRO B 113 49.80 -17.16 -34.58
N LYS B 114 50.25 -17.95 -35.54
CA LYS B 114 49.38 -18.70 -36.43
C LYS B 114 49.34 -20.17 -36.00
N ALA B 115 48.14 -20.73 -35.95
CA ALA B 115 47.95 -22.12 -35.56
C ALA B 115 47.29 -22.88 -36.69
N ALA B 116 47.66 -24.15 -36.81
CA ALA B 116 47.11 -24.99 -37.86
C ALA B 116 45.85 -25.68 -37.34
N PRO B 117 44.83 -25.83 -38.16
CA PRO B 117 43.60 -26.46 -37.68
C PRO B 117 43.86 -27.87 -37.19
N SER B 118 43.25 -28.21 -36.06
CA SER B 118 43.21 -29.58 -35.58
C SER B 118 41.90 -30.17 -36.09
N VAL B 119 42.01 -31.11 -37.02
CA VAL B 119 40.88 -31.65 -37.74
C VAL B 119 40.63 -33.07 -37.26
N THR B 120 39.36 -33.40 -37.04
CA THR B 120 38.97 -34.76 -36.68
C THR B 120 37.79 -35.16 -37.53
N LEU B 121 37.89 -36.32 -38.18
CA LEU B 121 36.83 -36.82 -39.05
C LEU B 121 36.19 -38.03 -38.38
N PHE B 122 34.88 -37.95 -38.17
CA PHE B 122 34.12 -39.02 -37.55
C PHE B 122 33.23 -39.70 -38.59
N PRO B 123 33.33 -41.02 -38.69
CA PRO B 123 32.54 -41.78 -39.66
C PRO B 123 31.10 -41.92 -39.20
N PRO B 124 30.19 -42.34 -40.06
CA PRO B 124 28.80 -42.51 -39.63
C PRO B 124 28.68 -43.57 -38.55
N SER B 125 27.79 -43.32 -37.60
CA SER B 125 27.53 -44.29 -36.55
C SER B 125 26.70 -45.43 -37.11
N SER B 126 26.91 -46.63 -36.56
CA SER B 126 26.09 -47.77 -36.98
C SER B 126 24.63 -47.55 -36.63
N GLU B 127 24.34 -46.88 -35.52
CA GLU B 127 22.94 -46.60 -35.17
C GLU B 127 22.30 -45.66 -36.18
N GLU B 128 23.08 -44.73 -36.73
CA GLU B 128 22.56 -43.88 -37.80
C GLU B 128 22.43 -44.67 -39.10
N LEU B 129 23.38 -45.59 -39.35
CA LEU B 129 23.28 -46.47 -40.50
C LEU B 129 22.09 -47.41 -40.39
N GLN B 130 21.73 -47.81 -39.16
CA GLN B 130 20.51 -48.57 -38.94
C GLN B 130 19.27 -47.74 -39.20
N ALA B 131 19.40 -46.42 -39.22
CA ALA B 131 18.30 -45.51 -39.52
C ALA B 131 18.30 -45.07 -40.98
N ASN B 132 19.09 -45.72 -41.83
CA ASN B 132 19.13 -45.47 -43.27
C ASN B 132 19.58 -44.04 -43.58
N LYS B 133 20.51 -43.52 -42.78
CA LYS B 133 21.11 -42.22 -43.00
C LYS B 133 22.60 -42.30 -42.67
N ALA B 134 23.39 -41.46 -43.33
CA ALA B 134 24.82 -41.42 -43.12
C ALA B 134 25.27 -39.97 -42.95
N THR B 135 26.11 -39.72 -41.96
CA THR B 135 26.64 -38.38 -41.74
C THR B 135 28.12 -38.47 -41.41
N LEU B 136 28.94 -37.71 -42.13
CA LEU B 136 30.36 -37.59 -41.85
C LEU B 136 30.59 -36.26 -41.13
N VAL B 137 31.34 -36.29 -40.04
CA VAL B 137 31.49 -35.12 -39.19
C VAL B 137 32.95 -34.68 -39.18
N CYS B 138 33.25 -33.54 -39.78
CA CYS B 138 34.59 -32.95 -39.76
C CYS B 138 34.59 -31.80 -38.77
N LEU B 139 35.33 -31.95 -37.67
CA LEU B 139 35.38 -30.94 -36.63
C LEU B 139 36.77 -30.31 -36.62
N ILE B 140 36.82 -28.99 -36.81
CA ILE B 140 38.05 -28.21 -36.91
C ILE B 140 38.14 -27.32 -35.68
N SER B 141 39.30 -27.33 -35.02
CA SER B 141 39.44 -26.54 -33.80
C SER B 141 40.84 -25.96 -33.70
N ASP B 142 40.97 -24.96 -32.84
CA ASP B 142 42.25 -24.37 -32.47
C ASP B 142 43.05 -23.90 -33.68
N PHE B 143 42.49 -22.93 -34.41
CA PHE B 143 43.19 -22.37 -35.55
C PHE B 143 43.09 -20.84 -35.50
N TYR B 144 44.18 -20.18 -35.91
CA TYR B 144 44.31 -18.74 -35.92
C TYR B 144 45.27 -18.42 -37.07
N PRO B 145 44.93 -17.48 -37.95
CA PRO B 145 43.73 -16.62 -37.99
C PRO B 145 42.43 -17.40 -38.19
N GLY B 146 41.32 -16.70 -38.10
CA GLY B 146 40.01 -17.34 -38.05
C GLY B 146 39.36 -17.65 -39.39
N ALA B 147 40.16 -17.93 -40.41
CA ALA B 147 39.62 -18.29 -41.72
C ALA B 147 40.04 -19.71 -42.09
N VAL B 148 39.12 -20.45 -42.68
CA VAL B 148 39.36 -21.84 -43.06
C VAL B 148 38.46 -22.18 -44.23
N THR B 149 38.96 -23.02 -45.14
CA THR B 149 38.19 -23.50 -46.28
C THR B 149 38.11 -25.02 -46.21
N VAL B 150 36.90 -25.57 -46.31
CA VAL B 150 36.67 -27.01 -46.16
C VAL B 150 36.23 -27.57 -47.50
N ALA B 151 36.84 -28.68 -47.90
CA ALA B 151 36.46 -29.39 -49.12
C ALA B 151 36.43 -30.89 -48.86
N TRP B 152 35.44 -31.57 -49.44
CA TRP B 152 35.29 -33.00 -49.27
C TRP B 152 35.64 -33.73 -50.56
N LYS B 153 36.16 -34.95 -50.41
CA LYS B 153 36.59 -35.76 -51.55
C LYS B 153 36.09 -37.19 -51.42
N ALA B 154 35.51 -37.71 -52.50
CA ALA B 154 35.08 -39.11 -52.58
C ALA B 154 36.08 -39.87 -53.43
N ASP B 155 36.99 -40.59 -52.77
CA ASP B 155 38.06 -41.32 -53.45
C ASP B 155 38.81 -40.39 -54.41
N SER B 156 39.16 -39.22 -53.90
CA SER B 156 39.85 -38.11 -54.57
C SER B 156 38.93 -37.32 -55.50
N SER B 157 37.66 -37.71 -55.67
CA SER B 157 36.73 -36.93 -56.48
C SER B 157 36.05 -35.87 -55.61
N PRO B 158 35.96 -34.62 -56.08
CA PRO B 158 35.39 -33.55 -55.23
C PRO B 158 33.91 -33.80 -54.97
N VAL B 159 33.55 -33.81 -53.69
CA VAL B 159 32.15 -33.94 -53.28
C VAL B 159 31.57 -32.55 -53.09
N LYS B 160 30.57 -32.21 -53.89
CA LYS B 160 29.96 -30.88 -53.85
C LYS B 160 28.67 -30.86 -53.05
N ALA B 161 27.74 -31.76 -53.36
CA ALA B 161 26.42 -31.75 -52.73
C ALA B 161 26.46 -32.29 -51.32
N GLY B 162 25.51 -31.83 -50.50
CA GLY B 162 25.33 -32.33 -49.15
C GLY B 162 26.40 -31.93 -48.17
N VAL B 163 27.01 -30.77 -48.35
CA VAL B 163 28.05 -30.25 -47.46
C VAL B 163 27.51 -29.01 -46.79
N GLU B 164 27.46 -29.02 -45.45
CA GLU B 164 27.07 -27.85 -44.68
C GLU B 164 28.17 -27.50 -43.69
N THR B 165 28.73 -26.30 -43.82
CA THR B 165 29.86 -25.89 -43.01
C THR B 165 29.48 -24.66 -42.18
N THR B 166 30.08 -24.57 -41.00
CA THR B 166 29.81 -23.48 -40.08
C THR B 166 30.72 -22.29 -40.35
N THR B 167 30.29 -21.13 -39.88
CA THR B 167 31.15 -19.98 -39.82
C THR B 167 32.12 -20.13 -38.65
N PRO B 168 33.35 -19.62 -38.79
CA PRO B 168 34.32 -19.74 -37.70
C PRO B 168 33.84 -19.03 -36.44
N SER B 169 34.15 -19.61 -35.28
CA SER B 169 33.71 -19.07 -34.01
C SER B 169 34.89 -18.96 -33.06
N LYS B 170 35.01 -17.82 -32.38
CA LYS B 170 36.08 -17.62 -31.43
C LYS B 170 35.83 -18.44 -30.17
N GLN B 171 36.91 -18.94 -29.57
CA GLN B 171 36.84 -19.73 -28.36
C GLN B 171 37.45 -18.95 -27.19
N SER B 172 37.55 -19.61 -26.04
CA SER B 172 38.18 -19.00 -24.87
C SER B 172 39.66 -18.74 -25.09
N ASN B 173 40.33 -19.62 -25.85
CA ASN B 173 41.76 -19.51 -26.08
C ASN B 173 42.13 -18.44 -27.10
N ASN B 174 41.13 -17.72 -27.63
CA ASN B 174 41.22 -16.68 -28.65
C ASN B 174 41.43 -17.29 -30.03
N LYS B 175 41.53 -18.61 -30.13
CA LYS B 175 41.56 -19.30 -31.40
C LYS B 175 40.12 -19.58 -31.86
N TYR B 176 39.99 -20.04 -33.10
CA TYR B 176 38.69 -20.24 -33.73
C TYR B 176 38.38 -21.72 -33.92
N ALA B 177 37.09 -22.01 -34.11
CA ALA B 177 36.60 -23.36 -34.30
C ALA B 177 35.51 -23.37 -35.36
N ALA B 178 35.34 -24.52 -36.00
CA ALA B 178 34.34 -24.67 -37.06
C ALA B 178 34.00 -26.15 -37.21
N SER B 179 32.93 -26.41 -37.96
CA SER B 179 32.48 -27.76 -38.20
C SER B 179 31.88 -27.86 -39.59
N SER B 180 32.06 -29.01 -40.23
CA SER B 180 31.49 -29.33 -41.52
C SER B 180 30.83 -30.70 -41.44
N TYR B 181 29.68 -30.83 -42.10
CA TYR B 181 28.93 -32.07 -42.07
C TYR B 181 28.60 -32.47 -43.50
N LEU B 182 28.93 -33.72 -43.85
CA LEU B 182 28.61 -34.28 -45.15
C LEU B 182 27.47 -35.28 -44.95
N SER B 183 26.28 -34.93 -45.42
CA SER B 183 25.11 -35.79 -45.30
C SER B 183 25.05 -36.70 -46.53
N LEU B 184 25.27 -37.99 -46.33
CA LEU B 184 25.25 -38.96 -47.41
C LEU B 184 24.21 -40.04 -47.11
N THR B 185 23.80 -40.70 -48.15
CA THR B 185 23.01 -41.92 -48.12
C THR B 185 23.93 -43.12 -47.90
N PRO B 186 23.44 -44.18 -47.26
CA PRO B 186 24.31 -45.35 -47.02
C PRO B 186 24.87 -45.93 -48.31
N GLU B 187 24.13 -45.84 -49.40
CA GLU B 187 24.65 -46.27 -50.69
C GLU B 187 25.88 -45.45 -51.07
N GLN B 188 25.79 -44.12 -50.93
CA GLN B 188 26.96 -43.28 -51.23
C GLN B 188 28.11 -43.55 -50.28
N TRP B 189 27.82 -44.01 -49.06
CA TRP B 189 28.89 -44.28 -48.09
C TRP B 189 29.62 -45.58 -48.43
N LYS B 190 28.89 -46.63 -48.77
CA LYS B 190 29.54 -47.90 -49.09
C LYS B 190 30.03 -47.99 -50.53
N SER B 191 29.48 -47.16 -51.44
CA SER B 191 29.87 -47.20 -52.84
C SER B 191 31.30 -46.71 -53.07
N HIS B 192 31.84 -45.89 -52.19
CA HIS B 192 33.22 -45.43 -52.27
C HIS B 192 34.06 -46.15 -51.22
N ARG B 193 35.37 -45.90 -51.26
CA ARG B 193 36.31 -46.59 -50.38
C ARG B 193 36.96 -45.69 -49.35
N SER B 194 36.95 -44.37 -49.57
CA SER B 194 37.66 -43.44 -48.69
C SER B 194 37.07 -42.06 -48.89
N TYR B 195 36.34 -41.56 -47.90
CA TYR B 195 35.85 -40.19 -47.91
C TYR B 195 36.81 -39.33 -47.10
N SER B 196 37.11 -38.13 -47.60
CA SER B 196 38.15 -37.31 -47.04
C SER B 196 37.67 -35.88 -46.81
N CYS B 197 38.12 -35.29 -45.71
CA CYS B 197 37.88 -33.90 -45.37
C CYS B 197 39.22 -33.17 -45.39
N GLN B 198 39.32 -32.16 -46.25
CA GLN B 198 40.53 -31.36 -46.41
C GLN B 198 40.24 -29.93 -45.98
N VAL B 199 41.05 -29.43 -45.04
CA VAL B 199 40.86 -28.12 -44.44
C VAL B 199 42.08 -27.27 -44.75
N THR B 200 41.86 -26.11 -45.37
CA THR B 200 42.91 -25.22 -45.81
C THR B 200 42.90 -23.97 -44.95
N HIS B 201 44.06 -23.67 -44.35
CA HIS B 201 44.25 -22.51 -43.51
C HIS B 201 45.62 -21.92 -43.84
N GLU B 202 45.64 -20.61 -44.11
CA GLU B 202 46.88 -19.87 -44.38
C GLU B 202 47.73 -20.53 -45.46
N GLY B 203 47.08 -21.19 -46.41
CA GLY B 203 47.76 -21.81 -47.52
C GLY B 203 48.13 -23.27 -47.32
N SER B 204 48.13 -23.76 -46.08
CA SER B 204 48.42 -25.16 -45.82
C SER B 204 47.13 -25.96 -45.73
N THR B 205 47.25 -27.27 -45.96
CA THR B 205 46.09 -28.15 -46.01
C THR B 205 46.32 -29.34 -45.08
N VAL B 206 45.33 -29.64 -44.25
CA VAL B 206 45.33 -30.81 -43.39
C VAL B 206 44.15 -31.68 -43.81
N GLU B 207 44.41 -32.96 -44.07
CA GLU B 207 43.38 -33.83 -44.61
C GLU B 207 43.25 -35.06 -43.73
N LYS B 208 42.02 -35.51 -43.56
CA LYS B 208 41.71 -36.72 -42.80
C LYS B 208 40.78 -37.60 -43.64
N THR B 209 40.92 -38.92 -43.46
CA THR B 209 40.20 -39.87 -44.30
C THR B 209 39.53 -40.92 -43.44
N VAL B 210 38.33 -41.33 -43.84
CA VAL B 210 37.58 -42.40 -43.20
C VAL B 210 37.13 -43.37 -44.27
N ALA B 211 36.97 -44.64 -43.89
CA ALA B 211 36.58 -45.67 -44.84
C ALA B 211 35.40 -46.45 -44.29
N PRO B 212 34.51 -46.94 -45.16
CA PRO B 212 33.37 -47.77 -44.78
C PRO B 212 33.79 -49.11 -44.18
N GLN C 1 -9.71 22.85 -7.41
CA GLN C 1 -9.10 23.79 -6.48
C GLN C 1 -8.21 23.07 -5.47
N VAL C 2 -6.90 23.05 -5.74
CA VAL C 2 -5.96 22.48 -4.79
C VAL C 2 -5.99 23.33 -3.52
N GLN C 3 -6.29 22.69 -2.39
CA GLN C 3 -6.44 23.39 -1.14
C GLN C 3 -5.72 22.64 -0.03
N LEU C 4 -4.91 23.38 0.73
CA LEU C 4 -4.25 22.85 1.92
C LEU C 4 -4.88 23.58 3.10
N VAL C 5 -5.71 22.87 3.85
CA VAL C 5 -6.44 23.45 4.97
C VAL C 5 -5.76 23.03 6.26
N GLN C 6 -5.46 23.99 7.12
CA GLN C 6 -4.73 23.72 8.35
C GLN C 6 -5.66 23.80 9.55
N SER C 7 -5.17 23.28 10.67
CA SER C 7 -5.94 23.31 11.91
C SER C 7 -5.94 24.72 12.48
N GLY C 8 -6.56 24.87 13.65
CA GLY C 8 -6.71 26.18 14.26
C GLY C 8 -5.59 26.50 15.23
N THR C 9 -5.61 27.73 15.72
CA THR C 9 -4.58 28.22 16.62
C THR C 9 -4.56 27.39 17.89
N GLU C 10 -3.36 27.18 18.43
CA GLU C 10 -3.18 26.36 19.62
C GLU C 10 -2.29 27.07 20.62
N VAL C 11 -2.67 26.98 21.89
CA VAL C 11 -1.92 27.55 23.00
C VAL C 11 -1.37 26.42 23.86
N ARG C 12 -0.07 26.46 24.11
CA ARG C 12 0.59 25.39 24.86
C ARG C 12 1.50 25.98 25.94
N GLN C 13 1.64 25.23 27.04
CA GLN C 13 2.56 25.64 28.09
C GLN C 13 3.98 25.23 27.71
N PRO C 14 4.98 26.00 28.14
CA PRO C 14 6.37 25.63 27.84
C PRO C 14 6.70 24.23 28.34
N GLY C 15 7.25 23.41 27.44
CA GLY C 15 7.57 22.04 27.75
C GLY C 15 6.60 20.99 27.25
N ALA C 16 5.58 21.38 26.50
CA ALA C 16 4.56 20.46 26.02
C ALA C 16 4.73 20.24 24.51
N SER C 17 3.72 19.64 23.87
CA SER C 17 3.77 19.30 22.47
C SER C 17 2.54 19.82 21.74
N VAL C 18 2.70 20.12 20.45
CA VAL C 18 1.62 20.58 19.60
C VAL C 18 1.62 19.77 18.31
N ARG C 19 0.42 19.41 17.85
CA ARG C 19 0.23 18.76 16.55
C ARG C 19 -0.64 19.63 15.67
N VAL C 20 -0.07 20.09 14.56
CA VAL C 20 -0.78 20.86 13.54
C VAL C 20 -1.05 19.94 12.35
N SER C 21 -2.18 20.20 11.68
CA SER C 21 -2.66 19.35 10.60
C SER C 21 -2.74 20.15 9.31
N CYS C 22 -2.49 19.46 8.19
CA CYS C 22 -2.65 20.05 6.85
C CYS C 22 -3.34 19.01 5.98
N LYS C 23 -4.61 19.24 5.67
CA LYS C 23 -5.37 18.37 4.79
C LYS C 23 -5.23 18.88 3.36
N ALA C 24 -4.80 18.00 2.46
CA ALA C 24 -4.64 18.31 1.05
C ALA C 24 -5.86 17.85 0.26
N SER C 25 -6.24 18.66 -0.72
CA SER C 25 -7.39 18.33 -1.56
C SER C 25 -7.18 18.89 -2.96
N GLY C 26 -7.80 18.24 -3.94
CA GLY C 26 -7.74 18.68 -5.31
C GLY C 26 -6.66 18.03 -6.16
N TYR C 27 -5.88 17.11 -5.60
CA TYR C 27 -4.81 16.46 -6.35
C TYR C 27 -4.51 15.12 -5.69
N THR C 28 -3.68 14.32 -6.34
CA THR C 28 -3.27 13.03 -5.82
C THR C 28 -2.26 13.27 -4.71
N PHE C 29 -2.64 12.91 -3.48
CA PHE C 29 -1.82 13.24 -2.30
C PHE C 29 -0.38 12.78 -2.45
N THR C 30 -0.16 11.61 -3.04
CA THR C 30 1.16 11.01 -3.10
C THR C 30 2.05 11.61 -4.18
N ASP C 31 1.54 12.52 -5.01
CA ASP C 31 2.27 13.02 -6.15
C ASP C 31 3.13 14.26 -5.84
N SER C 32 3.12 14.76 -4.61
CA SER C 32 3.89 15.96 -4.30
C SER C 32 4.36 15.92 -2.85
N TYR C 33 5.58 16.41 -2.63
CA TYR C 33 6.14 16.55 -1.29
C TYR C 33 5.43 17.67 -0.54
N ILE C 34 5.50 17.63 0.79
CA ILE C 34 4.93 18.70 1.60
C ILE C 34 6.00 19.27 2.51
N HIS C 35 6.14 20.60 2.50
CA HIS C 35 7.05 21.34 3.35
C HIS C 35 6.29 21.97 4.51
N TRP C 36 6.98 22.16 5.63
CA TRP C 36 6.46 22.93 6.75
C TRP C 36 7.43 24.07 7.05
N VAL C 37 6.92 25.30 7.07
CA VAL C 37 7.73 26.49 7.29
C VAL C 37 7.04 27.36 8.32
N ARG C 38 7.81 27.89 9.27
CA ARG C 38 7.26 28.71 10.33
C ARG C 38 7.78 30.13 10.24
N GLN C 39 6.97 31.07 10.70
CA GLN C 39 7.35 32.48 10.77
C GLN C 39 7.01 33.01 12.16
N ALA C 40 8.03 33.43 12.90
CA ALA C 40 7.81 34.04 14.20
C ALA C 40 7.24 35.45 14.00
N PRO C 41 6.50 35.97 14.98
CA PRO C 41 5.92 37.32 14.83
C PRO C 41 7.01 38.36 14.63
N GLY C 42 6.96 39.02 13.47
CA GLY C 42 7.92 40.06 13.14
C GLY C 42 9.24 39.56 12.60
N GLN C 43 9.40 38.25 12.40
CA GLN C 43 10.63 37.66 11.91
C GLN C 43 10.41 37.08 10.51
N GLY C 44 11.42 36.36 10.01
CA GLY C 44 11.38 35.80 8.68
C GLY C 44 10.92 34.35 8.67
N LEU C 45 11.11 33.72 7.52
CA LEU C 45 10.65 32.35 7.30
C LEU C 45 11.72 31.35 7.74
N GLU C 46 11.28 30.26 8.36
CA GLU C 46 12.17 29.20 8.80
C GLU C 46 11.61 27.86 8.35
N TRP C 47 12.36 27.18 7.48
CA TRP C 47 11.97 25.84 7.05
C TRP C 47 12.13 24.84 8.19
N MET C 48 11.17 23.92 8.31
CA MET C 48 11.19 22.93 9.36
C MET C 48 11.40 21.51 8.87
N GLY C 49 10.82 21.14 7.73
CA GLY C 49 11.01 19.80 7.24
C GLY C 49 10.14 19.52 6.04
N ILE C 50 10.35 18.34 5.48
CA ILE C 50 9.65 17.85 4.30
C ILE C 50 9.20 16.42 4.54
N ILE C 51 8.03 16.08 4.00
CA ILE C 51 7.43 14.76 4.12
C ILE C 51 7.07 14.25 2.72
N LYS C 52 7.36 12.97 2.50
CA LYS C 52 6.96 12.26 1.29
C LYS C 52 5.67 11.51 1.56
N PRO C 53 4.58 11.83 0.86
CA PRO C 53 3.26 11.26 1.20
C PRO C 53 3.10 9.77 0.89
N SER C 54 4.02 9.14 0.15
CA SER C 54 3.84 7.72 -0.16
C SER C 54 4.34 6.83 0.98
N GLY C 55 5.63 6.89 1.28
CA GLY C 55 6.21 6.04 2.30
C GLY C 55 6.40 6.68 3.65
N GLY C 56 6.12 7.98 3.76
CA GLY C 56 6.31 8.68 5.01
C GLY C 56 7.73 9.08 5.33
N ASN C 57 8.64 9.01 4.36
CA ASN C 57 10.02 9.44 4.60
C ASN C 57 10.05 10.93 4.95
N THR C 58 10.93 11.29 5.87
CA THR C 58 10.94 12.62 6.47
C THR C 58 12.35 13.20 6.47
N ARG C 59 12.42 14.52 6.30
CA ARG C 59 13.67 15.25 6.50
C ARG C 59 13.40 16.46 7.36
N TYR C 60 14.16 16.63 8.44
CA TYR C 60 13.95 17.69 9.41
C TYR C 60 15.16 18.62 9.47
N ALA C 61 14.91 19.84 9.96
CA ALA C 61 15.97 20.82 10.17
C ALA C 61 16.80 20.44 11.39
N GLN C 62 18.09 20.80 11.35
CA GLN C 62 19.01 20.40 12.41
C GLN C 62 18.63 20.98 13.77
N ARG C 63 18.14 22.22 13.80
CA ARG C 63 17.75 22.81 15.08
C ARG C 63 16.56 22.10 15.70
N PHE C 64 15.77 21.42 14.89
CA PHE C 64 14.57 20.73 15.36
C PHE C 64 14.79 19.22 15.45
N GLN C 65 16.04 18.76 15.34
CA GLN C 65 16.39 17.34 15.46
C GLN C 65 15.78 16.77 16.73
N GLY C 66 15.05 15.66 16.62
CA GLY C 66 14.54 15.06 17.84
C GLY C 66 13.46 15.82 18.57
N ARG C 67 12.92 16.88 17.97
CA ARG C 67 11.84 17.63 18.58
C ARG C 67 10.67 17.82 17.62
N VAL C 68 10.82 17.43 16.35
CA VAL C 68 9.77 17.52 15.36
C VAL C 68 9.56 16.13 14.77
N THR C 69 8.29 15.77 14.59
CA THR C 69 7.93 14.50 13.98
C THR C 69 6.83 14.75 12.96
N MET C 70 6.99 14.22 11.76
CA MET C 70 6.01 14.39 10.70
C MET C 70 5.42 13.05 10.32
N THR C 71 4.09 13.02 10.17
CA THR C 71 3.38 11.81 9.84
C THR C 71 2.35 12.14 8.77
N ARG C 72 1.80 11.11 8.14
CA ARG C 72 0.82 11.34 7.09
C ARG C 72 -0.20 10.22 7.09
N ASP C 73 -1.45 10.57 6.77
CA ASP C 73 -2.53 9.63 6.54
C ASP C 73 -2.92 9.73 5.08
N THR C 74 -2.55 8.71 4.31
CA THR C 74 -2.88 8.65 2.89
C THR C 74 -4.38 8.51 2.67
N SER C 75 -5.10 7.94 3.63
CA SER C 75 -6.54 7.78 3.50
C SER C 75 -7.23 9.14 3.54
N THR C 76 -6.88 9.98 4.51
CA THR C 76 -7.45 11.31 4.64
C THR C 76 -6.66 12.37 3.88
N SER C 77 -5.55 12.00 3.24
CA SER C 77 -4.69 12.94 2.53
C SER C 77 -4.25 14.08 3.44
N THR C 78 -3.81 13.73 4.65
CA THR C 78 -3.48 14.73 5.65
C THR C 78 -2.08 14.51 6.22
N VAL C 79 -1.32 15.59 6.36
CA VAL C 79 -0.02 15.54 7.02
C VAL C 79 -0.15 16.16 8.40
N TYR C 80 0.64 15.65 9.33
CA TYR C 80 0.63 16.08 10.73
C TYR C 80 2.05 16.39 11.17
N MET C 81 2.24 17.57 11.75
CA MET C 81 3.52 17.95 12.33
C MET C 81 3.36 18.06 13.85
N GLU C 82 4.26 17.42 14.59
CA GLU C 82 4.22 17.41 16.05
C GLU C 82 5.56 17.94 16.56
N LEU C 83 5.51 19.10 17.21
CA LEU C 83 6.69 19.69 17.82
C LEU C 83 6.59 19.56 19.33
N SER C 84 7.64 19.03 19.95
CA SER C 84 7.68 18.78 21.38
C SER C 84 8.79 19.60 22.01
N SER C 85 8.88 19.53 23.34
CA SER C 85 9.79 20.37 24.12
C SER C 85 9.62 21.83 23.74
N LEU C 86 8.37 22.28 23.74
CA LEU C 86 8.04 23.61 23.24
C LEU C 86 8.69 24.69 24.10
N ARG C 87 9.09 25.78 23.44
CA ARG C 87 9.74 26.90 24.11
C ARG C 87 9.13 28.19 23.57
N SER C 88 9.45 29.30 24.26
CA SER C 88 8.88 30.58 23.88
C SER C 88 9.31 31.02 22.49
N GLU C 89 10.46 30.54 22.02
CA GLU C 89 10.88 30.86 20.66
C GLU C 89 10.13 30.05 19.60
N ASP C 90 9.32 29.06 20.00
CA ASP C 90 8.49 28.32 19.08
C ASP C 90 7.13 28.96 18.83
N THR C 91 6.79 30.05 19.52
CA THR C 91 5.56 30.77 19.24
C THR C 91 5.65 31.39 17.85
N ALA C 92 4.77 30.96 16.94
CA ALA C 92 4.91 31.38 15.55
C ALA C 92 3.69 30.91 14.75
N VAL C 93 3.58 31.43 13.53
CA VAL C 93 2.59 30.95 12.57
C VAL C 93 3.25 29.87 11.71
N TYR C 94 2.71 28.66 11.77
CA TYR C 94 3.25 27.51 11.04
C TYR C 94 2.41 27.27 9.80
N TYR C 95 3.08 27.06 8.66
CA TYR C 95 2.45 26.87 7.37
C TYR C 95 2.85 25.53 6.77
N CYS C 96 1.92 24.90 6.08
CA CYS C 96 2.21 23.77 5.20
C CYS C 96 2.17 24.25 3.76
N ALA C 97 2.99 23.63 2.91
CA ALA C 97 3.08 24.06 1.54
C ALA C 97 3.35 22.87 0.62
N ARG C 98 2.67 22.83 -0.51
CA ARG C 98 2.94 21.81 -1.50
C ARG C 98 4.23 22.11 -2.25
N ASP C 99 4.91 21.06 -2.68
CA ASP C 99 6.22 21.24 -3.30
C ASP C 99 6.08 21.73 -4.74
N SER C 100 6.91 22.71 -5.10
CA SER C 100 7.04 23.18 -6.47
C SER C 100 8.53 23.50 -6.69
N ARG C 101 9.37 22.48 -6.55
CA ARG C 101 10.82 22.64 -6.45
C ARG C 101 11.16 23.49 -5.23
N GLY C 102 10.51 23.17 -4.11
CA GLY C 102 10.58 23.98 -2.91
C GLY C 102 9.17 24.25 -2.43
N PRO C 103 9.00 25.05 -1.38
CA PRO C 103 7.66 25.51 -1.05
C PRO C 103 7.09 26.26 -2.25
N GLY C 104 5.82 26.00 -2.54
CA GLY C 104 5.33 26.35 -3.86
C GLY C 104 4.11 27.23 -3.93
N ILE C 105 3.27 26.99 -4.94
CA ILE C 105 2.16 27.89 -5.22
C ILE C 105 1.10 27.78 -4.14
N PHE C 106 0.77 26.55 -3.74
CA PHE C 106 -0.35 26.31 -2.84
C PHE C 106 0.16 26.13 -1.42
N TRP C 107 -0.22 27.04 -0.54
CA TRP C 107 0.14 27.06 0.87
C TRP C 107 -1.11 26.89 1.71
N GLY C 108 -0.92 26.80 3.04
CA GLY C 108 -2.01 26.78 3.97
C GLY C 108 -2.28 28.18 4.53
N GLN C 109 -3.41 28.30 5.23
CA GLN C 109 -3.76 29.58 5.84
C GLN C 109 -2.81 29.94 6.97
N GLY C 110 -2.21 28.95 7.63
CA GLY C 110 -1.34 29.20 8.76
C GLY C 110 -2.01 28.91 10.08
N THR C 111 -1.27 28.31 11.01
CA THR C 111 -1.76 28.01 12.34
C THR C 111 -0.88 28.72 13.36
N LEU C 112 -1.45 29.60 14.16
CA LEU C 112 -0.70 30.29 15.19
C LEU C 112 -0.57 29.40 16.41
N VAL C 113 0.66 29.09 16.80
CA VAL C 113 0.94 28.31 18.00
C VAL C 113 1.65 29.23 18.98
N THR C 114 0.99 29.50 20.11
CA THR C 114 1.51 30.38 21.15
C THR C 114 1.95 29.53 22.34
N VAL C 115 3.23 29.63 22.69
CA VAL C 115 3.78 28.97 23.86
C VAL C 115 3.96 30.02 24.95
N SER C 116 3.19 29.89 26.04
CA SER C 116 3.27 30.84 27.13
C SER C 116 2.91 30.13 28.43
N SER C 117 3.53 30.58 29.52
CA SER C 117 3.18 30.08 30.85
C SER C 117 1.99 30.81 31.46
N ALA C 118 1.55 31.91 30.85
CA ALA C 118 0.40 32.65 31.35
C ALA C 118 -0.89 31.96 30.95
N SER C 119 -1.92 32.14 31.77
CA SER C 119 -3.22 31.54 31.49
C SER C 119 -3.96 32.32 30.40
N THR C 120 -4.74 31.60 29.60
CA THR C 120 -5.60 32.25 28.63
C THR C 120 -6.81 32.85 29.33
N LYS C 121 -7.12 34.11 29.02
CA LYS C 121 -8.28 34.77 29.58
C LYS C 121 -9.14 35.32 28.44
N GLY C 122 -10.46 35.12 28.56
CA GLY C 122 -11.40 35.50 27.53
C GLY C 122 -11.69 36.98 27.40
N PRO C 123 -12.02 37.41 26.18
CA PRO C 123 -12.33 38.82 25.91
C PRO C 123 -13.71 39.22 26.38
N SER C 124 -13.87 40.54 26.58
CA SER C 124 -15.16 41.17 26.80
C SER C 124 -15.47 42.04 25.58
N VAL C 125 -16.54 41.71 24.87
CA VAL C 125 -16.91 42.42 23.65
C VAL C 125 -17.99 43.44 23.96
N PHE C 126 -17.77 44.68 23.54
CA PHE C 126 -18.72 45.76 23.73
C PHE C 126 -19.00 46.47 22.42
N PRO C 127 -20.23 46.96 22.23
CA PRO C 127 -20.56 47.68 20.99
C PRO C 127 -20.08 49.12 21.03
N LEU C 128 -19.47 49.56 19.94
CA LEU C 128 -19.07 50.93 19.73
C LEU C 128 -20.11 51.56 18.81
N ALA C 129 -20.96 52.42 19.38
CA ALA C 129 -22.16 52.88 18.71
C ALA C 129 -21.82 53.83 17.57
N PRO C 130 -22.70 53.92 16.55
CA PRO C 130 -22.40 54.80 15.41
C PRO C 130 -22.24 56.25 15.82
N SER C 131 -21.00 56.73 15.78
CA SER C 131 -20.66 58.10 16.09
C SER C 131 -20.79 58.99 14.86
N SER C 132 -19.66 59.53 14.40
CA SER C 132 -19.59 60.32 13.19
C SER C 132 -18.13 60.34 12.73
N LYS C 133 -17.92 60.20 11.43
CA LYS C 133 -16.58 60.25 10.86
C LYS C 133 -16.30 61.57 10.17
N SER C 134 -17.16 61.99 9.24
CA SER C 134 -17.00 63.26 8.54
C SER C 134 -18.37 63.85 8.29
N THR C 135 -18.62 65.03 8.89
CA THR C 135 -19.83 65.77 8.54
C THR C 135 -19.82 66.23 7.09
N SER C 136 -18.64 66.55 6.56
CA SER C 136 -18.56 66.99 5.17
C SER C 136 -18.89 65.86 4.22
N GLY C 137 -18.48 64.64 4.54
CA GLY C 137 -18.68 63.52 3.64
C GLY C 137 -19.90 62.67 3.92
N GLY C 138 -20.48 62.83 5.10
CA GLY C 138 -21.61 61.99 5.46
C GLY C 138 -21.24 60.54 5.69
N THR C 139 -20.07 60.28 6.26
CA THR C 139 -19.62 58.93 6.58
C THR C 139 -19.70 58.72 8.08
N ALA C 140 -20.13 57.53 8.49
CA ALA C 140 -20.24 57.18 9.90
C ALA C 140 -19.45 55.90 10.15
N ALA C 141 -19.12 55.66 11.42
CA ALA C 141 -18.35 54.48 11.80
C ALA C 141 -19.01 53.81 12.99
N LEU C 142 -19.23 52.49 12.89
CA LEU C 142 -19.69 51.73 14.05
C LEU C 142 -18.76 50.54 14.22
N GLY C 143 -18.79 49.91 15.38
CA GLY C 143 -17.83 48.83 15.54
C GLY C 143 -18.02 48.02 16.81
N CYS C 144 -17.03 47.16 17.06
CA CYS C 144 -16.99 46.31 18.25
C CYS C 144 -15.61 46.37 18.88
N LEU C 145 -15.58 46.47 20.21
CA LEU C 145 -14.35 46.50 20.99
C LEU C 145 -14.19 45.17 21.72
N VAL C 146 -13.13 44.45 21.40
CA VAL C 146 -12.77 43.19 22.04
C VAL C 146 -11.69 43.52 23.07
N LYS C 147 -12.02 43.48 24.36
CA LYS C 147 -11.15 44.01 25.39
C LYS C 147 -10.61 42.91 26.30
N ASP C 148 -9.36 43.06 26.72
CA ASP C 148 -8.73 42.26 27.76
C ASP C 148 -8.84 40.76 27.46
N TYR C 149 -8.09 40.35 26.41
CA TYR C 149 -8.00 38.95 26.03
C TYR C 149 -6.55 38.53 25.91
N PHE C 150 -6.28 37.28 26.27
CA PHE C 150 -4.98 36.65 26.12
C PHE C 150 -5.21 35.16 25.91
N PRO C 151 -4.45 34.52 25.03
CA PRO C 151 -3.53 35.19 24.11
C PRO C 151 -4.17 35.47 22.75
N GLU C 152 -3.34 35.75 21.76
CA GLU C 152 -3.78 35.92 20.40
C GLU C 152 -4.01 34.56 19.75
N PRO C 153 -4.85 34.49 18.70
CA PRO C 153 -5.54 35.59 18.02
C PRO C 153 -7.02 35.69 18.35
N VAL C 154 -7.65 36.72 17.78
CA VAL C 154 -9.10 36.90 17.83
C VAL C 154 -9.58 37.16 16.42
N THR C 155 -10.70 36.56 16.04
CA THR C 155 -11.26 36.74 14.71
C THR C 155 -12.59 37.48 14.83
N VAL C 156 -12.71 38.56 14.08
CA VAL C 156 -13.93 39.37 14.07
C VAL C 156 -14.47 39.40 12.66
N SER C 157 -15.74 39.04 12.50
CA SER C 157 -16.42 39.13 11.22
C SER C 157 -17.65 40.00 11.39
N TRP C 158 -18.21 40.47 10.28
CA TRP C 158 -19.41 41.29 10.30
C TRP C 158 -20.47 40.63 9.43
N ASN C 159 -21.65 40.40 10.02
CA ASN C 159 -22.76 39.75 9.32
C ASN C 159 -22.32 38.41 8.74
N SER C 160 -21.60 37.63 9.55
CA SER C 160 -21.14 36.29 9.20
C SER C 160 -20.22 36.30 7.97
N GLY C 161 -19.56 37.42 7.72
CA GLY C 161 -18.67 37.56 6.59
C GLY C 161 -19.32 38.16 5.35
N ALA C 162 -20.64 38.38 5.38
CA ALA C 162 -21.31 38.99 4.24
C ALA C 162 -20.96 40.47 4.09
N LEU C 163 -20.54 41.12 5.17
CA LEU C 163 -20.16 42.53 5.13
C LEU C 163 -18.63 42.61 5.10
N THR C 164 -18.08 43.01 3.96
CA THR C 164 -16.64 43.16 3.80
C THR C 164 -16.21 44.54 3.32
N SER C 165 -17.14 45.40 2.91
CA SER C 165 -16.78 46.72 2.41
C SER C 165 -16.78 47.73 3.54
N GLY C 166 -15.68 48.45 3.68
CA GLY C 166 -15.53 49.42 4.74
C GLY C 166 -15.20 48.84 6.08
N VAL C 167 -14.83 47.56 6.15
CA VAL C 167 -14.51 46.89 7.41
C VAL C 167 -13.01 46.97 7.62
N HIS C 168 -12.61 47.56 8.74
CA HIS C 168 -11.22 47.66 9.17
C HIS C 168 -11.14 47.09 10.58
N THR C 169 -10.53 45.91 10.70
CA THR C 169 -10.22 45.33 12.00
C THR C 169 -8.81 45.76 12.38
N PHE C 170 -8.70 46.64 13.36
CA PHE C 170 -7.41 47.21 13.70
C PHE C 170 -6.55 46.20 14.46
N PRO C 171 -5.24 46.31 14.35
CA PRO C 171 -4.36 45.43 15.13
C PRO C 171 -4.48 45.71 16.62
N ALA C 172 -4.18 44.68 17.40
CA ALA C 172 -4.41 44.70 18.83
C ALA C 172 -3.29 45.43 19.56
N VAL C 173 -3.63 45.92 20.76
CA VAL C 173 -2.67 46.60 21.63
C VAL C 173 -2.34 45.67 22.78
N LEU C 174 -1.05 45.54 23.08
CA LEU C 174 -0.59 44.80 24.25
C LEU C 174 -0.47 45.79 25.41
N GLN C 175 -1.37 45.67 26.38
CA GLN C 175 -1.39 46.59 27.49
C GLN C 175 -0.32 46.21 28.52
N SER C 176 -0.08 47.12 29.47
CA SER C 176 0.91 46.86 30.51
C SER C 176 0.51 45.65 31.36
N SER C 177 -0.78 45.36 31.44
CA SER C 177 -1.25 44.18 32.16
C SER C 177 -0.82 42.87 31.49
N GLY C 178 -0.42 42.93 30.22
CA GLY C 178 -0.10 41.75 29.45
C GLY C 178 -1.25 41.20 28.63
N LEU C 179 -2.44 41.79 28.73
CA LEU C 179 -3.59 41.38 27.95
C LEU C 179 -3.69 42.23 26.68
N TYR C 180 -4.41 41.69 25.70
CA TYR C 180 -4.57 42.34 24.40
C TYR C 180 -5.96 42.95 24.30
N SER C 181 -6.07 43.95 23.42
CA SER C 181 -7.34 44.58 23.11
C SER C 181 -7.34 44.94 21.63
N LEU C 182 -8.50 44.80 21.00
CA LEU C 182 -8.67 44.98 19.57
C LEU C 182 -9.97 45.72 19.32
N SER C 183 -10.06 46.38 18.17
CA SER C 183 -11.29 47.03 17.76
C SER C 183 -11.50 46.80 16.27
N SER C 184 -12.73 46.44 15.90
CA SER C 184 -13.08 46.26 14.50
C SER C 184 -14.23 47.21 14.19
N VAL C 185 -14.03 48.11 13.23
CA VAL C 185 -15.01 49.11 12.88
C VAL C 185 -15.33 48.99 11.40
N VAL C 186 -16.57 49.31 11.04
CA VAL C 186 -16.97 49.43 9.65
C VAL C 186 -17.57 50.81 9.43
N THR C 187 -17.12 51.46 8.35
CA THR C 187 -17.60 52.76 7.92
C THR C 187 -18.75 52.58 6.95
N VAL C 188 -19.87 53.23 7.25
CA VAL C 188 -21.12 53.07 6.52
C VAL C 188 -21.62 54.45 6.11
N PRO C 189 -22.46 54.53 5.08
CA PRO C 189 -23.09 55.81 4.77
C PRO C 189 -23.93 56.30 5.93
N SER C 190 -23.88 57.62 6.18
CA SER C 190 -24.61 58.15 7.33
C SER C 190 -26.11 58.29 7.08
N SER C 191 -26.52 58.45 5.82
CA SER C 191 -27.95 58.50 5.54
C SER C 191 -28.60 57.14 5.65
N SER C 192 -27.84 56.07 5.43
CA SER C 192 -28.31 54.69 5.46
C SER C 192 -28.01 53.98 6.78
N LEU C 193 -27.78 54.73 7.86
CA LEU C 193 -27.39 54.13 9.13
C LEU C 193 -28.51 53.30 9.76
N GLY C 194 -29.74 53.80 9.75
CA GLY C 194 -30.84 53.17 10.45
C GLY C 194 -31.47 51.95 9.78
N THR C 195 -31.05 51.60 8.57
CA THR C 195 -31.80 50.64 7.74
C THR C 195 -31.25 49.21 7.69
N GLN C 196 -29.94 49.09 7.73
CA GLN C 196 -29.04 47.93 7.73
C GLN C 196 -28.54 47.58 9.13
N THR C 197 -28.76 46.31 9.54
CA THR C 197 -28.35 45.77 10.85
C THR C 197 -26.90 45.31 10.80
N TYR C 198 -26.11 45.64 11.83
CA TYR C 198 -24.71 45.24 11.86
C TYR C 198 -24.49 44.38 13.11
N ILE C 199 -23.93 43.19 12.91
CA ILE C 199 -23.60 42.28 14.00
C ILE C 199 -22.17 41.84 13.82
N CYS C 200 -21.37 42.01 14.87
CA CYS C 200 -20.00 41.55 14.88
C CYS C 200 -19.94 40.18 15.56
N ASN C 201 -19.27 39.24 14.90
CA ASN C 201 -19.08 37.89 15.41
C ASN C 201 -17.61 37.77 15.80
N VAL C 202 -17.37 37.78 17.12
CA VAL C 202 -16.02 37.68 17.67
C VAL C 202 -15.80 36.26 18.15
N ASN C 203 -14.64 35.70 17.82
CA ASN C 203 -14.26 34.35 18.20
C ASN C 203 -12.85 34.38 18.77
N HIS C 204 -12.70 33.89 20.00
CA HIS C 204 -11.42 33.69 20.65
C HIS C 204 -11.39 32.21 21.06
N LYS C 205 -10.82 31.39 20.17
CA LYS C 205 -10.74 29.96 20.40
C LYS C 205 -9.96 29.59 21.66
N PRO C 206 -8.83 30.21 22.01
CA PRO C 206 -8.11 29.78 23.22
C PRO C 206 -8.94 29.85 24.49
N SER C 207 -9.99 30.68 24.51
CA SER C 207 -10.87 30.78 25.66
C SER C 207 -12.28 30.29 25.36
N ASN C 208 -12.50 29.65 24.21
CA ASN C 208 -13.82 29.16 23.80
C ASN C 208 -14.87 30.26 23.81
N THR C 209 -14.50 31.42 23.29
CA THR C 209 -15.36 32.60 23.29
C THR C 209 -15.98 32.77 21.90
N LYS C 210 -17.31 32.68 21.82
CA LYS C 210 -18.06 32.94 20.59
C LYS C 210 -19.17 33.92 20.91
N VAL C 211 -18.94 35.21 20.67
CA VAL C 211 -19.89 36.26 21.02
C VAL C 211 -20.36 36.97 19.75
N ASP C 212 -21.66 37.24 19.70
CA ASP C 212 -22.28 37.98 18.61
C ASP C 212 -22.92 39.25 19.19
N LYS C 213 -22.42 40.42 18.80
CA LYS C 213 -22.91 41.70 19.33
C LYS C 213 -23.51 42.59 18.25
N ARG C 214 -24.65 43.24 18.51
CA ARG C 214 -25.12 44.28 17.60
C ARG C 214 -24.62 45.65 17.97
N VAL C 215 -24.27 46.38 16.94
CA VAL C 215 -24.04 47.79 17.06
C VAL C 215 -25.32 48.47 16.58
N GLU C 216 -26.08 49.03 17.52
CA GLU C 216 -27.29 49.76 17.23
C GLU C 216 -27.09 51.22 17.64
N PRO C 217 -27.73 52.16 16.96
CA PRO C 217 -27.52 53.57 17.30
C PRO C 217 -28.03 53.89 18.70
N LYS C 218 -27.33 54.78 19.38
CA LYS C 218 -27.61 55.08 20.78
C LYS C 218 -28.75 56.08 20.92
N VAL D 3 22.27 30.31 6.08
CA VAL D 3 21.38 31.41 5.76
C VAL D 3 21.85 32.10 4.49
N LEU D 4 20.93 32.37 3.57
CA LEU D 4 21.24 33.16 2.38
C LEU D 4 21.21 34.64 2.72
N THR D 5 22.09 35.41 2.09
CA THR D 5 22.23 36.83 2.38
C THR D 5 21.36 37.68 1.45
N GLN D 6 20.69 38.67 2.03
CA GLN D 6 19.77 39.52 1.29
C GLN D 6 19.85 40.95 1.78
N PRO D 7 19.62 41.92 0.90
CA PRO D 7 19.51 43.33 1.34
C PRO D 7 18.34 43.56 2.29
N PRO D 8 18.53 44.37 3.35
CA PRO D 8 17.40 44.61 4.25
C PRO D 8 16.19 45.25 3.60
N SER D 9 16.39 46.19 2.67
CA SER D 9 15.29 46.88 2.01
C SER D 9 15.81 47.44 0.69
N VAL D 10 14.93 47.47 -0.30
CA VAL D 10 15.23 48.13 -1.57
C VAL D 10 14.14 49.18 -1.78
N SER D 11 14.54 50.43 -1.97
CA SER D 11 13.62 51.51 -2.25
C SER D 11 13.78 51.97 -3.69
N ALA D 12 12.65 52.23 -4.35
CA ALA D 12 12.68 52.62 -5.75
C ALA D 12 11.45 53.45 -6.08
N ALA D 13 11.49 54.08 -7.24
CA ALA D 13 10.51 55.01 -7.78
C ALA D 13 9.45 54.26 -8.58
N PRO D 14 8.23 54.80 -8.64
CA PRO D 14 7.16 54.08 -9.36
C PRO D 14 7.47 53.90 -10.84
N GLU D 15 7.03 52.77 -11.38
CA GLU D 15 7.14 52.47 -12.81
C GLU D 15 8.58 52.34 -13.29
N ARG D 16 9.49 51.87 -12.43
CA ARG D 16 10.88 51.68 -12.83
C ARG D 16 11.25 50.21 -12.70
N LYS D 17 12.51 49.91 -12.36
CA LYS D 17 12.95 48.52 -12.24
C LYS D 17 13.74 48.36 -10.96
N VAL D 18 13.45 47.28 -10.23
CA VAL D 18 14.11 46.98 -8.97
C VAL D 18 14.73 45.60 -9.03
N THR D 19 15.80 45.43 -8.26
CA THR D 19 16.62 44.25 -8.35
C THR D 19 16.88 43.75 -6.92
N ILE D 20 16.60 42.46 -6.65
CA ILE D 20 16.87 41.88 -5.34
C ILE D 20 17.87 40.75 -5.52
N SER D 21 18.94 40.79 -4.76
CA SER D 21 20.03 39.83 -4.90
C SER D 21 20.06 38.87 -3.73
N CYS D 22 20.19 37.57 -4.02
CA CYS D 22 20.30 36.54 -3.01
C CYS D 22 21.62 35.80 -3.23
N SER D 23 22.55 35.95 -2.30
CA SER D 23 23.87 35.30 -2.38
C SER D 23 23.93 34.10 -1.47
N GLY D 24 24.54 33.02 -1.96
CA GLY D 24 24.69 31.81 -1.20
C GLY D 24 26.06 31.20 -1.40
N SER D 25 26.14 29.88 -1.35
CA SER D 25 27.39 29.15 -1.51
C SER D 25 27.20 28.07 -2.56
N SER D 26 28.26 27.33 -2.85
CA SER D 26 28.17 26.30 -3.87
C SER D 26 27.19 25.22 -3.47
N SER D 27 27.06 24.96 -2.17
CA SER D 27 26.20 23.89 -1.69
C SER D 27 24.72 24.25 -1.80
N ASN D 28 24.37 25.53 -1.58
CA ASN D 28 22.95 25.89 -1.58
C ASN D 28 22.51 26.45 -2.92
N ILE D 29 23.00 27.64 -3.28
CA ILE D 29 22.60 28.25 -4.54
C ILE D 29 23.41 27.67 -5.69
N GLY D 30 24.65 27.28 -5.44
CA GLY D 30 25.51 26.80 -6.52
C GLY D 30 25.07 25.47 -7.10
N THR D 31 24.44 24.62 -6.29
CA THR D 31 24.03 23.30 -6.75
C THR D 31 22.53 23.13 -6.95
N ASN D 32 21.69 23.97 -6.34
CA ASN D 32 20.26 23.69 -6.33
C ASN D 32 19.47 24.89 -6.83
N PHE D 33 18.21 24.63 -7.16
CA PHE D 33 17.31 25.64 -7.69
C PHE D 33 16.97 26.67 -6.63
N VAL D 34 16.66 27.89 -7.08
CA VAL D 34 16.30 28.99 -6.20
C VAL D 34 14.85 29.39 -6.48
N SER D 35 14.11 29.66 -5.41
CA SER D 35 12.70 30.05 -5.50
C SER D 35 12.50 31.36 -4.75
N TRP D 36 11.65 32.22 -5.31
CA TRP D 36 11.36 33.54 -4.76
C TRP D 36 9.90 33.67 -4.37
N TYR D 37 9.68 34.27 -3.19
CA TYR D 37 8.36 34.40 -2.57
C TYR D 37 8.09 35.85 -2.18
N GLN D 38 6.81 36.21 -2.14
CA GLN D 38 6.35 37.53 -1.72
C GLN D 38 5.40 37.41 -0.54
N GLN D 39 5.58 38.30 0.44
CA GLN D 39 4.72 38.41 1.61
C GLN D 39 4.17 39.83 1.66
N LEU D 40 2.93 39.98 1.23
CA LEU D 40 2.20 41.23 1.44
C LEU D 40 1.82 41.35 2.92
N PRO D 41 1.66 42.56 3.44
CA PRO D 41 1.32 42.70 4.86
C PRO D 41 0.01 41.97 5.16
N GLY D 42 0.01 41.21 6.26
CA GLY D 42 -1.17 40.51 6.70
C GLY D 42 -1.44 39.19 5.97
N THR D 43 -0.61 38.83 5.00
CA THR D 43 -0.85 37.64 4.18
C THR D 43 0.25 36.60 4.39
N ALA D 44 -0.02 35.40 3.88
CA ALA D 44 0.92 34.30 3.87
C ALA D 44 1.88 34.43 2.69
N PRO D 45 3.06 33.83 2.76
CA PRO D 45 4.00 33.93 1.64
C PRO D 45 3.39 33.35 0.37
N LYS D 46 3.58 34.06 -0.74
CA LYS D 46 3.15 33.62 -2.06
C LYS D 46 4.37 33.38 -2.93
N LEU D 47 4.43 32.23 -3.58
CA LEU D 47 5.54 31.94 -4.47
C LEU D 47 5.45 32.80 -5.73
N LEU D 48 6.54 33.48 -6.07
CA LEU D 48 6.62 34.31 -7.27
C LEU D 48 7.41 33.67 -8.38
N ILE D 49 8.51 33.01 -8.04
CA ILE D 49 9.40 32.40 -9.03
C ILE D 49 9.80 31.04 -8.51
N TYR D 50 9.83 30.04 -9.39
CA TYR D 50 10.33 28.72 -9.04
C TYR D 50 11.28 28.23 -10.13
N GLU D 51 12.17 27.32 -9.73
CA GLU D 51 13.19 26.78 -10.62
C GLU D 51 14.01 27.91 -11.25
N ASN D 52 14.35 28.91 -10.42
CA ASN D 52 15.24 30.01 -10.76
C ASN D 52 14.59 31.06 -11.65
N ASN D 53 13.76 30.64 -12.60
CA ASN D 53 13.17 31.58 -13.55
C ASN D 53 11.69 31.39 -13.80
N LYS D 54 11.12 30.21 -13.54
CA LYS D 54 9.74 29.95 -13.92
C LYS D 54 8.76 30.73 -13.05
N ARG D 55 7.62 31.08 -13.65
CA ARG D 55 6.59 31.89 -13.02
C ARG D 55 5.33 31.04 -12.80
N PRO D 56 4.83 30.91 -11.57
CA PRO D 56 3.55 30.24 -11.37
C PRO D 56 2.43 31.04 -12.01
N SER D 57 1.38 30.33 -12.42
CA SER D 57 0.26 31.00 -13.06
C SER D 57 -0.29 32.07 -12.15
N GLY D 58 -0.59 33.24 -12.73
CA GLY D 58 -1.03 34.39 -11.98
C GLY D 58 0.07 35.38 -11.66
N ILE D 59 1.33 34.99 -11.80
CA ILE D 59 2.45 35.89 -11.52
C ILE D 59 2.68 36.77 -12.74
N PRO D 60 2.66 38.09 -12.59
CA PRO D 60 2.79 38.99 -13.74
C PRO D 60 4.15 38.86 -14.42
N ASP D 61 4.16 39.17 -15.73
CA ASP D 61 5.40 39.09 -16.49
C ASP D 61 6.43 40.10 -16.04
N ARG D 62 6.02 41.12 -15.30
CA ARG D 62 6.97 42.09 -14.75
C ARG D 62 7.89 41.46 -13.72
N PHE D 63 7.53 40.29 -13.19
CA PHE D 63 8.38 39.57 -12.26
C PHE D 63 9.25 38.59 -13.05
N SER D 64 10.55 38.64 -12.82
CA SER D 64 11.51 37.83 -13.55
C SER D 64 12.58 37.37 -12.60
N GLY D 65 13.11 36.21 -12.89
CA GLY D 65 14.19 35.71 -12.08
C GLY D 65 15.14 34.89 -12.92
N SER D 66 16.42 35.10 -12.61
CA SER D 66 17.42 34.11 -12.97
C SER D 66 18.59 34.08 -12.01
N LYS D 67 19.49 33.13 -12.31
CA LYS D 67 20.45 32.57 -11.39
C LYS D 67 21.74 32.34 -12.14
N SER D 68 22.86 32.56 -11.44
CA SER D 68 24.19 32.40 -12.00
C SER D 68 25.14 32.02 -10.88
N GLY D 69 25.71 30.82 -10.98
CA GLY D 69 26.71 30.37 -10.02
C GLY D 69 26.15 30.25 -8.61
N THR D 70 26.74 31.00 -7.68
CA THR D 70 26.26 31.00 -6.29
C THR D 70 25.42 32.21 -5.95
N SER D 71 24.94 32.95 -6.96
CA SER D 71 24.11 34.11 -6.70
C SER D 71 22.91 34.05 -7.64
N ALA D 72 21.76 34.53 -7.13
CA ALA D 72 20.54 34.57 -7.93
C ALA D 72 19.93 35.95 -7.77
N THR D 73 19.17 36.42 -8.75
CA THR D 73 18.59 37.72 -8.54
C THR D 73 17.19 37.72 -9.16
N LEU D 74 16.30 38.43 -8.45
CA LEU D 74 14.89 38.62 -8.79
C LEU D 74 14.66 40.06 -9.23
N GLY D 75 13.95 40.25 -10.33
CA GLY D 75 13.73 41.56 -10.91
C GLY D 75 12.25 41.87 -11.02
N ILE D 76 11.89 43.11 -10.66
CA ILE D 76 10.51 43.59 -10.78
C ILE D 76 10.49 44.84 -11.64
N THR D 77 9.78 44.78 -12.76
CA THR D 77 9.57 45.90 -13.68
C THR D 77 8.19 46.52 -13.47
N GLY D 78 8.05 47.76 -13.91
CA GLY D 78 6.77 48.45 -13.79
C GLY D 78 6.31 48.62 -12.35
N LEU D 79 7.25 48.92 -11.45
CA LEU D 79 6.97 48.92 -10.01
C LEU D 79 5.76 49.76 -9.64
N GLN D 80 4.78 49.10 -9.01
CA GLN D 80 3.54 49.67 -8.55
C GLN D 80 3.52 49.70 -7.02
N THR D 81 2.55 50.45 -6.49
CA THR D 81 2.36 50.47 -5.04
C THR D 81 2.04 49.08 -4.49
N GLY D 82 1.34 48.25 -5.27
CA GLY D 82 0.96 46.93 -4.79
C GLY D 82 2.13 45.99 -4.62
N ASP D 83 3.28 46.31 -5.20
CA ASP D 83 4.48 45.48 -5.06
C ASP D 83 5.22 45.70 -3.75
N GLU D 84 4.77 46.64 -2.91
CA GLU D 84 5.42 46.87 -1.63
C GLU D 84 5.13 45.68 -0.71
N ALA D 85 6.15 44.91 -0.40
CA ALA D 85 6.01 43.67 0.37
C ALA D 85 7.40 43.21 0.79
N ASP D 86 7.45 42.09 1.52
CA ASP D 86 8.72 41.47 1.89
C ASP D 86 9.00 40.32 0.93
N TYR D 87 10.15 40.35 0.28
CA TYR D 87 10.51 39.33 -0.70
C TYR D 87 11.58 38.43 -0.14
N TYR D 88 11.40 37.12 -0.31
CA TYR D 88 12.29 36.12 0.27
C TYR D 88 12.81 35.19 -0.82
N CYS D 89 14.03 34.69 -0.62
CA CYS D 89 14.63 33.70 -1.49
C CYS D 89 14.90 32.41 -0.72
N GLY D 90 14.89 31.29 -1.44
CA GLY D 90 15.12 30.00 -0.83
C GLY D 90 15.80 29.05 -1.80
N ALA D 91 16.51 28.09 -1.22
CA ALA D 91 17.23 27.09 -2.00
C ALA D 91 17.44 25.86 -1.13
N TRP D 92 17.97 24.80 -1.75
CA TRP D 92 18.31 23.57 -1.04
C TRP D 92 19.82 23.50 -0.84
N ASP D 93 20.24 23.38 0.41
CA ASP D 93 21.64 23.16 0.76
C ASP D 93 21.87 21.65 0.84
N SER D 94 22.66 21.13 -0.11
CA SER D 94 22.88 19.68 -0.17
C SER D 94 23.96 19.20 0.79
N THR D 95 24.82 20.09 1.31
CA THR D 95 25.78 19.66 2.33
C THR D 95 25.08 19.20 3.60
N PRO D 96 24.16 19.96 4.21
CA PRO D 96 23.42 19.42 5.37
C PRO D 96 22.13 18.72 4.94
N GLY D 97 21.61 19.08 3.77
CA GLY D 97 20.33 18.59 3.32
C GLY D 97 19.15 19.34 3.88
N THR D 98 19.12 20.66 3.68
CA THR D 98 18.10 21.49 4.33
C THR D 98 17.71 22.64 3.41
N TRP D 99 16.42 22.99 3.40
CA TRP D 99 15.99 24.16 2.66
C TRP D 99 16.33 25.41 3.46
N VAL D 100 17.11 26.30 2.85
CA VAL D 100 17.56 27.54 3.48
C VAL D 100 16.81 28.70 2.85
N PHE D 101 16.29 29.59 3.70
CA PHE D 101 15.60 30.79 3.27
C PHE D 101 16.50 32.01 3.45
N GLY D 102 16.09 33.11 2.80
CA GLY D 102 16.75 34.39 3.00
C GLY D 102 16.19 35.12 4.21
N GLY D 103 16.80 36.27 4.51
CA GLY D 103 16.38 37.05 5.65
C GLY D 103 15.21 37.98 5.38
N GLY D 104 14.96 38.29 4.12
CA GLY D 104 13.84 39.13 3.74
C GLY D 104 14.30 40.52 3.31
N THR D 105 13.64 41.07 2.29
CA THR D 105 13.88 42.42 1.80
C THR D 105 12.56 43.16 1.68
N ARG D 106 12.42 44.26 2.41
CA ARG D 106 11.23 45.09 2.36
C ARG D 106 11.32 46.11 1.24
N LEU D 107 10.41 46.02 0.28
CA LEU D 107 10.38 46.94 -0.86
C LEU D 107 9.53 48.16 -0.53
N THR D 108 10.06 49.35 -0.82
CA THR D 108 9.37 50.61 -0.58
C THR D 108 9.25 51.42 -1.87
N VAL D 109 8.02 51.79 -2.23
CA VAL D 109 7.76 52.66 -3.38
C VAL D 109 7.99 54.11 -2.95
N LEU D 110 8.60 54.90 -3.83
CA LEU D 110 9.03 56.25 -3.46
C LEU D 110 8.08 57.38 -3.85
N GLY D 111 7.15 57.15 -4.78
CA GLY D 111 6.20 58.19 -5.16
C GLY D 111 5.56 58.75 -3.91
N GLN D 112 4.97 57.86 -3.13
CA GLN D 112 4.46 58.09 -1.79
C GLN D 112 3.75 59.43 -1.57
N PRO D 113 2.49 59.57 -1.97
CA PRO D 113 1.75 60.78 -1.61
C PRO D 113 1.55 60.81 -0.11
N LYS D 114 1.12 61.96 0.40
CA LYS D 114 0.91 62.10 1.83
C LYS D 114 -0.58 62.03 2.10
N ALA D 115 -0.96 61.26 3.12
CA ALA D 115 -2.36 61.04 3.44
C ALA D 115 -2.63 61.54 4.85
N ALA D 116 -3.85 62.06 5.03
CA ALA D 116 -4.27 62.59 6.32
C ALA D 116 -4.95 61.49 7.13
N PRO D 117 -4.63 61.38 8.42
CA PRO D 117 -5.26 60.34 9.23
C PRO D 117 -6.77 60.52 9.26
N SER D 118 -7.49 59.41 9.11
CA SER D 118 -8.92 59.35 9.36
C SER D 118 -9.09 58.81 10.77
N VAL D 119 -9.53 59.66 11.68
CA VAL D 119 -9.62 59.33 13.09
C VAL D 119 -11.09 59.25 13.48
N THR D 120 -11.41 58.24 14.29
CA THR D 120 -12.75 58.07 14.82
C THR D 120 -12.64 57.83 16.32
N LEU D 121 -13.40 58.58 17.10
CA LEU D 121 -13.39 58.46 18.54
C LEU D 121 -14.73 57.87 19.02
N PHE D 122 -14.64 56.76 19.74
CA PHE D 122 -15.78 56.04 20.27
C PHE D 122 -15.85 56.18 21.78
N PRO D 123 -17.00 56.60 22.29
CA PRO D 123 -17.19 56.79 23.73
C PRO D 123 -17.37 55.45 24.42
N PRO D 124 -17.30 55.40 25.74
CA PRO D 124 -17.51 54.14 26.44
C PRO D 124 -18.91 53.59 26.19
N SER D 125 -18.99 52.26 26.08
CA SER D 125 -20.26 51.59 25.84
C SER D 125 -21.12 51.59 27.10
N SER D 126 -22.45 51.63 26.90
CA SER D 126 -23.35 51.56 28.03
C SER D 126 -23.21 50.24 28.78
N GLU D 127 -22.97 49.15 28.07
CA GLU D 127 -22.77 47.86 28.73
C GLU D 127 -21.50 47.85 29.57
N GLU D 128 -20.44 48.54 29.11
CA GLU D 128 -19.24 48.68 29.93
C GLU D 128 -19.49 49.65 31.08
N LEU D 129 -20.33 50.66 30.86
CA LEU D 129 -20.72 51.59 31.91
C LEU D 129 -21.47 50.89 33.03
N GLN D 130 -22.29 49.89 32.68
CA GLN D 130 -23.00 49.07 33.65
C GLN D 130 -22.08 48.08 34.36
N ALA D 131 -20.89 47.80 33.82
CA ALA D 131 -19.93 46.91 34.45
C ALA D 131 -18.85 47.66 35.23
N ASN D 132 -19.04 48.96 35.45
CA ASN D 132 -18.15 49.79 36.27
C ASN D 132 -16.74 49.87 35.68
N LYS D 133 -16.65 49.92 34.36
CA LYS D 133 -15.38 50.13 33.67
C LYS D 133 -15.61 51.06 32.48
N ALA D 134 -14.57 51.81 32.10
CA ALA D 134 -14.68 52.74 30.99
C ALA D 134 -13.47 52.62 30.08
N THR D 135 -13.72 52.56 28.77
CA THR D 135 -12.65 52.57 27.78
C THR D 135 -13.07 53.43 26.60
N LEU D 136 -12.23 54.38 26.23
CA LEU D 136 -12.43 55.23 25.05
C LEU D 136 -11.53 54.75 23.92
N VAL D 137 -12.08 54.69 22.70
CA VAL D 137 -11.38 54.07 21.58
C VAL D 137 -11.13 55.13 20.51
N CYS D 138 -9.87 55.52 20.31
CA CYS D 138 -9.48 56.41 19.22
C CYS D 138 -8.81 55.56 18.15
N LEU D 139 -9.45 55.42 17.00
CA LEU D 139 -8.94 54.59 15.91
C LEU D 139 -8.50 55.48 14.76
N ILE D 140 -7.23 55.38 14.39
CA ILE D 140 -6.65 56.20 13.34
C ILE D 140 -6.26 55.28 12.19
N SER D 141 -6.66 55.65 10.98
CA SER D 141 -6.43 54.79 9.82
C SER D 141 -6.11 55.63 8.59
N ASP D 142 -5.56 54.97 7.57
CA ASP D 142 -5.30 55.58 6.27
C ASP D 142 -4.45 56.84 6.38
N PHE D 143 -3.23 56.66 6.89
CA PHE D 143 -2.29 57.76 7.01
C PHE D 143 -0.92 57.33 6.52
N TYR D 144 -0.21 58.26 5.87
CA TYR D 144 1.12 58.06 5.35
C TYR D 144 1.80 59.42 5.36
N PRO D 145 3.03 59.54 5.88
CA PRO D 145 3.90 58.49 6.45
C PRO D 145 3.35 57.83 7.72
N GLY D 146 4.03 56.79 8.17
CA GLY D 146 3.53 55.94 9.23
C GLY D 146 3.85 56.36 10.66
N ALA D 147 3.98 57.66 10.90
CA ALA D 147 4.23 58.19 12.23
C ALA D 147 3.06 59.06 12.66
N VAL D 148 2.66 58.94 13.93
CA VAL D 148 1.51 59.70 14.44
C VAL D 148 1.70 59.89 15.94
N THR D 149 1.25 61.06 16.45
CA THR D 149 1.29 61.32 17.88
C THR D 149 -0.11 61.60 18.40
N VAL D 150 -0.52 60.90 19.46
CA VAL D 150 -1.86 61.01 20.01
C VAL D 150 -1.77 61.60 21.41
N ALA D 151 -2.64 62.57 21.71
CA ALA D 151 -2.74 63.16 23.02
C ALA D 151 -4.21 63.26 23.40
N TRP D 152 -4.52 62.98 24.67
CA TRP D 152 -5.88 62.99 25.16
C TRP D 152 -6.11 64.19 26.06
N LYS D 153 -7.37 64.62 26.11
CA LYS D 153 -7.79 65.74 26.94
C LYS D 153 -8.97 65.24 27.76
N ALA D 154 -8.89 65.41 29.08
CA ALA D 154 -9.93 64.97 29.99
C ALA D 154 -10.79 66.18 30.35
N ASP D 155 -11.91 66.34 29.66
CA ASP D 155 -12.78 67.50 29.88
C ASP D 155 -11.99 68.80 29.86
N SER D 156 -11.29 69.03 28.75
CA SER D 156 -10.48 70.25 28.54
C SER D 156 -9.16 70.32 29.32
N SER D 157 -8.82 69.35 30.18
CA SER D 157 -7.62 69.05 30.98
C SER D 157 -6.65 68.15 30.21
N PRO D 158 -5.33 68.36 30.29
CA PRO D 158 -4.44 67.54 29.48
C PRO D 158 -4.39 66.07 29.88
N GLY D 162 -3.69 56.36 31.91
CA GLY D 162 -4.61 55.36 31.40
C GLY D 162 -4.69 55.31 29.88
N VAL D 163 -3.56 55.60 29.22
CA VAL D 163 -3.48 55.62 27.77
C VAL D 163 -2.58 54.48 27.31
N GLU D 164 -3.13 53.59 26.48
CA GLU D 164 -2.36 52.52 25.85
C GLU D 164 -2.53 52.65 24.34
N THR D 165 -1.43 52.90 23.64
CA THR D 165 -1.45 53.16 22.21
C THR D 165 -0.63 52.12 21.46
N THR D 166 -1.04 51.82 20.23
CA THR D 166 -0.40 50.83 19.38
C THR D 166 0.75 51.43 18.58
N THR D 167 1.66 50.56 18.16
CA THR D 167 2.64 50.91 17.14
C THR D 167 1.98 50.90 15.77
N PRO D 168 2.40 51.79 14.86
CA PRO D 168 1.78 51.85 13.54
C PRO D 168 1.94 50.54 12.77
N SER D 169 0.90 50.20 12.00
CA SER D 169 0.83 48.97 11.22
C SER D 169 0.38 49.26 9.80
N LYS D 170 1.06 48.66 8.83
CA LYS D 170 0.73 48.84 7.42
C LYS D 170 -0.55 48.10 7.05
N GLN D 171 -1.31 48.69 6.11
CA GLN D 171 -2.55 48.11 5.62
C GLN D 171 -2.38 47.62 4.18
N SER D 172 -3.49 47.16 3.59
CA SER D 172 -3.48 46.74 2.19
C SER D 172 -3.28 47.90 1.23
N ASN D 173 -3.79 49.09 1.58
CA ASN D 173 -3.71 50.27 0.74
C ASN D 173 -2.33 50.91 0.74
N ASN D 174 -1.37 50.33 1.45
CA ASN D 174 0.01 50.79 1.68
C ASN D 174 0.05 51.92 2.70
N LYS D 175 -1.09 52.36 3.23
CA LYS D 175 -1.11 53.29 4.33
C LYS D 175 -1.04 52.54 5.65
N TYR D 176 -0.87 53.29 6.73
CA TYR D 176 -0.64 52.72 8.05
C TYR D 176 -1.86 52.96 8.94
N ALA D 177 -1.94 52.19 10.02
CA ALA D 177 -3.07 52.27 10.95
C ALA D 177 -2.57 52.15 12.38
N ALA D 178 -3.36 52.69 13.30
CA ALA D 178 -3.01 52.67 14.71
C ALA D 178 -4.27 52.84 15.55
N SER D 179 -4.15 52.57 16.84
CA SER D 179 -5.25 52.66 17.77
C SER D 179 -4.73 53.11 19.13
N SER D 180 -5.55 53.88 19.83
CA SER D 180 -5.25 54.32 21.19
C SER D 180 -6.48 54.07 22.05
N TYR D 181 -6.24 53.64 23.29
CA TYR D 181 -7.31 53.30 24.21
C TYR D 181 -7.07 54.05 25.52
N LEU D 182 -8.11 54.75 25.97
CA LEU D 182 -8.06 55.47 27.24
C LEU D 182 -8.86 54.68 28.27
N SER D 183 -8.15 54.10 29.25
CA SER D 183 -8.78 53.31 30.31
C SER D 183 -9.16 54.25 31.43
N LEU D 184 -10.47 54.44 31.62
CA LEU D 184 -10.99 55.34 32.63
C LEU D 184 -11.92 54.59 33.58
N THR D 185 -12.09 55.19 34.75
CA THR D 185 -13.11 54.81 35.70
C THR D 185 -14.42 55.51 35.31
N PRO D 186 -15.58 54.89 35.55
CA PRO D 186 -16.84 55.58 35.22
C PRO D 186 -16.97 56.92 35.91
N GLU D 187 -16.43 57.03 37.13
CA GLU D 187 -16.37 58.33 37.80
C GLU D 187 -15.52 59.30 36.99
N GLN D 188 -14.37 58.84 36.51
CA GLN D 188 -13.51 59.67 35.67
C GLN D 188 -14.20 60.09 34.38
N TRP D 189 -15.10 59.25 33.87
CA TRP D 189 -15.80 59.54 32.63
C TRP D 189 -16.95 60.53 32.80
N LYS D 190 -17.80 60.33 33.81
CA LYS D 190 -18.95 61.22 33.99
C LYS D 190 -18.61 62.48 34.77
N SER D 191 -17.53 62.48 35.56
CA SER D 191 -17.16 63.66 36.33
C SER D 191 -16.70 64.78 35.42
N HIS D 192 -16.28 64.45 34.20
CA HIS D 192 -15.83 65.40 33.20
C HIS D 192 -16.97 65.69 32.23
N ARG D 193 -16.74 66.67 31.34
CA ARG D 193 -17.80 67.11 30.44
C ARG D 193 -17.55 66.86 28.96
N SER D 194 -16.30 66.66 28.53
CA SER D 194 -16.00 66.51 27.11
C SER D 194 -14.62 65.89 27.00
N TYR D 195 -14.54 64.62 26.62
CA TYR D 195 -13.25 63.98 26.43
C TYR D 195 -12.82 64.10 24.97
N SER D 196 -11.53 64.37 24.76
CA SER D 196 -11.05 64.73 23.44
C SER D 196 -9.82 63.90 23.07
N CYS D 197 -9.75 63.52 21.79
CA CYS D 197 -8.61 62.84 21.21
C CYS D 197 -8.02 63.74 20.13
N GLN D 198 -6.75 64.10 20.29
CA GLN D 198 -6.05 64.95 19.33
C GLN D 198 -4.95 64.12 18.69
N VAL D 199 -4.96 64.04 17.36
CA VAL D 199 -4.04 63.22 16.60
C VAL D 199 -3.26 64.16 15.69
N THR D 200 -1.93 64.12 15.82
CA THR D 200 -1.03 65.01 15.11
C THR D 200 -0.22 64.18 14.12
N HIS D 201 -0.28 64.59 12.85
CA HIS D 201 0.42 63.96 11.74
C HIS D 201 0.95 65.03 10.79
N GLU D 202 2.23 64.92 10.42
CA GLU D 202 2.86 65.81 9.45
C GLU D 202 2.67 67.27 9.82
N GLY D 203 2.64 67.54 11.13
CA GLY D 203 2.55 68.89 11.65
C GLY D 203 1.15 69.39 11.95
N SER D 204 0.11 68.73 11.43
CA SER D 204 -1.27 69.14 11.64
C SER D 204 -1.97 68.34 12.73
N THR D 205 -3.07 68.94 13.21
CA THR D 205 -3.87 68.47 14.33
C THR D 205 -5.31 68.22 13.88
N VAL D 206 -5.81 67.03 14.18
CA VAL D 206 -7.21 66.63 13.99
C VAL D 206 -7.73 66.22 15.36
N GLU D 207 -8.85 66.80 15.76
CA GLU D 207 -9.36 66.59 17.10
C GLU D 207 -10.79 66.09 17.02
N LYS D 208 -11.14 65.18 17.92
CA LYS D 208 -12.50 64.67 18.03
C LYS D 208 -12.92 64.71 19.49
N THR D 209 -14.21 64.93 19.71
CA THR D 209 -14.74 65.16 21.04
C THR D 209 -15.96 64.29 21.29
N VAL D 210 -16.10 63.80 22.52
CA VAL D 210 -17.28 63.07 22.94
C VAL D 210 -17.77 63.68 24.25
N ALA D 211 -19.07 63.59 24.47
CA ALA D 211 -19.72 64.14 25.64
C ALA D 211 -20.59 63.08 26.30
N PRO D 212 -20.74 63.13 27.63
CA PRO D 212 -21.62 62.20 28.35
C PRO D 212 -23.08 62.32 27.95
N GLN E 1 4.57 -3.75 29.54
CA GLN E 1 3.27 -3.28 30.00
C GLN E 1 2.48 -2.63 28.86
N VAL E 2 1.39 -3.28 28.45
CA VAL E 2 0.52 -2.69 27.44
C VAL E 2 -0.12 -1.45 28.02
N GLN E 3 0.07 -0.31 27.36
CA GLN E 3 -0.42 0.96 27.86
C GLN E 3 -1.08 1.74 26.73
N LEU E 4 -2.29 2.23 26.98
CA LEU E 4 -3.02 3.09 26.06
C LEU E 4 -3.13 4.47 26.69
N VAL E 5 -2.40 5.43 26.15
CA VAL E 5 -2.34 6.79 26.69
C VAL E 5 -3.18 7.70 25.83
N GLN E 6 -4.07 8.46 26.46
CA GLN E 6 -5.00 9.34 25.76
C GLN E 6 -4.57 10.80 25.89
N SER E 7 -5.15 11.65 25.04
CA SER E 7 -4.86 13.07 25.06
C SER E 7 -5.54 13.73 26.26
N GLY E 8 -5.42 15.05 26.34
CA GLY E 8 -5.93 15.81 27.46
C GLY E 8 -7.33 16.35 27.22
N THR E 9 -7.87 16.96 28.27
CA THR E 9 -9.23 17.49 28.21
C THR E 9 -9.34 18.57 27.14
N GLU E 10 -10.50 18.62 26.48
CA GLU E 10 -10.73 19.58 25.41
C GLU E 10 -12.08 20.24 25.60
N VAL E 11 -12.13 21.55 25.37
CA VAL E 11 -13.34 22.35 25.43
C VAL E 11 -13.64 22.86 24.03
N ARG E 12 -14.87 22.64 23.57
CA ARG E 12 -15.26 23.03 22.23
C ARG E 12 -16.61 23.74 22.26
N GLN E 13 -16.79 24.65 21.31
CA GLN E 13 -18.03 25.38 21.12
C GLN E 13 -19.03 24.50 20.35
N PRO E 14 -20.32 24.63 20.63
CA PRO E 14 -21.31 23.86 19.86
C PRO E 14 -21.18 24.13 18.38
N GLY E 15 -21.08 23.06 17.60
CA GLY E 15 -20.89 23.17 16.17
C GLY E 15 -19.47 22.98 15.69
N ALA E 16 -18.55 22.63 16.57
CA ALA E 16 -17.13 22.48 16.24
C ALA E 16 -16.76 21.00 16.21
N SER E 17 -15.46 20.73 16.16
CA SER E 17 -14.94 19.37 16.08
C SER E 17 -13.85 19.18 17.13
N VAL E 18 -13.70 17.93 17.58
CA VAL E 18 -12.68 17.56 18.55
C VAL E 18 -11.96 16.32 18.03
N ARG E 19 -10.64 16.30 18.21
CA ARG E 19 -9.80 15.16 17.86
C ARG E 19 -9.12 14.63 19.11
N VAL E 20 -9.46 13.40 19.49
CA VAL E 20 -8.85 12.71 20.62
C VAL E 20 -7.89 11.64 20.09
N SER E 21 -6.81 11.43 20.83
CA SER E 21 -5.72 10.53 20.44
C SER E 21 -5.56 9.43 21.48
N CYS E 22 -5.18 8.25 21.00
CA CYS E 22 -4.87 7.11 21.86
C CYS E 22 -3.63 6.42 21.33
N LYS E 23 -2.50 6.59 22.02
CA LYS E 23 -1.26 5.92 21.66
C LYS E 23 -1.16 4.58 22.38
N ALA E 24 -0.97 3.51 21.61
CA ALA E 24 -0.81 2.16 22.14
C ALA E 24 0.66 1.80 22.24
N SER E 25 1.01 1.06 23.29
CA SER E 25 2.39 0.63 23.49
C SER E 25 2.41 -0.71 24.20
N GLY E 26 3.47 -1.47 23.96
CA GLY E 26 3.66 -2.76 24.61
C GLY E 26 3.17 -3.96 23.82
N TYR E 27 2.64 -3.77 22.62
CA TYR E 27 2.13 -4.88 21.83
C TYR E 27 2.14 -4.46 20.37
N THR E 28 1.86 -5.43 19.49
CA THR E 28 1.83 -5.17 18.05
C THR E 28 0.53 -4.43 17.73
N PHE E 29 0.67 -3.17 17.29
CA PHE E 29 -0.48 -2.30 17.06
C PHE E 29 -1.50 -2.95 16.13
N THR E 30 -1.02 -3.65 15.10
CA THR E 30 -1.88 -4.18 14.05
C THR E 30 -2.59 -5.47 14.44
N ASP E 31 -2.29 -6.03 15.61
CA ASP E 31 -2.82 -7.33 16.00
C ASP E 31 -4.14 -7.27 16.77
N SER E 32 -4.67 -6.08 17.03
CA SER E 32 -5.90 -5.99 17.82
C SER E 32 -6.72 -4.77 17.38
N TYR E 33 -8.04 -4.94 17.38
CA TYR E 33 -8.96 -3.85 17.09
C TYR E 33 -8.97 -2.83 18.22
N ILE E 34 -9.39 -1.61 17.91
CA ILE E 34 -9.53 -0.59 18.94
C ILE E 34 -10.95 -0.02 18.93
N HIS E 35 -11.58 -0.02 20.10
CA HIS E 35 -12.92 0.51 20.31
C HIS E 35 -12.85 1.88 20.97
N TRP E 36 -13.87 2.70 20.71
CA TRP E 36 -14.05 3.98 21.39
C TRP E 36 -15.40 3.99 22.09
N VAL E 37 -15.39 4.28 23.39
CA VAL E 37 -16.60 4.26 24.22
C VAL E 37 -16.63 5.53 25.05
N ARG E 38 -17.80 6.17 25.12
CA ARG E 38 -17.95 7.41 25.85
C ARG E 38 -18.89 7.24 27.03
N GLN E 39 -18.69 8.06 28.06
CA GLN E 39 -19.56 8.10 29.23
C GLN E 39 -19.96 9.53 29.50
N ALA E 40 -21.26 9.81 29.37
CA ALA E 40 -21.83 11.10 29.69
C ALA E 40 -21.86 11.31 31.21
N PRO E 41 -21.86 12.56 31.68
CA PRO E 41 -21.87 12.79 33.14
C PRO E 41 -23.14 12.21 33.77
N GLY E 42 -22.93 11.25 34.68
CA GLY E 42 -24.02 10.62 35.37
C GLY E 42 -24.72 9.50 34.61
N GLN E 43 -24.25 9.16 33.42
CA GLN E 43 -24.87 8.11 32.61
C GLN E 43 -23.94 6.92 32.45
N GLY E 44 -24.34 6.00 31.58
CA GLY E 44 -23.62 4.78 31.34
C GLY E 44 -22.69 4.89 30.14
N LEU E 45 -22.22 3.73 29.68
CA LEU E 45 -21.25 3.64 28.61
C LEU E 45 -21.97 3.60 27.26
N GLU E 46 -21.38 4.29 26.27
CA GLU E 46 -21.92 4.31 24.92
C GLU E 46 -20.80 4.01 23.95
N TRP E 47 -20.94 2.92 23.22
CA TRP E 47 -19.98 2.56 22.18
C TRP E 47 -20.09 3.56 21.03
N MET E 48 -18.94 3.94 20.47
CA MET E 48 -18.88 4.88 19.37
C MET E 48 -18.43 4.27 18.07
N GLY E 49 -17.46 3.36 18.11
CA GLY E 49 -16.99 2.74 16.90
C GLY E 49 -15.78 1.89 17.17
N ILE E 50 -15.36 1.19 16.12
CA ILE E 50 -14.21 0.30 16.15
C ILE E 50 -13.37 0.53 14.91
N ILE E 51 -12.06 0.43 15.07
CA ILE E 51 -11.10 0.62 14.00
C ILE E 51 -10.19 -0.59 13.92
N LYS E 52 -9.87 -0.98 12.69
CA LYS E 52 -8.88 -2.01 12.41
C LYS E 52 -7.55 -1.31 12.19
N PRO E 53 -6.54 -1.53 13.03
CA PRO E 53 -5.27 -0.80 12.87
C PRO E 53 -4.51 -1.22 11.62
N SER E 54 -5.00 -2.22 10.92
CA SER E 54 -4.34 -2.75 9.72
C SER E 54 -4.61 -1.89 8.50
N GLY E 55 -5.87 -1.85 8.05
CA GLY E 55 -6.23 -1.08 6.86
C GLY E 55 -6.92 0.22 7.19
N GLY E 56 -7.18 0.45 8.47
CA GLY E 56 -7.96 1.60 8.86
C GLY E 56 -9.44 1.43 8.66
N ASN E 57 -9.90 0.20 8.41
CA ASN E 57 -11.32 -0.06 8.25
C ASN E 57 -12.04 0.30 9.54
N THR E 58 -13.22 0.90 9.41
CA THR E 58 -13.91 1.48 10.55
C THR E 58 -15.38 1.12 10.51
N ARG E 59 -15.96 0.95 11.70
CA ARG E 59 -17.41 0.81 11.84
C ARG E 59 -17.87 1.72 12.98
N TYR E 60 -18.84 2.57 12.69
CA TYR E 60 -19.35 3.53 13.66
C TYR E 60 -20.82 3.24 13.95
N ALA E 61 -21.28 3.72 15.10
CA ALA E 61 -22.69 3.59 15.43
C ALA E 61 -23.51 4.58 14.62
N GLN E 62 -24.74 4.18 14.31
CA GLN E 62 -25.60 5.01 13.46
C GLN E 62 -25.87 6.37 14.07
N ARG E 63 -25.93 6.45 15.41
CA ARG E 63 -26.21 7.72 16.07
C ARG E 63 -25.11 8.74 15.80
N PHE E 64 -23.88 8.28 15.56
CA PHE E 64 -22.78 9.19 15.28
C PHE E 64 -22.31 9.13 13.83
N GLN E 65 -22.89 8.28 12.99
CA GLN E 65 -22.42 8.16 11.62
C GLN E 65 -22.63 9.48 10.87
N GLY E 66 -21.61 9.88 10.10
CA GLY E 66 -21.61 11.17 9.49
C GLY E 66 -21.11 12.28 10.40
N ARG E 67 -20.73 11.95 11.62
CA ARG E 67 -20.20 12.91 12.59
C ARG E 67 -18.94 12.41 13.28
N VAL E 68 -18.55 11.16 13.07
CA VAL E 68 -17.37 10.58 13.69
C VAL E 68 -16.47 10.04 12.59
N THR E 69 -15.17 10.27 12.74
CA THR E 69 -14.17 9.72 11.82
C THR E 69 -13.02 9.17 12.63
N MET E 70 -12.61 7.95 12.34
CA MET E 70 -11.52 7.30 13.05
C MET E 70 -10.37 7.03 12.09
N THR E 71 -9.16 7.32 12.54
CA THR E 71 -7.95 7.19 11.74
C THR E 71 -6.86 6.51 12.57
N ARG E 72 -5.80 6.09 11.89
CA ARG E 72 -4.72 5.39 12.56
C ARG E 72 -3.38 5.77 11.93
N ASP E 73 -2.36 5.90 12.78
CA ASP E 73 -0.97 6.03 12.35
C ASP E 73 -0.18 4.86 12.91
N THR E 74 0.17 3.91 12.03
CA THR E 74 0.96 2.76 12.43
C THR E 74 2.37 3.14 12.83
N SER E 75 2.89 4.26 12.32
CA SER E 75 4.25 4.67 12.67
C SER E 75 4.32 5.05 14.15
N THR E 76 3.38 5.86 14.61
CA THR E 76 3.31 6.26 16.00
C THR E 76 2.43 5.32 16.84
N SER E 77 1.80 4.32 16.20
CA SER E 77 0.90 3.39 16.89
C SER E 77 -0.22 4.13 17.62
N THR E 78 -0.85 5.08 16.93
CA THR E 78 -1.84 5.95 17.55
C THR E 78 -3.13 5.93 16.75
N VAL E 79 -4.26 5.80 17.47
CA VAL E 79 -5.59 5.88 16.86
C VAL E 79 -6.21 7.23 17.22
N TYR E 80 -7.03 7.75 16.31
CA TYR E 80 -7.60 9.08 16.44
C TYR E 80 -9.10 9.03 16.20
N MET E 81 -9.86 9.64 17.10
CA MET E 81 -11.30 9.82 16.94
C MET E 81 -11.58 11.32 16.78
N GLU E 82 -12.33 11.67 15.74
CA GLU E 82 -12.69 13.06 15.47
C GLU E 82 -14.20 13.15 15.39
N LEU E 83 -14.79 13.88 16.32
CA LEU E 83 -16.23 14.11 16.35
C LEU E 83 -16.52 15.53 15.90
N SER E 84 -17.42 15.69 14.94
CA SER E 84 -17.76 16.97 14.37
C SER E 84 -19.23 17.27 14.62
N SER E 85 -19.64 18.49 14.27
CA SER E 85 -20.98 18.99 14.57
C SER E 85 -21.31 18.76 16.03
N LEU E 86 -20.40 19.20 16.90
CA LEU E 86 -20.48 18.87 18.31
C LEU E 86 -21.74 19.47 18.94
N ARG E 87 -22.30 18.73 19.91
CA ARG E 87 -23.52 19.08 20.60
C ARG E 87 -23.32 18.90 22.11
N SER E 88 -24.29 19.39 22.88
CA SER E 88 -24.11 19.48 24.32
C SER E 88 -24.01 18.12 25.04
N GLU E 89 -24.67 17.05 24.57
CA GLU E 89 -24.24 15.74 25.08
C GLU E 89 -23.19 15.08 24.21
N ASP E 90 -22.39 15.83 23.49
CA ASP E 90 -21.13 15.21 23.15
C ASP E 90 -20.12 15.45 24.27
N THR E 91 -20.50 16.25 25.27
CA THR E 91 -19.70 16.42 26.47
C THR E 91 -19.70 15.12 27.26
N ALA E 92 -18.52 14.50 27.39
CA ALA E 92 -18.42 13.19 27.99
C ALA E 92 -16.95 12.84 28.14
N VAL E 93 -16.69 11.76 28.88
CA VAL E 93 -15.35 11.19 28.95
C VAL E 93 -15.25 10.10 27.90
N TYR E 94 -14.33 10.27 26.94
CA TYR E 94 -14.14 9.34 25.85
C TYR E 94 -12.94 8.44 26.14
N TYR E 95 -13.11 7.14 25.92
CA TYR E 95 -12.10 6.14 26.20
C TYR E 95 -11.78 5.35 24.94
N CYS E 96 -10.51 4.98 24.79
CA CYS E 96 -10.07 3.99 23.82
C CYS E 96 -9.83 2.68 24.55
N ALA E 97 -10.06 1.57 23.86
CA ALA E 97 -9.93 0.27 24.49
C ALA E 97 -9.46 -0.76 23.47
N ARG E 98 -8.54 -1.62 23.90
CA ARG E 98 -8.10 -2.73 23.06
C ARG E 98 -9.17 -3.82 23.04
N ASP E 99 -9.26 -4.52 21.92
CA ASP E 99 -10.30 -5.50 21.73
C ASP E 99 -9.98 -6.80 22.47
N SER E 100 -10.99 -7.36 23.13
CA SER E 100 -10.93 -8.69 23.72
C SER E 100 -12.31 -9.33 23.53
N ARG E 101 -12.68 -9.49 22.26
CA ARG E 101 -14.05 -9.84 21.87
C ARG E 101 -15.03 -8.76 22.34
N GLY E 102 -14.66 -7.51 22.08
CA GLY E 102 -15.36 -6.37 22.61
C GLY E 102 -14.36 -5.42 23.25
N PRO E 103 -14.83 -4.34 23.86
CA PRO E 103 -13.92 -3.54 24.70
C PRO E 103 -13.32 -4.45 25.76
N GLY E 104 -12.02 -4.32 25.97
CA GLY E 104 -11.29 -5.40 26.62
C GLY E 104 -10.49 -4.98 27.84
N ILE E 105 -9.34 -5.63 27.99
CA ILE E 105 -8.56 -5.54 29.22
C ILE E 105 -7.92 -4.15 29.35
N PHE E 106 -7.33 -3.66 28.27
CA PHE E 106 -6.52 -2.45 28.32
C PHE E 106 -7.33 -1.26 27.82
N TRP E 107 -7.58 -0.31 28.70
CA TRP E 107 -8.32 0.90 28.39
C TRP E 107 -7.40 2.11 28.56
N GLY E 108 -7.93 3.28 28.18
CA GLY E 108 -7.25 4.53 28.43
C GLY E 108 -7.77 5.21 29.69
N GLN E 109 -7.06 6.26 30.11
CA GLN E 109 -7.49 7.00 31.29
C GLN E 109 -8.78 7.77 31.03
N GLY E 110 -9.05 8.12 29.78
CA GLY E 110 -10.23 8.89 29.44
C GLY E 110 -9.91 10.35 29.17
N THR E 111 -10.57 10.92 28.17
CA THR E 111 -10.41 12.32 27.79
C THR E 111 -11.75 13.02 27.94
N LEU E 112 -11.79 14.03 28.80
CA LEU E 112 -13.03 14.79 29.00
C LEU E 112 -13.17 15.85 27.91
N VAL E 113 -14.26 15.77 27.15
CA VAL E 113 -14.59 16.76 26.12
C VAL E 113 -15.85 17.48 26.57
N THR E 114 -15.73 18.78 26.83
CA THR E 114 -16.84 19.61 27.26
C THR E 114 -17.27 20.51 26.11
N VAL E 115 -18.52 20.38 25.69
CA VAL E 115 -19.12 21.24 24.68
C VAL E 115 -20.04 22.22 25.39
N SER E 116 -19.69 23.50 25.34
CA SER E 116 -20.50 24.53 25.97
C SER E 116 -20.32 25.84 25.22
N SER E 117 -21.37 26.66 25.23
CA SER E 117 -21.27 27.99 24.65
C SER E 117 -20.66 29.01 25.61
N ALA E 118 -20.46 28.66 26.87
CA ALA E 118 -19.86 29.57 27.82
C ALA E 118 -18.34 29.61 27.66
N SER E 119 -17.76 30.75 27.99
CA SER E 119 -16.32 30.93 27.88
C SER E 119 -15.59 30.24 29.03
N THR E 120 -14.38 29.76 28.74
CA THR E 120 -13.53 29.18 29.76
C THR E 120 -13.00 30.26 30.69
N LYS E 121 -12.99 29.98 31.99
CA LYS E 121 -12.51 30.91 33.00
C LYS E 121 -11.32 30.31 33.73
N GLY E 122 -10.25 31.09 33.87
CA GLY E 122 -9.08 30.61 34.56
C GLY E 122 -9.29 30.60 36.07
N PRO E 123 -8.69 29.62 36.73
CA PRO E 123 -8.82 29.50 38.19
C PRO E 123 -7.92 30.49 38.93
N SER E 124 -8.34 30.79 40.16
CA SER E 124 -7.52 31.52 41.12
C SER E 124 -7.17 30.58 42.26
N VAL E 125 -5.88 30.34 42.45
CA VAL E 125 -5.38 29.42 43.47
C VAL E 125 -4.99 30.25 44.69
N PHE E 126 -5.47 29.84 45.86
CA PHE E 126 -5.14 30.51 47.11
C PHE E 126 -4.59 29.49 48.09
N PRO E 127 -3.61 29.88 48.91
CA PRO E 127 -3.04 28.94 49.89
C PRO E 127 -3.91 28.86 51.15
N LEU E 128 -4.18 27.64 51.60
CA LEU E 128 -4.87 27.41 52.87
C LEU E 128 -3.82 26.96 53.88
N ALA E 129 -3.41 27.89 54.74
CA ALA E 129 -2.30 27.67 55.66
C ALA E 129 -2.72 26.83 56.87
N PRO E 130 -1.79 26.04 57.44
CA PRO E 130 -2.11 25.26 58.63
C PRO E 130 -2.35 26.15 59.85
N SER E 131 -2.87 25.52 60.91
CA SER E 131 -3.08 26.21 62.17
C SER E 131 -2.18 25.66 63.27
N GLY E 138 -0.81 16.68 66.79
CA GLY E 138 0.46 16.20 66.27
C GLY E 138 0.57 16.29 64.77
N THR E 139 -0.55 16.56 64.11
CA THR E 139 -0.62 16.68 62.66
C THR E 139 -1.26 18.01 62.26
N ALA E 140 -0.65 18.66 61.28
CA ALA E 140 -1.15 19.86 60.62
C ALA E 140 -1.81 19.48 59.29
N ALA E 141 -2.58 20.41 58.73
CA ALA E 141 -3.26 20.21 57.46
C ALA E 141 -3.04 21.43 56.58
N LEU E 142 -2.69 21.24 55.31
CA LEU E 142 -2.59 22.44 54.49
C LEU E 142 -3.51 22.20 53.31
N GLY E 143 -3.66 23.23 52.49
CA GLY E 143 -4.42 22.98 51.29
C GLY E 143 -4.28 24.11 50.30
N CYS E 144 -5.00 23.94 49.19
CA CYS E 144 -5.09 24.93 48.15
C CYS E 144 -6.55 25.02 47.74
N LEU E 145 -7.02 26.26 47.58
CA LEU E 145 -8.39 26.54 47.16
C LEU E 145 -8.34 27.07 45.73
N VAL E 146 -8.92 26.31 44.81
CA VAL E 146 -9.01 26.67 43.40
C VAL E 146 -10.41 27.23 43.13
N LYS E 147 -10.50 28.53 42.89
CA LYS E 147 -11.80 29.20 42.82
C LYS E 147 -12.07 29.72 41.40
N ASP E 148 -13.34 29.66 41.01
CA ASP E 148 -13.88 30.28 39.80
C ASP E 148 -13.12 29.85 38.55
N TYR E 149 -13.31 28.58 38.21
CA TYR E 149 -12.79 28.02 36.97
C TYR E 149 -13.91 27.31 36.22
N PHE E 150 -13.84 27.39 34.88
CA PHE E 150 -14.79 26.69 34.03
C PHE E 150 -14.09 26.36 32.72
N PRO E 151 -14.29 25.16 32.17
CA PRO E 151 -15.02 24.08 32.84
C PRO E 151 -14.07 23.15 33.60
N GLU E 152 -14.57 21.98 33.96
CA GLU E 152 -13.77 20.94 34.59
C GLU E 152 -12.92 20.22 33.53
N PRO E 153 -11.82 19.57 33.94
CA PRO E 153 -11.30 19.36 35.30
C PRO E 153 -10.06 20.17 35.63
N VAL E 154 -9.59 20.04 36.86
CA VAL E 154 -8.32 20.57 37.31
C VAL E 154 -7.57 19.46 38.03
N THR E 155 -6.25 19.41 37.82
CA THR E 155 -5.41 18.41 38.46
C THR E 155 -4.45 19.10 39.41
N VAL E 156 -4.43 18.68 40.67
CA VAL E 156 -3.58 19.26 41.69
C VAL E 156 -2.66 18.19 42.24
N SER E 157 -1.37 18.48 42.29
CA SER E 157 -0.37 17.61 42.88
C SER E 157 0.34 18.36 44.00
N TRP E 158 1.06 17.63 44.84
CA TRP E 158 1.80 18.23 45.93
C TRP E 158 3.26 17.81 45.82
N ASN E 159 4.16 18.81 45.82
CA ASN E 159 5.59 18.59 45.70
C ASN E 159 5.92 17.78 44.45
N SER E 160 5.26 18.13 43.34
CA SER E 160 5.50 17.51 42.03
C SER E 160 5.23 16.01 42.04
N GLY E 161 4.35 15.56 42.93
CA GLY E 161 4.01 14.15 43.02
C GLY E 161 4.78 13.38 44.07
N ALA E 162 5.76 14.00 44.72
CA ALA E 162 6.49 13.30 45.77
C ALA E 162 5.64 13.09 47.02
N LEU E 163 4.60 13.89 47.21
CA LEU E 163 3.70 13.76 48.35
C LEU E 163 2.43 13.07 47.89
N THR E 164 2.24 11.82 48.35
CA THR E 164 1.03 11.06 48.03
C THR E 164 0.29 10.54 49.26
N SER E 165 0.90 10.60 50.45
CA SER E 165 0.28 10.09 51.66
C SER E 165 -0.47 11.20 52.37
N GLY E 166 -1.72 10.95 52.71
CA GLY E 166 -2.53 11.95 53.37
C GLY E 166 -3.10 13.02 52.46
N VAL E 167 -3.05 12.82 51.15
CA VAL E 167 -3.53 13.81 50.20
C VAL E 167 -4.97 13.48 49.84
N HIS E 168 -5.87 14.45 50.07
CA HIS E 168 -7.27 14.35 49.71
C HIS E 168 -7.61 15.54 48.82
N THR E 169 -7.81 15.27 47.53
CA THR E 169 -8.30 16.27 46.59
C THR E 169 -9.81 16.15 46.51
N PHE E 170 -10.53 17.13 47.06
CA PHE E 170 -11.96 17.05 47.16
C PHE E 170 -12.64 17.32 45.82
N PRO E 171 -13.82 16.76 45.59
CA PRO E 171 -14.56 17.06 44.36
C PRO E 171 -15.03 18.51 44.32
N ALA E 172 -15.27 18.98 43.10
CA ALA E 172 -15.55 20.39 42.86
C ALA E 172 -17.03 20.70 43.14
N VAL E 173 -17.28 21.98 43.44
CA VAL E 173 -18.62 22.49 43.69
C VAL E 173 -19.05 23.34 42.50
N LEU E 174 -20.28 23.15 42.05
CA LEU E 174 -20.88 23.99 41.02
C LEU E 174 -21.60 25.14 41.71
N GLN E 175 -21.05 26.36 41.59
CA GLN E 175 -21.62 27.52 42.24
C GLN E 175 -22.82 28.06 41.47
N SER E 176 -23.56 28.96 42.12
CA SER E 176 -24.69 29.60 41.47
C SER E 176 -24.25 30.41 40.25
N SER E 177 -23.00 30.89 40.26
CA SER E 177 -22.46 31.62 39.11
C SER E 177 -22.24 30.71 37.90
N GLY E 178 -22.21 29.39 38.11
CA GLY E 178 -21.87 28.45 37.06
C GLY E 178 -20.41 28.05 37.02
N LEU E 179 -19.58 28.62 37.87
CA LEU E 179 -18.16 28.28 37.95
C LEU E 179 -17.92 27.21 39.00
N TYR E 180 -16.78 26.54 38.88
CA TYR E 180 -16.41 25.44 39.77
C TYR E 180 -15.36 25.90 40.77
N SER E 181 -15.30 25.19 41.90
CA SER E 181 -14.29 25.43 42.92
C SER E 181 -13.90 24.11 43.58
N LEU E 182 -12.62 24.00 43.93
CA LEU E 182 -12.07 22.77 44.48
C LEU E 182 -11.15 23.12 45.64
N SER E 183 -10.95 22.15 46.53
CA SER E 183 -9.99 22.31 47.62
C SER E 183 -9.22 21.01 47.78
N SER E 184 -7.90 21.11 47.91
CA SER E 184 -7.04 19.95 48.11
C SER E 184 -6.24 20.12 49.39
N VAL E 185 -6.30 19.12 50.28
CA VAL E 185 -5.61 19.19 51.56
C VAL E 185 -4.67 17.99 51.69
N VAL E 186 -3.57 18.19 52.41
CA VAL E 186 -2.78 17.05 52.88
C VAL E 186 -2.48 17.24 54.37
N THR E 187 -2.68 16.17 55.14
CA THR E 187 -2.35 16.15 56.56
C THR E 187 -0.92 15.64 56.73
N VAL E 188 -0.11 16.45 57.42
CA VAL E 188 1.34 16.29 57.49
C VAL E 188 1.79 16.39 58.95
N PRO E 189 3.00 15.90 59.25
CA PRO E 189 3.55 16.12 60.61
C PRO E 189 3.70 17.60 60.89
N SER E 190 3.38 17.98 62.13
CA SER E 190 3.42 19.39 62.55
C SER E 190 4.82 19.92 62.84
N SER E 191 5.78 19.04 63.14
CA SER E 191 7.15 19.47 63.40
C SER E 191 7.88 19.94 62.15
N SER E 192 7.45 19.50 60.97
CA SER E 192 8.13 19.83 59.73
C SER E 192 7.56 21.04 59.03
N LEU E 193 6.82 21.89 59.74
CA LEU E 193 6.35 23.12 59.12
C LEU E 193 7.50 24.07 58.81
N GLY E 194 8.66 23.92 59.49
CA GLY E 194 9.82 24.73 59.19
C GLY E 194 10.90 23.92 58.49
N THR E 195 10.80 22.60 58.50
CA THR E 195 11.73 21.71 57.86
C THR E 195 11.24 21.25 56.48
N GLN E 196 9.91 21.29 56.17
CA GLN E 196 9.42 20.90 54.86
C GLN E 196 8.90 22.12 54.10
N THR E 197 9.24 22.16 52.83
CA THR E 197 8.50 22.97 51.89
C THR E 197 7.28 22.26 51.28
N TYR E 198 6.17 22.98 51.19
CA TYR E 198 4.95 22.46 50.57
C TYR E 198 4.54 23.34 49.40
N ILE E 199 4.38 22.74 48.23
CA ILE E 199 3.96 23.45 47.04
C ILE E 199 2.82 22.66 46.39
N CYS E 200 1.70 23.33 46.15
CA CYS E 200 0.60 22.74 45.41
C CYS E 200 0.72 23.17 43.96
N ASN E 201 0.64 22.21 43.06
CA ASN E 201 0.74 22.42 41.62
C ASN E 201 -0.64 22.20 41.01
N VAL E 202 -1.29 23.29 40.63
CA VAL E 202 -2.63 23.26 40.03
C VAL E 202 -2.49 23.38 38.53
N ASN E 203 -3.26 22.56 37.80
CA ASN E 203 -3.25 22.52 36.35
C ASN E 203 -4.68 22.59 35.84
N HIS E 204 -4.95 23.59 35.01
CA HIS E 204 -6.24 23.75 34.33
C HIS E 204 -5.91 23.87 32.84
N LYS E 205 -5.96 22.73 32.15
CA LYS E 205 -5.68 22.72 30.72
C LYS E 205 -6.60 23.61 29.90
N PRO E 206 -7.92 23.67 30.14
CA PRO E 206 -8.79 24.51 29.29
C PRO E 206 -8.40 25.99 29.29
N SER E 207 -7.72 26.47 30.32
CA SER E 207 -7.29 27.87 30.36
C SER E 207 -5.78 28.02 30.36
N ASN E 208 -5.04 26.95 30.07
CA ASN E 208 -3.57 26.97 30.05
C ASN E 208 -3.01 27.50 31.37
N THR E 209 -3.58 27.04 32.48
CA THR E 209 -3.18 27.49 33.80
C THR E 209 -2.28 26.45 34.43
N LYS E 210 -1.03 26.83 34.69
CA LYS E 210 -0.08 25.99 35.41
C LYS E 210 0.46 26.84 36.56
N VAL E 211 -0.13 26.70 37.74
CA VAL E 211 0.21 27.53 38.88
C VAL E 211 0.85 26.66 39.95
N ASP E 212 1.97 27.13 40.50
CA ASP E 212 2.64 26.45 41.61
C ASP E 212 2.63 27.42 42.79
N LYS E 213 1.87 27.09 43.81
CA LYS E 213 1.71 27.97 44.97
C LYS E 213 2.38 27.35 46.19
N ARG E 214 3.15 28.16 46.90
CA ARG E 214 3.78 27.70 48.13
C ARG E 214 2.84 28.03 49.29
N VAL E 215 2.57 27.03 50.11
CA VAL E 215 1.74 27.17 51.30
C VAL E 215 2.68 27.26 52.49
N GLU E 216 2.77 28.44 53.10
CA GLU E 216 3.67 28.60 54.22
C GLU E 216 2.88 28.90 55.49
N PRO E 217 3.35 28.44 56.65
CA PRO E 217 2.63 28.71 57.91
C PRO E 217 2.71 30.17 58.30
N LYS E 218 2.24 30.50 59.51
CA LYS E 218 2.20 31.88 60.00
C LYS E 218 1.41 32.77 59.04
N SER E 219 0.12 32.44 58.93
CA SER E 219 -0.78 33.19 58.06
C SER E 219 -2.22 33.09 58.55
N VAL F 3 -29.95 -1.04 23.47
CA VAL F 3 -29.50 -1.26 24.85
C VAL F 3 -30.06 -2.53 25.43
N LEU F 4 -29.17 -3.28 26.07
CA LEU F 4 -29.57 -4.45 26.82
C LEU F 4 -30.15 -4.04 28.17
N THR F 5 -31.12 -4.80 28.64
CA THR F 5 -31.83 -4.47 29.87
C THR F 5 -31.15 -5.10 31.07
N GLN F 6 -31.04 -4.33 32.15
CA GLN F 6 -30.33 -4.72 33.36
C GLN F 6 -31.11 -4.23 34.58
N PRO F 7 -31.03 -4.95 35.70
CA PRO F 7 -31.64 -4.44 36.94
C PRO F 7 -30.99 -3.13 37.35
N PRO F 8 -31.79 -2.12 37.70
CA PRO F 8 -31.19 -0.83 38.10
C PRO F 8 -30.30 -0.90 39.32
N SER F 9 -30.65 -1.72 40.32
CA SER F 9 -29.87 -1.78 41.54
C SER F 9 -30.08 -3.13 42.23
N VAL F 10 -29.01 -3.67 42.80
CA VAL F 10 -29.08 -4.88 43.61
C VAL F 10 -28.34 -4.64 44.92
N SER F 11 -28.99 -4.93 46.04
CA SER F 11 -28.38 -4.86 47.36
C SER F 11 -28.22 -6.25 47.96
N ALA F 12 -27.08 -6.48 48.61
CA ALA F 12 -26.78 -7.77 49.22
C ALA F 12 -25.80 -7.55 50.37
N ALA F 13 -25.64 -8.63 51.21
CA ALA F 13 -24.87 -8.66 52.44
C ALA F 13 -23.45 -9.16 52.17
N PRO F 14 -22.47 -8.75 53.00
CA PRO F 14 -21.09 -9.17 52.75
C PRO F 14 -20.94 -10.68 52.85
N GLU F 15 -20.04 -11.22 52.03
CA GLU F 15 -19.73 -12.64 52.05
C GLU F 15 -20.94 -13.46 51.60
N ARG F 16 -21.54 -13.08 50.48
CA ARG F 16 -22.63 -13.84 49.88
C ARG F 16 -22.54 -13.70 48.35
N LYS F 17 -23.38 -14.46 47.64
CA LYS F 17 -23.41 -14.47 46.18
C LYS F 17 -24.58 -13.62 45.66
N VAL F 18 -24.27 -12.84 44.63
CA VAL F 18 -25.16 -11.90 43.96
C VAL F 18 -25.23 -12.27 42.48
N THR F 19 -26.38 -11.98 41.86
CA THR F 19 -26.60 -12.28 40.45
C THR F 19 -27.18 -11.04 39.75
N ILE F 20 -26.56 -10.65 38.63
CA ILE F 20 -27.01 -9.54 37.81
C ILE F 20 -27.38 -10.09 36.44
N SER F 21 -28.56 -9.75 35.95
CA SER F 21 -29.08 -10.31 34.71
C SER F 21 -29.04 -9.28 33.60
N CYS F 22 -28.59 -9.71 32.42
CA CYS F 22 -28.57 -8.88 31.22
C CYS F 22 -29.49 -9.55 30.20
N SER F 23 -30.64 -8.93 29.93
CA SER F 23 -31.61 -9.48 29.02
C SER F 23 -31.54 -8.75 27.68
N GLY F 24 -31.60 -9.52 26.60
CA GLY F 24 -31.58 -8.94 25.27
C GLY F 24 -32.49 -9.67 24.32
N SER F 25 -32.15 -9.64 23.03
CA SER F 25 -32.91 -10.27 21.97
C SER F 25 -31.95 -11.09 21.10
N SER F 26 -32.48 -11.71 20.05
CA SER F 26 -31.72 -12.68 19.28
C SER F 26 -30.48 -12.08 18.60
N SER F 27 -30.52 -10.81 18.22
CA SER F 27 -29.41 -10.26 17.45
C SER F 27 -28.15 -10.04 18.30
N ASN F 28 -28.31 -9.67 19.57
CA ASN F 28 -27.14 -9.34 20.37
C ASN F 28 -26.67 -10.50 21.24
N ILE F 29 -27.48 -10.91 22.22
CA ILE F 29 -27.03 -11.97 23.13
C ILE F 29 -27.22 -13.34 22.49
N GLY F 30 -28.24 -13.51 21.66
CA GLY F 30 -28.50 -14.83 21.09
C GLY F 30 -27.47 -15.27 20.08
N THR F 31 -26.82 -14.32 19.40
CA THR F 31 -25.85 -14.63 18.36
C THR F 31 -24.41 -14.34 18.73
N ASN F 32 -24.15 -13.47 19.71
CA ASN F 32 -22.81 -12.97 19.95
C ASN F 32 -22.40 -13.13 21.40
N PHE F 33 -21.09 -12.97 21.63
CA PHE F 33 -20.52 -13.11 22.96
C PHE F 33 -20.95 -11.94 23.85
N VAL F 34 -20.98 -12.20 25.16
CA VAL F 34 -21.36 -11.20 26.15
C VAL F 34 -20.16 -10.92 27.03
N SER F 35 -19.95 -9.65 27.35
CA SER F 35 -18.86 -9.20 28.20
C SER F 35 -19.41 -8.39 29.37
N TRP F 36 -18.79 -8.56 30.53
CA TRP F 36 -19.21 -7.90 31.76
C TRP F 36 -18.09 -6.98 32.24
N TYR F 37 -18.48 -5.77 32.66
CA TYR F 37 -17.57 -4.71 33.06
C TYR F 37 -17.96 -4.18 34.44
N GLN F 38 -16.96 -3.69 35.17
CA GLN F 38 -17.15 -3.07 36.47
C GLN F 38 -16.59 -1.66 36.45
N GLN F 39 -17.34 -0.71 37.00
CA GLN F 39 -16.90 0.67 37.15
C GLN F 39 -16.98 1.04 38.63
N LEU F 40 -15.82 1.06 39.29
CA LEU F 40 -15.74 1.60 40.63
C LEU F 40 -15.86 3.12 40.57
N PRO F 41 -16.34 3.76 41.64
CA PRO F 41 -16.52 5.21 41.59
C PRO F 41 -15.21 5.92 41.30
N GLY F 42 -15.25 6.89 40.38
CA GLY F 42 -14.10 7.67 40.03
C GLY F 42 -13.14 7.01 39.06
N THR F 43 -13.41 5.78 38.64
CA THR F 43 -12.52 5.01 37.81
C THR F 43 -13.12 4.72 36.43
N ALA F 44 -12.26 4.19 35.56
CA ALA F 44 -12.59 3.73 34.23
C ALA F 44 -13.20 2.32 34.27
N PRO F 45 -13.97 1.95 33.25
CA PRO F 45 -14.56 0.59 33.25
C PRO F 45 -13.49 -0.48 33.30
N LYS F 46 -13.78 -1.52 34.08
CA LYS F 46 -12.91 -2.67 34.26
C LYS F 46 -13.54 -3.87 33.58
N LEU F 47 -12.78 -4.54 32.71
CA LEU F 47 -13.32 -5.76 32.11
C LEU F 47 -13.32 -6.87 33.16
N LEU F 48 -14.49 -7.47 33.36
CA LEU F 48 -14.63 -8.57 34.31
C LEU F 48 -14.77 -9.92 33.64
N ILE F 49 -15.57 -10.00 32.59
CA ILE F 49 -15.83 -11.26 31.89
C ILE F 49 -15.86 -10.98 30.40
N TYR F 50 -15.27 -11.88 29.61
CA TYR F 50 -15.39 -11.81 28.16
C TYR F 50 -15.71 -13.20 27.63
N GLU F 51 -16.30 -13.24 26.44
CA GLU F 51 -16.71 -14.49 25.81
C GLU F 51 -17.64 -15.29 26.72
N ASN F 52 -18.55 -14.57 27.38
CA ASN F 52 -19.64 -15.11 28.20
C ASN F 52 -19.18 -15.66 29.55
N ASN F 53 -18.02 -16.31 29.60
CA ASN F 53 -17.56 -16.89 30.86
C ASN F 53 -16.08 -16.67 31.14
N LYS F 54 -15.27 -16.31 30.16
CA LYS F 54 -13.83 -16.23 30.35
C LYS F 54 -13.47 -15.06 31.26
N ARG F 55 -12.40 -15.24 32.03
CA ARG F 55 -11.98 -14.25 33.02
C ARG F 55 -10.66 -13.64 32.62
N PRO F 56 -10.59 -12.32 32.42
CA PRO F 56 -9.30 -11.68 32.21
C PRO F 56 -8.44 -11.80 33.47
N SER F 57 -7.12 -11.86 33.26
CA SER F 57 -6.20 -12.01 34.37
C SER F 57 -6.32 -10.87 35.37
N GLY F 58 -6.24 -11.22 36.65
CA GLY F 58 -6.40 -10.28 37.73
C GLY F 58 -7.79 -10.25 38.32
N ILE F 59 -8.78 -10.79 37.60
CA ILE F 59 -10.16 -10.84 38.08
C ILE F 59 -10.31 -12.09 38.94
N PRO F 60 -10.75 -11.94 40.19
CA PRO F 60 -10.88 -13.11 41.08
C PRO F 60 -11.94 -14.08 40.60
N ASP F 61 -11.78 -15.34 41.00
CA ASP F 61 -12.71 -16.40 40.63
C ASP F 61 -14.10 -16.18 41.20
N ARG F 62 -14.25 -15.27 42.16
CA ARG F 62 -15.57 -14.96 42.69
C ARG F 62 -16.49 -14.35 41.63
N PHE F 63 -15.92 -13.84 40.54
CA PHE F 63 -16.70 -13.33 39.43
C PHE F 63 -16.90 -14.44 38.40
N SER F 64 -18.15 -14.66 37.99
CA SER F 64 -18.50 -15.74 37.08
C SER F 64 -19.50 -15.23 36.06
N GLY F 65 -19.49 -15.85 34.89
CA GLY F 65 -20.34 -15.43 33.79
C GLY F 65 -21.03 -16.61 33.14
N SER F 66 -22.27 -16.40 32.72
CA SER F 66 -23.05 -17.44 32.07
C SER F 66 -23.96 -16.82 31.02
N LYS F 67 -24.27 -17.60 29.99
CA LYS F 67 -25.13 -17.14 28.90
C LYS F 67 -26.06 -18.28 28.52
N SER F 68 -27.30 -17.94 28.18
CA SER F 68 -28.31 -18.92 27.81
C SER F 68 -29.31 -18.21 26.90
N GLY F 69 -29.35 -18.63 25.64
CA GLY F 69 -30.31 -18.06 24.71
C GLY F 69 -30.05 -16.58 24.51
N THR F 70 -31.05 -15.77 24.84
CA THR F 70 -30.96 -14.32 24.74
C THR F 70 -30.72 -13.64 26.09
N SER F 71 -30.25 -14.38 27.09
CA SER F 71 -30.03 -13.83 28.42
C SER F 71 -28.62 -14.17 28.90
N ALA F 72 -28.07 -13.30 29.73
CA ALA F 72 -26.77 -13.50 30.35
C ALA F 72 -26.86 -13.18 31.83
N THR F 73 -25.96 -13.77 32.61
CA THR F 73 -25.94 -13.55 34.05
C THR F 73 -24.51 -13.46 34.54
N LEU F 74 -24.28 -12.50 35.44
CA LEU F 74 -23.01 -12.33 36.12
C LEU F 74 -23.21 -12.64 37.60
N GLY F 75 -22.34 -13.46 38.15
CA GLY F 75 -22.43 -13.87 39.55
C GLY F 75 -21.19 -13.45 40.31
N ILE F 76 -21.40 -12.90 41.50
CA ILE F 76 -20.30 -12.50 42.37
C ILE F 76 -20.48 -13.25 43.70
N THR F 77 -19.53 -14.11 44.03
CA THR F 77 -19.57 -14.84 45.29
C THR F 77 -18.66 -14.17 46.31
N GLY F 78 -18.94 -14.41 47.57
CA GLY F 78 -18.12 -13.81 48.61
C GLY F 78 -18.14 -12.29 48.57
N LEU F 79 -19.32 -11.71 48.34
CA LEU F 79 -19.44 -10.27 48.08
C LEU F 79 -18.69 -9.45 49.11
N GLN F 80 -17.77 -8.62 48.63
CA GLN F 80 -16.91 -7.79 49.47
C GLN F 80 -17.33 -6.34 49.39
N THR F 81 -16.82 -5.55 50.34
CA THR F 81 -17.06 -4.11 50.34
C THR F 81 -16.47 -3.48 49.09
N GLY F 82 -15.35 -4.01 48.58
CA GLY F 82 -14.72 -3.47 47.39
C GLY F 82 -15.49 -3.72 46.12
N ASP F 83 -16.46 -4.63 46.15
CA ASP F 83 -17.28 -4.95 44.99
C ASP F 83 -18.39 -3.94 44.75
N GLU F 84 -18.56 -2.94 45.63
CA GLU F 84 -19.60 -1.93 45.42
C GLU F 84 -19.18 -1.05 44.24
N ALA F 85 -19.93 -1.14 43.15
CA ALA F 85 -19.60 -0.44 41.91
C ALA F 85 -20.81 -0.53 40.98
N ASP F 86 -20.68 0.07 39.80
CA ASP F 86 -21.69 -0.03 38.75
C ASP F 86 -21.26 -1.10 37.76
N TYR F 87 -22.11 -2.10 37.54
CA TYR F 87 -21.78 -3.22 36.67
C TYR F 87 -22.56 -3.11 35.36
N TYR F 88 -21.86 -3.34 34.25
CA TYR F 88 -22.42 -3.19 32.91
C TYR F 88 -22.24 -4.47 32.11
N CYS F 89 -23.17 -4.72 31.21
CA CYS F 89 -23.06 -5.83 30.27
C CYS F 89 -23.00 -5.26 28.85
N GLY F 90 -22.36 -6.01 27.97
CA GLY F 90 -22.22 -5.58 26.59
C GLY F 90 -22.19 -6.76 25.66
N ALA F 91 -22.58 -6.51 24.41
CA ALA F 91 -22.61 -7.56 23.39
C ALA F 91 -22.55 -6.88 22.04
N TRP F 92 -22.44 -7.69 20.99
CA TRP F 92 -22.47 -7.18 19.63
C TRP F 92 -23.85 -7.45 19.03
N ASP F 93 -24.53 -6.39 18.61
CA ASP F 93 -25.79 -6.50 17.89
C ASP F 93 -25.46 -6.56 16.41
N SER F 94 -25.73 -7.70 15.79
CA SER F 94 -25.43 -7.90 14.38
C SER F 94 -26.47 -7.28 13.47
N THR F 95 -27.65 -6.93 14.00
CA THR F 95 -28.61 -6.21 13.16
C THR F 95 -28.08 -4.85 12.70
N PRO F 96 -27.59 -3.95 13.57
CA PRO F 96 -27.00 -2.72 13.06
C PRO F 96 -25.50 -2.85 12.81
N GLY F 97 -24.87 -3.80 13.48
CA GLY F 97 -23.43 -3.93 13.46
C GLY F 97 -22.84 -2.99 14.49
N THR F 98 -23.27 -3.11 15.74
CA THR F 98 -22.89 -2.14 16.75
C THR F 98 -22.77 -2.83 18.10
N TRP F 99 -21.77 -2.44 18.89
CA TRP F 99 -21.65 -2.96 20.25
C TRP F 99 -22.64 -2.22 21.15
N VAL F 100 -23.53 -2.97 21.79
CA VAL F 100 -24.56 -2.42 22.67
C VAL F 100 -24.20 -2.73 24.11
N PHE F 101 -24.33 -1.73 24.98
CA PHE F 101 -24.09 -1.86 26.40
C PHE F 101 -25.42 -1.95 27.15
N GLY F 102 -25.34 -2.37 28.41
CA GLY F 102 -26.49 -2.36 29.28
C GLY F 102 -26.69 -1.01 29.95
N GLY F 103 -27.77 -0.91 30.72
CA GLY F 103 -28.07 0.34 31.41
C GLY F 103 -27.32 0.54 32.70
N GLY F 104 -26.78 -0.52 33.27
CA GLY F 104 -26.00 -0.43 34.49
C GLY F 104 -26.76 -0.98 35.68
N THR F 105 -26.03 -1.64 36.58
CA THR F 105 -26.58 -2.17 37.82
C THR F 105 -25.69 -1.70 38.96
N ARG F 106 -26.25 -0.92 39.88
CA ARG F 106 -25.50 -0.45 41.04
C ARG F 106 -25.60 -1.49 42.15
N LEU F 107 -24.45 -2.07 42.51
CA LEU F 107 -24.39 -3.04 43.59
C LEU F 107 -24.10 -2.32 44.89
N THR F 108 -24.87 -2.64 45.94
CA THR F 108 -24.69 -2.07 47.27
C THR F 108 -24.52 -3.19 48.29
N VAL F 109 -23.43 -3.16 49.04
CA VAL F 109 -23.24 -4.12 50.12
C VAL F 109 -24.02 -3.64 51.34
N LEU F 110 -24.70 -4.58 52.00
CA LEU F 110 -25.63 -4.23 53.09
C LEU F 110 -25.05 -4.40 54.48
N GLY F 111 -23.77 -4.78 54.60
CA GLY F 111 -23.09 -4.91 55.87
C GLY F 111 -22.52 -3.63 56.43
N GLN F 112 -22.64 -2.56 55.66
CA GLN F 112 -22.19 -1.20 55.91
C GLN F 112 -22.41 -0.72 57.34
N PRO F 113 -21.32 -0.49 58.10
CA PRO F 113 -21.45 0.10 59.44
C PRO F 113 -21.92 1.54 59.40
N LYS F 114 -21.39 2.37 60.32
CA LYS F 114 -21.70 3.79 60.35
C LYS F 114 -20.44 4.54 60.75
N ALA F 115 -20.12 5.61 60.03
CA ALA F 115 -18.92 6.40 60.26
C ALA F 115 -19.28 7.86 60.54
N ALA F 116 -18.47 8.51 61.38
CA ALA F 116 -18.67 9.90 61.77
C ALA F 116 -17.88 10.82 60.84
N PRO F 117 -18.48 11.92 60.39
CA PRO F 117 -17.75 12.85 59.51
C PRO F 117 -16.53 13.43 60.20
N SER F 118 -15.42 13.50 59.45
CA SER F 118 -14.22 14.22 59.85
C SER F 118 -14.23 15.59 59.17
N VAL F 119 -14.38 16.65 59.96
CA VAL F 119 -14.60 17.99 59.43
C VAL F 119 -13.35 18.85 59.66
N THR F 120 -12.97 19.62 58.64
CA THR F 120 -11.87 20.56 58.73
C THR F 120 -12.27 21.90 58.12
N LEU F 121 -12.06 22.98 58.86
CA LEU F 121 -12.40 24.33 58.43
C LEU F 121 -11.15 25.19 58.24
N PHE F 122 -11.01 25.80 57.05
CA PHE F 122 -9.90 26.69 56.73
C PHE F 122 -10.38 28.15 56.64
N PRO F 123 -9.66 29.09 57.26
CA PRO F 123 -10.11 30.49 57.27
C PRO F 123 -9.85 31.17 55.94
N PRO F 124 -10.42 32.36 55.72
CA PRO F 124 -10.10 33.10 54.50
C PRO F 124 -8.61 33.41 54.44
N SER F 125 -8.06 33.31 53.24
CA SER F 125 -6.63 33.55 53.02
C SER F 125 -6.31 35.04 53.08
N SER F 126 -5.08 35.34 53.50
CA SER F 126 -4.65 36.74 53.45
C SER F 126 -4.61 37.24 52.00
N GLU F 127 -4.15 36.39 51.07
CA GLU F 127 -4.09 36.77 49.67
C GLU F 127 -5.47 36.96 49.07
N GLU F 128 -6.46 36.20 49.52
CA GLU F 128 -7.82 36.43 49.05
C GLU F 128 -8.38 37.72 49.63
N LEU F 129 -8.09 37.99 50.90
CA LEU F 129 -8.47 39.25 51.52
C LEU F 129 -7.73 40.44 50.91
N GLN F 130 -6.48 40.24 50.46
CA GLN F 130 -5.79 41.32 49.74
C GLN F 130 -6.46 41.61 48.41
N ALA F 131 -7.24 40.67 47.89
CA ALA F 131 -8.02 40.84 46.66
C ALA F 131 -9.47 41.19 46.94
N ASN F 132 -9.79 41.56 48.19
CA ASN F 132 -11.14 41.99 48.58
C ASN F 132 -12.17 40.88 48.43
N LYS F 133 -11.77 39.64 48.75
CA LYS F 133 -12.68 38.51 48.77
C LYS F 133 -12.36 37.63 49.98
N ALA F 134 -13.38 36.94 50.49
CA ALA F 134 -13.22 36.04 51.62
C ALA F 134 -13.95 34.74 51.34
N THR F 135 -13.30 33.61 51.62
CA THR F 135 -13.95 32.32 51.44
C THR F 135 -13.60 31.38 52.59
N LEU F 136 -14.63 30.79 53.19
CA LEU F 136 -14.48 29.78 54.22
C LEU F 136 -14.73 28.40 53.60
N VAL F 137 -13.85 27.45 53.91
CA VAL F 137 -13.85 26.13 53.28
C VAL F 137 -14.07 25.09 54.37
N CYS F 138 -15.24 24.44 54.35
CA CYS F 138 -15.55 23.33 55.24
C CYS F 138 -15.45 22.04 54.45
N LEU F 139 -14.49 21.19 54.81
CA LEU F 139 -14.24 19.94 54.10
C LEU F 139 -14.64 18.77 54.98
N ILE F 140 -15.57 17.95 54.51
CA ILE F 140 -16.09 16.81 55.25
C ILE F 140 -15.62 15.54 54.57
N SER F 141 -15.10 14.60 55.35
CA SER F 141 -14.54 13.38 54.79
C SER F 141 -14.85 12.19 55.67
N ASP F 142 -14.73 11.01 55.09
CA ASP F 142 -14.84 9.73 55.80
C ASP F 142 -16.14 9.63 56.60
N PHE F 143 -17.26 9.69 55.89
CA PHE F 143 -18.56 9.57 56.56
C PHE F 143 -19.47 8.60 55.81
N TYR F 144 -20.25 7.84 56.58
CA TYR F 144 -21.18 6.82 56.12
C TYR F 144 -22.28 6.72 57.17
N PRO F 145 -23.58 6.73 56.77
CA PRO F 145 -24.13 6.81 55.41
C PRO F 145 -23.85 8.11 54.66
N GLY F 146 -24.20 8.13 53.38
CA GLY F 146 -23.89 9.22 52.50
C GLY F 146 -24.93 10.32 52.56
N ALA F 147 -24.92 11.07 53.67
CA ALA F 147 -25.84 12.19 53.85
C ALA F 147 -25.23 13.12 54.89
N VAL F 148 -25.37 14.42 54.65
CA VAL F 148 -24.77 15.42 55.52
C VAL F 148 -25.62 16.68 55.46
N THR F 149 -25.77 17.35 56.59
CA THR F 149 -26.42 18.65 56.65
C THR F 149 -25.42 19.65 57.18
N VAL F 150 -25.19 20.73 56.44
CA VAL F 150 -24.18 21.72 56.80
C VAL F 150 -24.88 23.03 57.12
N ALA F 151 -24.50 23.65 58.23
CA ALA F 151 -24.99 24.96 58.60
C ALA F 151 -23.83 25.81 59.08
N TRP F 152 -23.84 27.08 58.67
CA TRP F 152 -22.78 28.01 59.04
C TRP F 152 -23.32 29.03 60.03
N LYS F 153 -22.44 29.50 60.90
CA LYS F 153 -22.80 30.45 61.94
C LYS F 153 -21.80 31.59 62.01
N ALA F 154 -22.32 32.82 62.02
CA ALA F 154 -21.52 34.03 62.21
C ALA F 154 -21.76 34.47 63.66
N ASP F 155 -20.79 34.18 64.52
CA ASP F 155 -20.88 34.49 65.95
C ASP F 155 -22.17 33.93 66.55
N SER F 156 -22.45 32.67 66.23
CA SER F 156 -23.60 31.86 66.64
C SER F 156 -24.89 32.25 65.91
N SER F 157 -24.88 33.29 65.05
CA SER F 157 -26.12 33.55 64.32
C SER F 157 -26.15 32.72 63.05
N PRO F 158 -27.26 32.02 62.74
CA PRO F 158 -27.26 31.19 61.54
C PRO F 158 -27.12 32.05 60.30
N VAL F 159 -26.31 31.58 59.35
CA VAL F 159 -26.16 32.26 58.06
C VAL F 159 -26.49 31.25 56.98
N LYS F 160 -27.37 31.64 56.06
CA LYS F 160 -27.76 30.82 54.93
C LYS F 160 -27.51 31.51 53.60
N ALA F 161 -26.99 32.72 53.62
CA ALA F 161 -26.63 33.44 52.40
C ALA F 161 -25.16 33.21 52.07
N GLY F 162 -24.87 32.99 50.79
CA GLY F 162 -23.52 32.71 50.38
C GLY F 162 -23.00 31.36 50.81
N VAL F 163 -23.87 30.37 50.92
CA VAL F 163 -23.48 29.01 51.29
C VAL F 163 -23.71 28.12 50.07
N GLU F 164 -22.63 27.48 49.61
CA GLU F 164 -22.73 26.52 48.51
C GLU F 164 -22.10 25.21 48.93
N THR F 165 -22.88 24.14 48.96
CA THR F 165 -22.44 22.83 49.43
C THR F 165 -22.52 21.81 48.31
N THR F 166 -21.60 20.85 48.33
CA THR F 166 -21.56 19.80 47.32
C THR F 166 -22.48 18.65 47.70
N THR F 167 -22.87 17.89 46.68
CA THR F 167 -23.51 16.62 46.97
C THR F 167 -22.47 15.60 47.39
N PRO F 168 -22.81 14.69 48.30
CA PRO F 168 -21.83 13.70 48.75
C PRO F 168 -21.33 12.83 47.61
N SER F 169 -20.05 12.48 47.66
CA SER F 169 -19.42 11.68 46.62
C SER F 169 -18.64 10.54 47.26
N LYS F 170 -18.85 9.33 46.76
CA LYS F 170 -18.13 8.17 47.28
C LYS F 170 -16.68 8.15 46.81
N GLN F 171 -15.79 7.70 47.67
CA GLN F 171 -14.38 7.55 47.37
C GLN F 171 -14.01 6.05 47.36
N SER F 172 -12.71 5.76 47.31
CA SER F 172 -12.26 4.37 47.27
C SER F 172 -12.62 3.60 48.54
N ASN F 173 -12.66 4.26 49.69
CA ASN F 173 -12.95 3.54 50.94
C ASN F 173 -14.42 3.18 51.10
N ASN F 174 -15.26 3.53 50.12
CA ASN F 174 -16.70 3.34 50.04
C ASN F 174 -17.47 4.31 50.92
N LYS F 175 -16.81 5.18 51.67
CA LYS F 175 -17.47 6.27 52.37
C LYS F 175 -17.56 7.50 51.46
N TYR F 176 -18.28 8.51 51.92
CA TYR F 176 -18.57 9.69 51.12
C TYR F 176 -17.79 10.90 51.63
N ALA F 177 -17.68 11.91 50.77
CA ALA F 177 -16.96 13.14 51.07
C ALA F 177 -17.76 14.32 50.51
N ALA F 178 -17.54 15.50 51.09
CA ALA F 178 -18.32 16.67 50.68
C ALA F 178 -17.55 17.96 51.01
N SER F 179 -18.07 19.06 50.48
CA SER F 179 -17.46 20.37 50.62
C SER F 179 -18.55 21.42 50.78
N SER F 180 -18.27 22.43 51.61
CA SER F 180 -19.14 23.58 51.78
C SER F 180 -18.28 24.84 51.70
N TYR F 181 -18.80 25.87 51.05
CA TYR F 181 -18.07 27.11 50.86
C TYR F 181 -18.95 28.29 51.28
N LEU F 182 -18.40 29.13 52.16
CA LEU F 182 -19.04 30.36 52.63
C LEU F 182 -18.34 31.54 51.97
N SER F 183 -19.05 32.24 51.08
CA SER F 183 -18.52 33.40 50.39
C SER F 183 -18.82 34.65 51.22
N LEU F 184 -17.77 35.28 51.77
CA LEU F 184 -17.92 36.48 52.57
C LEU F 184 -17.13 37.64 51.98
N THR F 185 -17.53 38.83 52.39
CA THR F 185 -16.84 40.09 52.18
C THR F 185 -15.72 40.24 53.20
N PRO F 186 -14.64 40.95 52.85
CA PRO F 186 -13.53 41.11 53.81
C PRO F 186 -13.95 41.73 55.12
N GLU F 187 -14.93 42.64 55.09
CA GLU F 187 -15.43 43.22 56.33
C GLU F 187 -16.08 42.16 57.22
N GLN F 188 -16.95 41.32 56.66
CA GLN F 188 -17.67 40.32 57.45
C GLN F 188 -16.75 39.34 58.15
N TRP F 189 -15.55 39.10 57.62
CA TRP F 189 -14.64 38.20 58.33
C TRP F 189 -14.13 38.87 59.59
N LYS F 190 -13.76 40.15 59.50
CA LYS F 190 -13.34 40.91 60.66
C LYS F 190 -14.50 41.57 61.40
N SER F 191 -15.65 41.79 60.74
CA SER F 191 -16.78 42.40 61.43
C SER F 191 -17.34 41.47 62.50
N HIS F 192 -17.18 40.17 62.31
CA HIS F 192 -17.53 39.18 63.30
C HIS F 192 -16.24 38.66 63.93
N ARG F 193 -16.39 37.82 64.94
CA ARG F 193 -15.26 37.26 65.66
C ARG F 193 -15.17 35.75 65.53
N SER F 194 -16.22 35.08 65.07
CA SER F 194 -16.30 33.62 65.19
C SER F 194 -17.21 33.07 64.09
N TYR F 195 -16.62 32.44 63.08
CA TYR F 195 -17.38 31.72 62.07
C TYR F 195 -17.27 30.22 62.32
N SER F 196 -18.40 29.51 62.19
CA SER F 196 -18.47 28.11 62.57
C SER F 196 -19.17 27.30 61.49
N CYS F 197 -18.70 26.07 61.29
CA CYS F 197 -19.33 25.11 60.40
C CYS F 197 -19.79 23.93 61.25
N GLN F 198 -21.10 23.66 61.21
CA GLN F 198 -21.71 22.56 61.95
C GLN F 198 -22.23 21.54 60.96
N VAL F 199 -21.81 20.29 61.13
CA VAL F 199 -22.11 19.21 60.21
C VAL F 199 -22.91 18.16 60.97
N THR F 200 -24.10 17.86 60.46
CA THR F 200 -25.04 16.95 61.10
C THR F 200 -25.14 15.68 60.26
N HIS F 201 -24.92 14.54 60.92
CA HIS F 201 -25.01 13.24 60.30
C HIS F 201 -25.72 12.30 61.25
N GLU F 202 -26.87 11.77 60.81
CA GLU F 202 -27.63 10.76 61.54
C GLU F 202 -27.85 11.14 63.01
N GLY F 203 -28.04 12.43 63.25
CA GLY F 203 -28.34 12.96 64.56
C GLY F 203 -27.18 13.50 65.35
N SER F 204 -25.94 13.16 64.98
CA SER F 204 -24.79 13.73 65.67
C SER F 204 -24.28 14.95 64.91
N THR F 205 -23.62 15.85 65.63
CA THR F 205 -23.13 17.09 65.04
C THR F 205 -21.67 17.30 65.41
N VAL F 206 -20.85 17.62 64.40
CA VAL F 206 -19.46 17.98 64.59
C VAL F 206 -19.26 19.40 64.09
N GLU F 207 -18.67 20.25 64.91
CA GLU F 207 -18.55 21.67 64.59
C GLU F 207 -17.11 22.13 64.72
N LYS F 208 -16.72 23.02 63.82
CA LYS F 208 -15.39 23.63 63.85
C LYS F 208 -15.54 25.14 63.70
N THR F 209 -14.63 25.88 64.32
CA THR F 209 -14.73 27.34 64.34
C THR F 209 -13.39 27.97 63.99
N VAL F 210 -13.46 29.07 63.23
CA VAL F 210 -12.29 29.85 62.88
C VAL F 210 -12.57 31.33 63.15
N ALA F 211 -11.50 32.08 63.41
CA ALA F 211 -11.59 33.49 63.73
C ALA F 211 -10.62 34.32 62.90
N PRO F 212 -10.96 35.57 62.61
CA PRO F 212 -10.07 36.50 61.90
C PRO F 212 -8.80 36.80 62.68
N GLN G 1 -18.47 -10.35 -15.16
CA GLN G 1 -17.25 -10.08 -15.90
C GLN G 1 -16.02 -10.58 -15.15
N VAL G 2 -16.24 -11.14 -13.96
CA VAL G 2 -15.15 -11.73 -13.20
C VAL G 2 -14.61 -12.93 -13.95
N GLN G 3 -13.32 -12.90 -14.28
CA GLN G 3 -12.70 -13.96 -15.07
C GLN G 3 -11.33 -14.30 -14.48
N LEU G 4 -11.07 -15.60 -14.33
CA LEU G 4 -9.79 -16.11 -13.85
C LEU G 4 -9.09 -16.83 -15.01
N VAL G 5 -8.02 -16.23 -15.52
CA VAL G 5 -7.31 -16.72 -16.70
C VAL G 5 -6.02 -17.40 -16.28
N GLN G 6 -5.80 -18.62 -16.77
CA GLN G 6 -4.61 -19.37 -16.43
C GLN G 6 -3.65 -19.44 -17.62
N SER G 7 -2.42 -19.81 -17.32
CA SER G 7 -1.39 -19.96 -18.33
C SER G 7 -1.64 -21.23 -19.14
N GLY G 8 -0.71 -21.54 -20.05
CA GLY G 8 -0.85 -22.66 -20.95
C GLY G 8 -0.21 -23.93 -20.44
N THR G 9 -0.42 -25.01 -21.19
CA THR G 9 0.06 -26.33 -20.81
C THR G 9 1.59 -26.34 -20.72
N GLU G 10 2.09 -27.16 -19.80
CA GLU G 10 3.52 -27.26 -19.57
C GLU G 10 3.93 -28.72 -19.53
N VAL G 11 5.07 -29.03 -20.15
CA VAL G 11 5.66 -30.36 -20.14
C VAL G 11 6.98 -30.26 -19.40
N ARG G 12 7.14 -31.11 -18.38
CA ARG G 12 8.34 -31.07 -17.55
C ARG G 12 8.89 -32.47 -17.35
N GLN G 13 10.19 -32.54 -17.20
CA GLN G 13 10.88 -33.79 -16.91
C GLN G 13 10.77 -34.10 -15.42
N PRO G 14 10.75 -35.38 -15.05
CA PRO G 14 10.73 -35.74 -13.63
C PRO G 14 11.90 -35.09 -12.91
N GLY G 15 11.60 -34.40 -11.81
CA GLY G 15 12.61 -33.66 -11.08
C GLY G 15 12.67 -32.18 -11.35
N ALA G 16 11.71 -31.63 -12.11
CA ALA G 16 11.73 -30.22 -12.48
C ALA G 16 10.67 -29.46 -11.70
N SER G 17 10.42 -28.21 -12.12
CA SER G 17 9.47 -27.32 -11.46
C SER G 17 8.58 -26.65 -12.49
N VAL G 18 7.36 -26.30 -12.08
CA VAL G 18 6.44 -25.55 -12.93
C VAL G 18 5.87 -24.37 -12.14
N ARG G 19 5.76 -23.23 -12.82
CA ARG G 19 5.10 -22.05 -12.29
C ARG G 19 3.90 -21.75 -13.18
N VAL G 20 2.71 -21.86 -12.61
CA VAL G 20 1.45 -21.57 -13.28
C VAL G 20 0.94 -20.23 -12.80
N SER G 21 0.24 -19.53 -13.69
CA SER G 21 -0.21 -18.17 -13.48
C SER G 21 -1.73 -18.13 -13.50
N CYS G 22 -2.30 -17.25 -12.66
CA CYS G 22 -3.74 -17.02 -12.63
C CYS G 22 -4.00 -15.52 -12.52
N LYS G 23 -4.42 -14.90 -13.62
CA LYS G 23 -4.79 -13.49 -13.62
C LYS G 23 -6.26 -13.34 -13.32
N ALA G 24 -6.58 -12.53 -12.31
CA ALA G 24 -7.96 -12.25 -11.93
C ALA G 24 -8.41 -10.94 -12.57
N SER G 25 -9.69 -10.89 -12.96
CA SER G 25 -10.23 -9.69 -13.57
C SER G 25 -11.70 -9.55 -13.20
N GLY G 26 -12.17 -8.30 -13.18
CA GLY G 26 -13.56 -8.00 -12.91
C GLY G 26 -13.89 -7.68 -11.47
N TYR G 27 -12.89 -7.70 -10.57
CA TYR G 27 -13.15 -7.43 -9.17
C TYR G 27 -11.85 -6.95 -8.53
N THR G 28 -11.96 -6.48 -7.29
CA THR G 28 -10.81 -6.02 -6.52
C THR G 28 -10.05 -7.25 -6.03
N PHE G 29 -8.81 -7.41 -6.51
CA PHE G 29 -8.03 -8.62 -6.24
C PHE G 29 -7.97 -8.94 -4.76
N THR G 30 -7.85 -7.91 -3.91
CA THR G 30 -7.64 -8.10 -2.48
C THR G 30 -8.89 -8.51 -1.73
N ASP G 31 -10.05 -8.55 -2.39
CA ASP G 31 -11.33 -8.79 -1.73
C ASP G 31 -11.69 -10.27 -1.64
N SER G 32 -10.89 -11.18 -2.17
CA SER G 32 -11.24 -12.59 -2.16
C SER G 32 -10.00 -13.46 -2.09
N TYR G 33 -10.09 -14.56 -1.35
CA TYR G 33 -9.04 -15.57 -1.31
C TYR G 33 -8.95 -16.30 -2.64
N ILE G 34 -7.80 -16.90 -2.92
CA ILE G 34 -7.64 -17.71 -4.12
C ILE G 34 -7.17 -19.10 -3.72
N HIS G 35 -7.86 -20.12 -4.24
CA HIS G 35 -7.54 -21.53 -4.01
C HIS G 35 -6.85 -22.11 -5.24
N TRP G 36 -6.01 -23.10 -4.99
CA TRP G 36 -5.39 -23.92 -6.04
C TRP G 36 -5.78 -25.37 -5.78
N VAL G 37 -6.39 -25.99 -6.80
CA VAL G 37 -6.91 -27.35 -6.75
C VAL G 37 -6.52 -28.08 -8.03
N ARG G 38 -6.10 -29.34 -7.92
CA ARG G 38 -5.69 -30.10 -9.08
C ARG G 38 -6.60 -31.32 -9.30
N GLN G 39 -6.71 -31.75 -10.55
CA GLN G 39 -7.42 -32.96 -10.92
C GLN G 39 -6.53 -33.80 -11.83
N ALA G 40 -6.18 -35.01 -11.38
CA ALA G 40 -5.41 -35.93 -12.20
C ALA G 40 -6.29 -36.50 -13.31
N PRO G 41 -5.70 -36.92 -14.42
CA PRO G 41 -6.51 -37.47 -15.54
C PRO G 41 -7.30 -38.69 -15.09
N GLY G 42 -8.62 -38.57 -15.15
CA GLY G 42 -9.50 -39.65 -14.77
C GLY G 42 -9.75 -39.79 -13.28
N GLN G 43 -9.20 -38.90 -12.46
CA GLN G 43 -9.33 -38.97 -11.01
C GLN G 43 -10.15 -37.78 -10.51
N GLY G 44 -10.20 -37.61 -9.19
CA GLY G 44 -10.99 -36.57 -8.57
C GLY G 44 -10.20 -35.31 -8.26
N LEU G 45 -10.82 -34.45 -7.47
CA LEU G 45 -10.26 -33.15 -7.13
C LEU G 45 -9.38 -33.23 -5.89
N GLU G 46 -8.27 -32.51 -5.92
CA GLU G 46 -7.35 -32.45 -4.78
C GLU G 46 -6.99 -31.00 -4.51
N TRP G 47 -7.34 -30.53 -3.31
CA TRP G 47 -6.97 -29.17 -2.90
C TRP G 47 -5.46 -29.08 -2.71
N MET G 48 -4.89 -27.97 -3.15
CA MET G 48 -3.46 -27.73 -3.01
C MET G 48 -3.13 -26.59 -2.08
N GLY G 49 -3.92 -25.53 -2.07
CA GLY G 49 -3.60 -24.45 -1.16
C GLY G 49 -4.48 -23.24 -1.34
N ILE G 50 -4.26 -22.27 -0.44
CA ILE G 50 -5.01 -21.02 -0.41
C ILE G 50 -4.03 -19.87 -0.20
N ILE G 51 -4.29 -18.75 -0.89
CA ILE G 51 -3.49 -17.53 -0.78
C ILE G 51 -4.42 -16.35 -0.53
N LYS G 52 -3.99 -15.46 0.38
CA LYS G 52 -4.65 -14.19 0.62
C LYS G 52 -3.94 -13.09 -0.14
N PRO G 53 -4.60 -12.41 -1.07
CA PRO G 53 -3.92 -11.42 -1.92
C PRO G 53 -3.45 -10.16 -1.20
N SER G 54 -3.83 -9.96 0.07
CA SER G 54 -3.43 -8.74 0.76
C SER G 54 -2.00 -8.84 1.28
N GLY G 55 -1.74 -9.79 2.18
CA GLY G 55 -0.41 -9.94 2.75
C GLY G 55 0.39 -11.07 2.13
N GLY G 56 -0.24 -11.85 1.25
CA GLY G 56 0.42 -13.01 0.69
C GLY G 56 0.46 -14.20 1.61
N ASN G 57 -0.32 -14.19 2.69
CA ASN G 57 -0.36 -15.32 3.60
C ASN G 57 -0.90 -16.55 2.86
N THR G 58 -0.31 -17.71 3.17
CA THR G 58 -0.57 -18.92 2.41
C THR G 58 -0.77 -20.09 3.36
N ARG G 59 -1.64 -21.01 2.94
CA ARG G 59 -1.79 -22.30 3.63
C ARG G 59 -1.78 -23.40 2.59
N TYR G 60 -0.92 -24.39 2.80
CA TYR G 60 -0.72 -25.48 1.85
C TYR G 60 -1.11 -26.81 2.48
N ALA G 61 -1.44 -27.77 1.62
CA ALA G 61 -1.71 -29.14 2.04
C ALA G 61 -0.40 -29.86 2.37
N GLN G 62 -0.48 -30.80 3.31
CA GLN G 62 0.72 -31.49 3.76
C GLN G 62 1.38 -32.27 2.62
N ARG G 63 0.56 -32.80 1.71
CA ARG G 63 1.13 -33.55 0.59
C ARG G 63 1.94 -32.67 -0.34
N PHE G 64 1.66 -31.38 -0.38
CA PHE G 64 2.43 -30.49 -1.22
C PHE G 64 3.36 -29.57 -0.42
N GLN G 65 3.37 -29.69 0.92
CA GLN G 65 4.22 -28.83 1.72
C GLN G 65 5.70 -29.12 1.46
N GLY G 66 6.47 -28.04 1.35
CA GLY G 66 7.88 -28.15 1.01
C GLY G 66 8.17 -28.30 -0.47
N ARG G 67 7.14 -28.33 -1.32
CA ARG G 67 7.31 -28.41 -2.76
C ARG G 67 6.41 -27.46 -3.52
N VAL G 68 5.50 -26.75 -2.86
CA VAL G 68 4.58 -25.83 -3.50
C VAL G 68 4.74 -24.46 -2.86
N THR G 69 4.73 -23.41 -3.69
CA THR G 69 4.81 -22.04 -3.22
C THR G 69 3.80 -21.18 -3.97
N MET G 70 3.10 -20.32 -3.23
CA MET G 70 2.13 -19.40 -3.82
C MET G 70 2.57 -17.97 -3.56
N THR G 71 2.51 -17.14 -4.60
CA THR G 71 2.95 -15.75 -4.55
C THR G 71 1.94 -14.89 -5.29
N ARG G 72 2.06 -13.57 -5.14
CA ARG G 72 1.09 -12.67 -5.75
C ARG G 72 1.74 -11.39 -6.26
N ASP G 73 1.24 -10.91 -7.40
CA ASP G 73 1.55 -9.60 -7.95
C ASP G 73 0.23 -8.82 -7.90
N THR G 74 0.14 -7.88 -6.97
CA THR G 74 -1.09 -7.13 -6.74
C THR G 74 -1.42 -6.18 -7.90
N SER G 75 -0.38 -5.74 -8.65
CA SER G 75 -0.59 -4.79 -9.74
C SER G 75 -1.41 -5.42 -10.85
N THR G 76 -0.98 -6.57 -11.32
CA THR G 76 -1.51 -7.39 -12.40
C THR G 76 -2.62 -8.33 -11.92
N SER G 77 -2.91 -8.32 -10.63
CA SER G 77 -3.92 -9.18 -10.04
C SER G 77 -3.63 -10.63 -10.42
N THR G 78 -2.38 -11.04 -10.23
CA THR G 78 -1.96 -12.35 -10.70
C THR G 78 -1.38 -13.16 -9.55
N VAL G 79 -1.81 -14.41 -9.45
CA VAL G 79 -1.28 -15.36 -8.47
C VAL G 79 -0.38 -16.34 -9.19
N TYR G 80 0.66 -16.79 -8.51
CA TYR G 80 1.65 -17.69 -9.09
C TYR G 80 1.79 -18.89 -8.18
N MET G 81 1.65 -20.09 -8.75
CA MET G 81 1.87 -21.34 -8.02
C MET G 81 3.05 -22.08 -8.62
N GLU G 82 3.99 -22.49 -7.77
CA GLU G 82 5.19 -23.18 -8.22
C GLU G 82 5.32 -24.52 -7.50
N LEU G 83 5.22 -25.61 -8.25
CA LEU G 83 5.41 -26.95 -7.72
C LEU G 83 6.74 -27.51 -8.22
N SER G 84 7.55 -28.02 -7.30
CA SER G 84 8.89 -28.54 -7.57
C SER G 84 8.97 -30.02 -7.19
N SER G 85 10.15 -30.61 -7.44
CA SER G 85 10.38 -32.04 -7.27
C SER G 85 9.32 -32.87 -7.97
N LEU G 86 9.11 -32.55 -9.24
CA LEU G 86 8.01 -33.11 -10.01
C LEU G 86 8.15 -34.61 -10.22
N ARG G 87 7.00 -35.28 -10.22
CA ARG G 87 6.91 -36.71 -10.45
C ARG G 87 5.72 -36.97 -11.37
N SER G 88 5.63 -38.21 -11.85
CA SER G 88 4.55 -38.56 -12.78
C SER G 88 3.19 -38.44 -12.11
N GLU G 89 3.14 -38.53 -10.78
CA GLU G 89 1.87 -38.36 -10.08
C GLU G 89 1.43 -36.90 -10.01
N ASP G 90 2.30 -35.96 -10.40
CA ASP G 90 1.92 -34.57 -10.51
C ASP G 90 1.34 -34.19 -11.87
N THR G 91 1.30 -35.12 -12.82
CA THR G 91 0.65 -34.86 -14.10
C THR G 91 -0.84 -34.66 -13.87
N ALA G 92 -1.35 -33.46 -14.15
CA ALA G 92 -2.74 -33.16 -13.82
C ALA G 92 -3.12 -31.81 -14.41
N VAL G 93 -4.41 -31.53 -14.39
CA VAL G 93 -4.93 -30.21 -14.73
C VAL G 93 -5.08 -29.42 -13.43
N TYR G 94 -4.36 -28.31 -13.32
CA TYR G 94 -4.37 -27.47 -12.14
C TYR G 94 -5.26 -26.26 -12.39
N TYR G 95 -6.13 -25.96 -11.43
CA TYR G 95 -7.09 -24.86 -11.53
C TYR G 95 -6.89 -23.90 -10.37
N CYS G 96 -7.09 -22.62 -10.66
CA CYS G 96 -7.24 -21.59 -9.64
C CYS G 96 -8.72 -21.25 -9.52
N ALA G 97 -9.13 -20.87 -8.30
CA ALA G 97 -10.54 -20.59 -8.06
C ALA G 97 -10.69 -19.49 -7.03
N ARG G 98 -11.62 -18.58 -7.29
CA ARG G 98 -11.94 -17.54 -6.31
C ARG G 98 -12.75 -18.13 -5.17
N ASP G 99 -12.54 -17.60 -3.97
CA ASP G 99 -13.17 -18.18 -2.78
C ASP G 99 -14.63 -17.77 -2.68
N SER G 100 -15.47 -18.73 -2.29
CA SER G 100 -16.86 -18.50 -1.93
C SER G 100 -17.20 -19.38 -0.73
N ARG G 101 -16.50 -19.14 0.38
CA ARG G 101 -16.51 -20.03 1.54
C ARG G 101 -15.99 -21.41 1.14
N GLY G 102 -14.89 -21.40 0.40
CA GLY G 102 -14.35 -22.56 -0.25
C GLY G 102 -14.06 -22.21 -1.69
N PRO G 103 -13.59 -23.17 -2.49
CA PRO G 103 -13.54 -22.92 -3.94
C PRO G 103 -14.93 -22.60 -4.44
N GLY G 104 -15.01 -21.60 -5.31
CA GLY G 104 -16.30 -20.97 -5.53
C GLY G 104 -16.83 -20.92 -6.95
N ILE G 105 -17.53 -19.82 -7.26
CA ILE G 105 -18.28 -19.71 -8.51
C ILE G 105 -17.33 -19.58 -9.68
N PHE G 106 -16.29 -18.74 -9.54
CA PHE G 106 -15.41 -18.39 -10.66
C PHE G 106 -14.13 -19.20 -10.57
N TRP G 107 -13.91 -20.04 -11.57
CA TRP G 107 -12.73 -20.89 -11.69
C TRP G 107 -11.91 -20.45 -12.90
N GLY G 108 -10.74 -21.09 -13.06
CA GLY G 108 -9.93 -20.88 -14.25
C GLY G 108 -10.18 -21.95 -15.29
N GLN G 109 -9.62 -21.70 -16.49
CA GLN G 109 -9.77 -22.67 -17.57
C GLN G 109 -9.02 -23.96 -17.28
N GLY G 110 -7.96 -23.90 -16.47
CA GLY G 110 -7.16 -25.07 -16.16
C GLY G 110 -5.87 -25.13 -16.96
N THR G 111 -4.79 -25.53 -16.31
CA THR G 111 -3.49 -25.68 -16.94
C THR G 111 -3.05 -27.14 -16.80
N LEU G 112 -2.86 -27.82 -17.92
CA LEU G 112 -2.40 -29.20 -17.88
C LEU G 112 -0.87 -29.22 -17.77
N VAL G 113 -0.38 -29.85 -16.72
CA VAL G 113 1.06 -30.04 -16.51
C VAL G 113 1.33 -31.53 -16.62
N THR G 114 2.10 -31.90 -17.64
CA THR G 114 2.46 -33.29 -17.89
C THR G 114 3.93 -33.48 -17.52
N VAL G 115 4.19 -34.40 -16.59
CA VAL G 115 5.54 -34.75 -16.18
C VAL G 115 5.91 -36.04 -16.89
N SER G 116 6.89 -35.97 -17.78
CA SER G 116 7.30 -37.13 -18.55
C SER G 116 8.77 -37.03 -18.91
N SER G 117 9.42 -38.19 -18.99
CA SER G 117 10.79 -38.27 -19.49
C SER G 117 10.85 -38.34 -21.01
N ALA G 118 9.72 -38.54 -21.68
CA ALA G 118 9.69 -38.65 -23.13
C ALA G 118 9.74 -37.28 -23.79
N SER G 119 10.29 -37.25 -25.00
CA SER G 119 10.39 -36.03 -25.78
C SER G 119 9.05 -35.67 -26.39
N THR G 120 8.83 -34.36 -26.58
CA THR G 120 7.62 -33.91 -27.23
C THR G 120 7.62 -34.30 -28.71
N LYS G 121 6.45 -34.73 -29.18
CA LYS G 121 6.25 -35.21 -30.54
C LYS G 121 5.33 -34.25 -31.27
N GLY G 122 5.74 -33.82 -32.46
CA GLY G 122 4.92 -32.93 -33.23
C GLY G 122 3.80 -33.69 -33.92
N PRO G 123 2.63 -33.08 -34.04
CA PRO G 123 1.52 -33.75 -34.73
C PRO G 123 1.70 -33.73 -36.24
N SER G 124 1.09 -34.71 -36.89
CA SER G 124 0.98 -34.74 -38.34
C SER G 124 -0.49 -34.60 -38.72
N VAL G 125 -0.83 -33.52 -39.42
CA VAL G 125 -2.21 -33.25 -39.79
C VAL G 125 -2.43 -33.74 -41.22
N PHE G 126 -3.49 -34.53 -41.41
CA PHE G 126 -3.83 -35.03 -42.72
C PHE G 126 -5.28 -34.72 -43.03
N PRO G 127 -5.61 -34.43 -44.29
CA PRO G 127 -7.00 -34.10 -44.65
C PRO G 127 -7.83 -35.37 -44.83
N LEU G 128 -9.04 -35.37 -44.25
CA LEU G 128 -10.02 -36.42 -44.45
C LEU G 128 -11.07 -35.85 -45.41
N ALA G 129 -11.00 -36.28 -46.67
CA ALA G 129 -11.76 -35.70 -47.76
C ALA G 129 -13.23 -36.12 -47.71
N PRO G 130 -14.13 -35.26 -48.20
CA PRO G 130 -15.56 -35.58 -48.19
C PRO G 130 -15.89 -36.75 -49.12
N SER G 131 -17.05 -37.35 -48.87
CA SER G 131 -17.59 -38.44 -49.70
C SER G 131 -17.52 -38.09 -51.19
N ALA G 140 -22.86 -33.64 -45.97
CA ALA G 140 -21.52 -34.15 -46.19
C ALA G 140 -20.69 -34.07 -44.91
N ALA G 141 -19.61 -34.84 -44.84
CA ALA G 141 -18.71 -34.82 -43.71
C ALA G 141 -17.28 -34.72 -44.21
N LEU G 142 -16.53 -33.75 -43.69
CA LEU G 142 -15.10 -33.64 -43.97
C LEU G 142 -14.37 -33.51 -42.65
N GLY G 143 -13.05 -33.64 -42.66
CA GLY G 143 -12.37 -33.51 -41.40
C GLY G 143 -10.86 -33.45 -41.51
N CYS G 144 -10.23 -33.48 -40.34
CA CYS G 144 -8.78 -33.50 -40.23
C CYS G 144 -8.37 -34.54 -39.20
N LEU G 145 -7.35 -35.31 -39.54
CA LEU G 145 -6.79 -36.33 -38.66
C LEU G 145 -5.44 -35.84 -38.15
N VAL G 146 -5.35 -35.63 -36.84
CA VAL G 146 -4.12 -35.19 -36.18
C VAL G 146 -3.49 -36.44 -35.57
N LYS G 147 -2.36 -36.87 -36.13
CA LYS G 147 -1.76 -38.16 -35.84
C LYS G 147 -0.43 -38.02 -35.11
N ASP G 148 -0.18 -38.94 -34.19
CA ASP G 148 1.12 -39.16 -33.57
C ASP G 148 1.69 -37.87 -32.98
N TYR G 149 1.05 -37.44 -31.89
CA TYR G 149 1.53 -36.29 -31.13
C TYR G 149 1.64 -36.67 -29.66
N PHE G 150 2.64 -36.09 -29.00
CA PHE G 150 2.82 -36.26 -27.56
C PHE G 150 3.47 -35.00 -27.03
N PRO G 151 3.03 -34.50 -25.86
CA PRO G 151 1.86 -35.01 -25.15
C PRO G 151 0.59 -34.25 -25.51
N GLU G 152 -0.43 -34.38 -24.67
CA GLU G 152 -1.67 -33.64 -24.82
C GLU G 152 -1.49 -32.21 -24.31
N PRO G 153 -2.34 -31.27 -24.75
CA PRO G 153 -3.52 -31.38 -25.62
C PRO G 153 -3.30 -30.86 -27.05
N VAL G 154 -4.35 -30.97 -27.86
CA VAL G 154 -4.38 -30.39 -29.20
C VAL G 154 -5.70 -29.63 -29.35
N THR G 155 -5.64 -28.47 -29.99
CA THR G 155 -6.83 -27.65 -30.23
C THR G 155 -7.08 -27.58 -31.73
N VAL G 156 -8.31 -27.89 -32.14
CA VAL G 156 -8.68 -27.87 -33.55
C VAL G 156 -9.81 -26.87 -33.73
N SER G 157 -9.62 -25.95 -34.67
CA SER G 157 -10.65 -24.99 -35.07
C SER G 157 -10.88 -25.10 -36.57
N TRP G 158 -12.00 -24.55 -37.02
CA TRP G 158 -12.33 -24.56 -38.44
C TRP G 158 -12.57 -23.13 -38.92
N ASN G 159 -11.86 -22.75 -39.99
CA ASN G 159 -11.96 -21.41 -40.57
C ASN G 159 -11.73 -20.33 -39.52
N SER G 160 -10.71 -20.55 -38.69
CA SER G 160 -10.31 -19.62 -37.64
C SER G 160 -11.42 -19.40 -36.61
N GLY G 161 -12.30 -20.40 -36.45
CA GLY G 161 -13.39 -20.30 -35.50
C GLY G 161 -14.71 -19.83 -36.07
N ALA G 162 -14.75 -19.44 -37.35
CA ALA G 162 -16.02 -19.02 -37.95
C ALA G 162 -16.99 -20.18 -38.14
N LEU G 163 -16.49 -21.41 -38.19
CA LEU G 163 -17.32 -22.59 -38.37
C LEU G 163 -17.49 -23.26 -37.00
N THR G 164 -18.71 -23.19 -36.45
CA THR G 164 -19.01 -23.81 -35.17
C THR G 164 -20.18 -24.78 -35.21
N SER G 165 -20.94 -24.85 -36.30
CA SER G 165 -22.09 -25.74 -36.39
C SER G 165 -21.68 -27.05 -37.05
N GLY G 166 -22.01 -28.16 -36.39
CA GLY G 166 -21.68 -29.47 -36.91
C GLY G 166 -20.26 -29.95 -36.66
N VAL G 167 -19.51 -29.29 -35.79
CA VAL G 167 -18.12 -29.67 -35.52
C VAL G 167 -18.09 -30.61 -34.33
N HIS G 168 -17.51 -31.80 -34.54
CA HIS G 168 -17.27 -32.76 -33.47
C HIS G 168 -15.79 -33.08 -33.48
N THR G 169 -15.07 -32.58 -32.47
CA THR G 169 -13.67 -32.94 -32.25
C THR G 169 -13.65 -34.10 -31.27
N PHE G 170 -13.31 -35.28 -31.76
CA PHE G 170 -13.38 -36.51 -30.99
C PHE G 170 -12.21 -36.63 -30.00
N PRO G 171 -12.42 -37.35 -28.90
CA PRO G 171 -11.33 -37.59 -27.95
C PRO G 171 -10.21 -38.43 -28.56
N ALA G 172 -9.03 -38.28 -27.99
CA ALA G 172 -7.79 -38.84 -28.51
C ALA G 172 -7.61 -40.31 -28.09
N VAL G 173 -6.80 -41.02 -28.88
CA VAL G 173 -6.44 -42.41 -28.63
C VAL G 173 -5.00 -42.45 -28.16
N LEU G 174 -4.74 -43.21 -27.09
CA LEU G 174 -3.38 -43.48 -26.65
C LEU G 174 -2.92 -44.79 -27.29
N GLN G 175 -1.99 -44.68 -28.23
CA GLN G 175 -1.49 -45.85 -28.93
C GLN G 175 -0.45 -46.59 -28.10
N SER G 176 -0.11 -47.81 -28.55
CA SER G 176 0.89 -48.60 -27.86
C SER G 176 2.25 -47.91 -27.84
N SER G 177 2.53 -47.08 -28.84
CA SER G 177 3.78 -46.32 -28.87
C SER G 177 3.84 -45.28 -27.76
N GLY G 178 2.70 -44.93 -27.16
CA GLY G 178 2.64 -43.85 -26.21
C GLY G 178 2.25 -42.52 -26.81
N LEU G 179 2.09 -42.45 -28.13
CA LEU G 179 1.69 -41.23 -28.81
C LEU G 179 0.17 -41.17 -28.95
N TYR G 180 -0.34 -39.96 -29.13
CA TYR G 180 -1.77 -39.71 -29.22
C TYR G 180 -2.20 -39.42 -30.65
N SER G 181 -3.48 -39.66 -30.93
CA SER G 181 -4.08 -39.31 -32.20
C SER G 181 -5.53 -38.89 -31.97
N LEU G 182 -5.97 -37.91 -32.74
CA LEU G 182 -7.29 -37.31 -32.61
C LEU G 182 -7.84 -37.10 -34.02
N SER G 183 -9.15 -37.03 -34.13
CA SER G 183 -9.78 -36.71 -35.41
C SER G 183 -10.92 -35.73 -35.16
N SER G 184 -11.00 -34.71 -36.00
CA SER G 184 -12.06 -33.73 -35.91
C SER G 184 -12.84 -33.73 -37.21
N VAL G 185 -14.16 -33.90 -37.11
CA VAL G 185 -15.01 -33.96 -38.28
C VAL G 185 -16.01 -32.81 -38.19
N VAL G 186 -16.40 -32.29 -39.34
CA VAL G 186 -17.50 -31.36 -39.42
C VAL G 186 -18.48 -31.88 -40.47
N THR G 187 -19.74 -31.98 -40.09
CA THR G 187 -20.81 -32.37 -41.00
C THR G 187 -21.45 -31.11 -41.56
N VAL G 188 -21.43 -30.98 -42.88
CA VAL G 188 -21.94 -29.79 -43.57
C VAL G 188 -22.87 -30.28 -44.67
N PRO G 189 -23.79 -29.43 -45.12
CA PRO G 189 -24.58 -29.81 -46.29
C PRO G 189 -23.66 -30.01 -47.49
N SER G 190 -23.94 -31.04 -48.28
CA SER G 190 -23.12 -31.28 -49.45
C SER G 190 -23.42 -30.30 -50.56
N SER G 191 -24.59 -29.66 -50.52
CA SER G 191 -24.86 -28.57 -51.46
C SER G 191 -24.00 -27.36 -51.14
N SER G 192 -23.57 -27.21 -49.89
CA SER G 192 -22.74 -26.10 -49.48
C SER G 192 -21.26 -26.47 -49.42
N LEU G 193 -20.90 -27.65 -49.94
CA LEU G 193 -19.49 -27.98 -50.08
C LEU G 193 -18.87 -27.18 -51.22
N GLY G 194 -19.59 -27.08 -52.33
CA GLY G 194 -19.25 -26.37 -53.55
C GLY G 194 -17.98 -25.55 -53.62
N THR G 195 -18.13 -24.22 -53.47
CA THR G 195 -17.07 -23.27 -53.72
C THR G 195 -16.36 -22.71 -52.49
N GLN G 196 -16.90 -22.85 -51.28
CA GLN G 196 -16.24 -22.25 -50.12
C GLN G 196 -15.23 -23.21 -49.49
N THR G 197 -14.12 -22.64 -49.05
CA THR G 197 -13.00 -23.39 -48.49
C THR G 197 -13.17 -23.70 -47.01
N TYR G 198 -12.74 -24.91 -46.62
CA TYR G 198 -12.73 -25.33 -45.22
C TYR G 198 -11.28 -25.61 -44.86
N ILE G 199 -10.81 -24.99 -43.78
CA ILE G 199 -9.44 -25.16 -43.31
C ILE G 199 -9.47 -25.51 -41.83
N CYS G 200 -8.77 -26.58 -41.46
CA CYS G 200 -8.63 -26.95 -40.05
C CYS G 200 -7.34 -26.37 -39.51
N ASN G 201 -7.44 -25.71 -38.36
CA ASN G 201 -6.33 -25.08 -37.67
C ASN G 201 -6.02 -25.91 -36.43
N VAL G 202 -4.93 -26.65 -36.46
CA VAL G 202 -4.48 -27.51 -35.38
C VAL G 202 -3.38 -26.80 -34.61
N ASN G 203 -3.46 -26.87 -33.28
CA ASN G 203 -2.53 -26.22 -32.37
C ASN G 203 -2.05 -27.24 -31.36
N HIS G 204 -0.73 -27.44 -31.31
CA HIS G 204 -0.07 -28.26 -30.29
C HIS G 204 1.01 -27.39 -29.67
N LYS G 205 0.65 -26.75 -28.55
CA LYS G 205 1.60 -25.89 -27.84
C LYS G 205 2.87 -26.61 -27.41
N PRO G 206 2.83 -27.85 -26.90
CA PRO G 206 4.08 -28.48 -26.46
C PRO G 206 5.14 -28.61 -27.55
N SER G 207 4.75 -28.61 -28.81
CA SER G 207 5.70 -28.67 -29.92
C SER G 207 5.70 -27.41 -30.77
N ASN G 208 5.04 -26.34 -30.32
CA ASN G 208 4.94 -25.09 -31.08
C ASN G 208 4.40 -25.34 -32.48
N THR G 209 3.36 -26.17 -32.57
CA THR G 209 2.78 -26.56 -33.85
C THR G 209 1.51 -25.76 -34.11
N LYS G 210 1.52 -24.96 -35.17
CA LYS G 210 0.34 -24.25 -35.65
C LYS G 210 0.19 -24.57 -37.13
N VAL G 211 -0.66 -25.53 -37.46
CA VAL G 211 -0.80 -26.00 -38.83
C VAL G 211 -2.20 -25.68 -39.31
N ASP G 212 -2.30 -25.14 -40.52
CA ASP G 212 -3.58 -24.88 -41.16
C ASP G 212 -3.65 -25.70 -42.43
N LYS G 213 -4.50 -26.72 -42.43
CA LYS G 213 -4.61 -27.65 -43.53
C LYS G 213 -5.95 -27.48 -44.22
N ARG G 214 -5.93 -27.40 -45.55
CA ARG G 214 -7.15 -27.27 -46.32
C ARG G 214 -7.68 -28.65 -46.68
N VAL G 215 -8.97 -28.85 -46.44
CA VAL G 215 -9.66 -30.09 -46.78
C VAL G 215 -10.38 -29.84 -48.09
N GLU G 216 -9.91 -30.48 -49.15
CA GLU G 216 -10.42 -30.34 -50.50
C GLU G 216 -11.03 -31.64 -50.99
N PRO G 217 -12.05 -31.58 -51.87
CA PRO G 217 -12.73 -32.80 -52.30
C PRO G 217 -11.89 -33.71 -53.18
N LYS G 218 -12.52 -34.73 -53.74
CA LYS G 218 -11.86 -35.70 -54.61
C LYS G 218 -10.74 -36.43 -53.89
N VAL H 3 -9.90 -37.67 2.66
CA VAL H 3 -10.99 -37.63 1.70
C VAL H 3 -12.32 -37.89 2.40
N LEU H 4 -13.33 -37.09 2.06
CA LEU H 4 -14.69 -37.28 2.55
C LEU H 4 -15.37 -38.41 1.78
N THR H 5 -16.28 -39.11 2.46
CA THR H 5 -16.91 -40.30 1.90
C THR H 5 -18.12 -39.91 1.08
N GLN H 6 -18.22 -40.49 -0.13
CA GLN H 6 -19.28 -40.20 -1.07
C GLN H 6 -19.59 -41.51 -1.78
N PRO H 7 -20.84 -41.73 -2.21
CA PRO H 7 -21.12 -42.92 -3.01
C PRO H 7 -20.34 -42.88 -4.32
N PRO H 8 -19.61 -43.94 -4.65
CA PRO H 8 -18.83 -43.92 -5.90
C PRO H 8 -19.67 -43.72 -7.14
N SER H 9 -20.87 -44.29 -7.16
CA SER H 9 -21.75 -44.18 -8.30
C SER H 9 -23.19 -44.28 -7.79
N VAL H 10 -24.06 -43.45 -8.35
CA VAL H 10 -25.47 -43.46 -8.03
C VAL H 10 -26.26 -43.53 -9.34
N SER H 11 -27.19 -44.48 -9.40
CA SER H 11 -28.11 -44.59 -10.52
C SER H 11 -29.48 -44.14 -10.04
N ALA H 12 -30.19 -43.38 -10.87
CA ALA H 12 -31.47 -42.85 -10.43
C ALA H 12 -32.39 -42.61 -11.61
N ALA H 13 -33.70 -42.46 -11.30
CA ALA H 13 -34.83 -42.35 -12.19
C ALA H 13 -35.19 -40.89 -12.48
N PRO H 14 -35.73 -40.62 -13.67
CA PRO H 14 -36.11 -39.25 -14.03
C PRO H 14 -37.25 -38.74 -13.16
N GLU H 15 -37.23 -37.43 -12.92
CA GLU H 15 -38.26 -36.65 -12.22
C GLU H 15 -38.42 -37.03 -10.76
N ARG H 16 -37.68 -38.01 -10.26
CA ARG H 16 -37.71 -38.36 -8.84
C ARG H 16 -36.50 -37.74 -8.17
N LYS H 17 -36.68 -37.29 -6.93
CA LYS H 17 -35.59 -36.62 -6.24
C LYS H 17 -34.42 -37.58 -6.02
N VAL H 18 -33.22 -37.03 -6.18
CA VAL H 18 -31.99 -37.80 -6.06
C VAL H 18 -31.17 -37.23 -4.91
N THR H 19 -30.42 -38.11 -4.24
CA THR H 19 -29.68 -37.78 -3.04
C THR H 19 -28.23 -38.24 -3.16
N ILE H 20 -27.32 -37.31 -2.87
CA ILE H 20 -25.89 -37.55 -2.84
C ILE H 20 -25.46 -37.35 -1.40
N SER H 21 -24.77 -38.34 -0.83
CA SER H 21 -24.39 -38.29 0.58
C SER H 21 -22.89 -38.03 0.69
N CYS H 22 -22.51 -37.11 1.57
CA CYS H 22 -21.12 -36.80 1.87
C CYS H 22 -20.90 -37.05 3.35
N SER H 23 -20.13 -38.08 3.67
CA SER H 23 -19.84 -38.45 5.06
C SER H 23 -18.46 -37.95 5.45
N GLY H 24 -18.38 -37.36 6.64
CA GLY H 24 -17.13 -36.83 7.15
C GLY H 24 -16.95 -37.05 8.63
N SER H 25 -16.28 -36.12 9.31
CA SER H 25 -16.03 -36.20 10.73
C SER H 25 -16.42 -34.88 11.38
N SER H 26 -16.30 -34.84 12.71
CA SER H 26 -16.72 -33.63 13.44
C SER H 26 -15.85 -32.44 13.09
N SER H 27 -14.57 -32.67 12.75
CA SER H 27 -13.66 -31.57 12.48
C SER H 27 -13.95 -30.88 11.16
N ASN H 28 -14.43 -31.62 10.16
CA ASN H 28 -14.63 -31.04 8.83
C ASN H 28 -16.08 -30.61 8.61
N ILE H 29 -17.00 -31.56 8.56
CA ILE H 29 -18.39 -31.21 8.28
C ILE H 29 -19.11 -30.72 9.53
N GLY H 30 -18.75 -31.26 10.71
CA GLY H 30 -19.47 -30.88 11.91
C GLY H 30 -19.27 -29.44 12.34
N THR H 31 -18.10 -28.86 12.04
CA THR H 31 -17.79 -27.50 12.43
C THR H 31 -17.75 -26.50 11.28
N ASN H 32 -17.61 -26.96 10.04
CA ASN H 32 -17.33 -26.06 8.92
C ASN H 32 -18.36 -26.24 7.81
N PHE H 33 -18.40 -25.26 6.91
CA PHE H 33 -19.35 -25.25 5.81
C PHE H 33 -19.03 -26.34 4.78
N VAL H 34 -20.07 -26.79 4.08
CA VAL H 34 -19.94 -27.79 3.03
C VAL H 34 -20.37 -27.15 1.71
N SER H 35 -19.62 -27.43 0.64
CA SER H 35 -19.91 -26.91 -0.68
C SER H 35 -20.00 -28.06 -1.67
N TRP H 36 -20.94 -27.94 -2.62
CA TRP H 36 -21.18 -28.96 -3.63
C TRP H 36 -20.88 -28.41 -5.02
N TYR H 37 -20.18 -29.22 -5.81
CA TYR H 37 -19.72 -28.86 -7.15
C TYR H 37 -20.15 -29.92 -8.14
N GLN H 38 -20.33 -29.51 -9.40
CA GLN H 38 -20.66 -30.42 -10.49
C GLN H 38 -19.60 -30.31 -11.57
N GLN H 39 -19.13 -31.47 -12.04
CA GLN H 39 -18.17 -31.54 -13.14
C GLN H 39 -18.79 -32.38 -14.25
N LEU H 40 -19.28 -31.68 -15.27
CA LEU H 40 -19.66 -32.31 -16.53
C LEU H 40 -18.40 -32.68 -17.31
N PRO H 41 -18.48 -33.68 -18.19
CA PRO H 41 -17.27 -34.07 -18.93
C PRO H 41 -16.72 -32.91 -19.76
N GLY H 42 -15.40 -32.75 -19.70
CA GLY H 42 -14.70 -31.73 -20.45
C GLY H 42 -14.68 -30.36 -19.85
N THR H 43 -15.36 -30.15 -18.71
CA THR H 43 -15.42 -28.84 -18.08
C THR H 43 -14.75 -28.87 -16.71
N ALA H 44 -14.54 -27.67 -16.16
CA ALA H 44 -14.04 -27.44 -14.82
C ALA H 44 -15.17 -27.55 -13.82
N PRO H 45 -14.88 -27.86 -12.55
CA PRO H 45 -15.96 -27.94 -11.57
C PRO H 45 -16.70 -26.61 -11.45
N LYS H 46 -18.02 -26.70 -11.39
CA LYS H 46 -18.89 -25.54 -11.20
C LYS H 46 -19.52 -25.61 -9.83
N LEU H 47 -19.46 -24.51 -9.09
CA LEU H 47 -20.06 -24.50 -7.77
C LEU H 47 -21.59 -24.55 -7.90
N LEU H 48 -22.20 -25.49 -7.19
CA LEU H 48 -23.65 -25.64 -7.15
C LEU H 48 -24.24 -25.18 -5.84
N ILE H 49 -23.60 -25.50 -4.72
CA ILE H 49 -24.09 -25.16 -3.39
C ILE H 49 -22.92 -24.66 -2.57
N TYR H 50 -23.14 -23.59 -1.81
CA TYR H 50 -22.16 -23.13 -0.85
C TYR H 50 -22.86 -22.78 0.45
N GLU H 51 -22.11 -22.82 1.56
CA GLU H 51 -22.64 -22.56 2.88
C GLU H 51 -23.83 -23.47 3.19
N ASN H 52 -23.72 -24.73 2.76
CA ASN H 52 -24.67 -25.80 3.07
C ASN H 52 -25.97 -25.69 2.28
N ASN H 53 -26.46 -24.47 2.05
CA ASN H 53 -27.73 -24.33 1.33
C ASN H 53 -27.76 -23.25 0.26
N LYS H 54 -26.87 -22.26 0.29
CA LYS H 54 -26.97 -21.15 -0.64
C LYS H 54 -26.61 -21.56 -2.06
N ARG H 55 -27.28 -20.92 -3.02
CA ARG H 55 -27.12 -21.23 -4.44
C ARG H 55 -26.53 -20.02 -5.15
N PRO H 56 -25.39 -20.17 -5.82
CA PRO H 56 -24.87 -19.07 -6.65
C PRO H 56 -25.81 -18.78 -7.81
N SER H 57 -25.80 -17.52 -8.24
CA SER H 57 -26.69 -17.09 -9.32
C SER H 57 -26.46 -17.93 -10.56
N GLY H 58 -27.56 -18.31 -11.21
CA GLY H 58 -27.54 -19.18 -12.36
C GLY H 58 -27.79 -20.64 -12.05
N ILE H 59 -27.69 -21.04 -10.79
CA ILE H 59 -27.93 -22.42 -10.37
C ILE H 59 -29.42 -22.63 -10.15
N PRO H 60 -30.03 -23.60 -10.82
CA PRO H 60 -31.48 -23.81 -10.70
C PRO H 60 -31.88 -24.26 -9.30
N ASP H 61 -33.14 -23.95 -8.95
CA ASP H 61 -33.72 -24.31 -7.67
C ASP H 61 -33.85 -25.82 -7.49
N ARG H 62 -33.73 -26.60 -8.57
CA ARG H 62 -33.81 -28.05 -8.46
C ARG H 62 -32.67 -28.63 -7.63
N PHE H 63 -31.59 -27.88 -7.44
CA PHE H 63 -30.45 -28.30 -6.64
C PHE H 63 -30.59 -27.78 -5.22
N SER H 64 -30.42 -28.68 -4.24
CA SER H 64 -30.63 -28.37 -2.84
C SER H 64 -29.55 -29.00 -1.97
N GLY H 65 -29.32 -28.38 -0.81
CA GLY H 65 -28.26 -28.80 0.09
C GLY H 65 -28.70 -28.88 1.53
N SER H 66 -28.15 -29.88 2.25
CA SER H 66 -28.51 -30.15 3.64
C SER H 66 -27.26 -30.50 4.45
N LYS H 67 -27.28 -30.19 5.75
CA LYS H 67 -26.15 -30.51 6.61
C LYS H 67 -26.74 -31.00 7.91
N SER H 68 -26.15 -32.07 8.45
CA SER H 68 -26.63 -32.67 9.69
C SER H 68 -25.44 -33.41 10.30
N GLY H 69 -24.96 -32.88 11.41
CA GLY H 69 -23.86 -33.53 12.13
C GLY H 69 -22.61 -33.59 11.29
N THR H 70 -22.14 -34.82 11.03
CA THR H 70 -20.97 -35.07 10.21
C THR H 70 -21.34 -35.51 8.79
N SER H 71 -22.57 -35.24 8.37
CA SER H 71 -23.04 -35.66 7.05
C SER H 71 -23.65 -34.48 6.32
N ALA H 72 -23.56 -34.55 4.99
CA ALA H 72 -24.14 -33.54 4.12
C ALA H 72 -24.92 -34.25 3.01
N THR H 73 -25.90 -33.56 2.45
CA THR H 73 -26.71 -34.16 1.41
C THR H 73 -26.99 -33.16 0.31
N LEU H 74 -26.88 -33.63 -0.93
CA LEU H 74 -27.21 -32.88 -2.13
C LEU H 74 -28.43 -33.52 -2.77
N GLY H 75 -29.43 -32.71 -3.09
CA GLY H 75 -30.67 -33.19 -3.66
C GLY H 75 -30.92 -32.56 -5.01
N ILE H 76 -31.33 -33.38 -5.97
CA ILE H 76 -31.66 -32.92 -7.31
C ILE H 76 -33.10 -33.34 -7.62
N THR H 77 -33.95 -32.34 -7.85
CA THR H 77 -35.34 -32.57 -8.25
C THR H 77 -35.48 -32.40 -9.74
N GLY H 78 -36.52 -33.02 -10.30
CA GLY H 78 -36.73 -32.91 -11.73
C GLY H 78 -35.58 -33.45 -12.54
N LEU H 79 -35.00 -34.58 -12.09
CA LEU H 79 -33.76 -35.07 -12.67
C LEU H 79 -33.85 -35.14 -14.19
N GLN H 80 -32.96 -34.43 -14.85
CA GLN H 80 -32.89 -34.39 -16.30
C GLN H 80 -31.67 -35.17 -16.76
N THR H 81 -31.65 -35.52 -18.04
CA THR H 81 -30.49 -36.23 -18.59
C THR H 81 -29.23 -35.40 -18.47
N GLY H 82 -29.35 -34.07 -18.56
CA GLY H 82 -28.20 -33.19 -18.46
C GLY H 82 -27.59 -33.11 -17.09
N ASP H 83 -28.31 -33.56 -16.07
CA ASP H 83 -27.79 -33.56 -14.71
C ASP H 83 -26.80 -34.70 -14.45
N GLU H 84 -26.59 -35.56 -15.45
CA GLU H 84 -25.62 -36.63 -15.38
C GLU H 84 -24.21 -36.04 -15.41
N ALA H 85 -23.48 -36.19 -14.30
CA ALA H 85 -22.15 -35.60 -14.18
C ALA H 85 -21.50 -36.22 -12.94
N ASP H 86 -20.26 -35.81 -12.66
CA ASP H 86 -19.61 -36.22 -11.43
C ASP H 86 -19.76 -35.09 -10.41
N TYR H 87 -20.36 -35.41 -9.27
CA TYR H 87 -20.64 -34.40 -8.26
C TYR H 87 -19.68 -34.59 -7.09
N TYR H 88 -19.15 -33.48 -6.59
CA TYR H 88 -18.14 -33.50 -5.54
C TYR H 88 -18.61 -32.66 -4.36
N CYS H 89 -18.20 -33.08 -3.16
CA CYS H 89 -18.45 -32.32 -1.95
C CYS H 89 -17.11 -31.89 -1.36
N GLY H 90 -17.12 -30.77 -0.65
CA GLY H 90 -15.92 -30.25 -0.04
C GLY H 90 -16.24 -29.53 1.24
N ALA H 91 -15.26 -29.48 2.13
CA ALA H 91 -15.41 -28.82 3.42
C ALA H 91 -14.03 -28.45 3.92
N TRP H 92 -13.98 -27.71 5.03
CA TRP H 92 -12.73 -27.37 5.69
C TRP H 92 -12.55 -28.24 6.92
N ASP H 93 -11.47 -29.00 6.96
CA ASP H 93 -11.09 -29.77 8.14
C ASP H 93 -10.15 -28.90 8.98
N SER H 94 -10.61 -28.52 10.17
CA SER H 94 -9.84 -27.64 11.04
C SER H 94 -8.76 -28.37 11.83
N THR H 95 -8.81 -29.70 11.91
CA THR H 95 -7.73 -30.43 12.56
C THR H 95 -6.38 -30.22 11.86
N PRO H 96 -6.25 -30.40 10.53
CA PRO H 96 -4.98 -30.04 9.89
C PRO H 96 -5.01 -28.60 9.39
N GLY H 97 -6.21 -28.08 9.15
CA GLY H 97 -6.37 -26.79 8.52
C GLY H 97 -6.30 -26.91 7.01
N THR H 98 -7.15 -27.74 6.43
CA THR H 98 -7.04 -28.08 5.01
C THR H 98 -8.43 -28.28 4.43
N TRP H 99 -8.62 -27.84 3.18
CA TRP H 99 -9.87 -28.10 2.48
C TRP H 99 -9.85 -29.52 1.94
N VAL H 100 -10.84 -30.32 2.35
CA VAL H 100 -10.95 -31.72 1.96
C VAL H 100 -12.09 -31.86 0.96
N PHE H 101 -11.84 -32.59 -0.13
CA PHE H 101 -12.82 -32.90 -1.16
C PHE H 101 -13.31 -34.33 -0.99
N GLY H 102 -14.43 -34.63 -1.66
CA GLY H 102 -14.92 -35.99 -1.74
C GLY H 102 -14.27 -36.76 -2.87
N GLY H 103 -14.64 -38.05 -2.95
CA GLY H 103 -14.08 -38.90 -3.98
C GLY H 103 -14.78 -38.81 -5.33
N GLY H 104 -15.99 -38.29 -5.35
CA GLY H 104 -16.73 -38.11 -6.60
C GLY H 104 -17.85 -39.13 -6.72
N THR H 105 -18.98 -38.68 -7.25
CA THR H 105 -20.12 -39.56 -7.52
C THR H 105 -20.59 -39.32 -8.95
N ARG H 106 -20.53 -40.36 -9.78
CA ARG H 106 -21.05 -40.28 -11.13
C ARG H 106 -22.53 -40.61 -11.09
N LEU H 107 -23.37 -39.63 -11.42
CA LEU H 107 -24.81 -39.82 -11.43
C LEU H 107 -25.23 -40.30 -12.81
N THR H 108 -26.06 -41.34 -12.85
CA THR H 108 -26.59 -41.88 -14.10
C THR H 108 -28.10 -41.79 -14.04
N VAL H 109 -28.69 -41.07 -14.97
CA VAL H 109 -30.14 -40.96 -15.06
C VAL H 109 -30.70 -42.19 -15.77
N LEU H 110 -31.81 -42.71 -15.27
CA LEU H 110 -32.45 -43.90 -15.78
C LEU H 110 -33.58 -43.48 -16.73
N GLY H 111 -34.16 -44.46 -17.42
CA GLY H 111 -35.25 -44.09 -18.30
C GLY H 111 -34.79 -43.55 -19.63
N GLN H 112 -33.50 -43.47 -19.83
CA GLN H 112 -32.87 -42.97 -21.05
C GLN H 112 -33.11 -43.89 -22.24
N PRO H 113 -33.63 -43.36 -23.35
CA PRO H 113 -33.85 -44.16 -24.56
C PRO H 113 -32.54 -44.68 -25.14
N LYS H 114 -32.68 -45.53 -26.15
CA LYS H 114 -31.53 -46.11 -26.84
C LYS H 114 -31.36 -45.44 -28.20
N ALA H 115 -30.12 -45.10 -28.52
CA ALA H 115 -29.80 -44.39 -29.75
C ALA H 115 -28.86 -45.21 -30.62
N ALA H 116 -29.01 -45.05 -31.93
CA ALA H 116 -28.18 -45.82 -32.86
C ALA H 116 -26.92 -45.05 -33.20
N PRO H 117 -25.77 -45.73 -33.20
CA PRO H 117 -24.52 -45.05 -33.54
C PRO H 117 -24.54 -44.47 -34.94
N SER H 118 -24.03 -43.26 -35.06
CA SER H 118 -23.75 -42.62 -36.34
C SER H 118 -22.27 -42.85 -36.63
N VAL H 119 -22.00 -43.66 -37.64
CA VAL H 119 -20.65 -44.11 -37.97
C VAL H 119 -20.22 -43.44 -39.27
N THR H 120 -18.99 -42.94 -39.29
CA THR H 120 -18.41 -42.36 -40.50
C THR H 120 -17.02 -42.95 -40.69
N LEU H 121 -16.78 -43.48 -41.88
CA LEU H 121 -15.49 -44.10 -42.19
C LEU H 121 -14.78 -43.24 -43.22
N PHE H 122 -13.57 -42.81 -42.89
CA PHE H 122 -12.72 -42.00 -43.73
C PHE H 122 -11.55 -42.81 -44.24
N PRO H 123 -11.32 -42.78 -45.55
CA PRO H 123 -10.28 -43.59 -46.18
C PRO H 123 -8.90 -43.03 -45.88
N PRO H 124 -7.83 -43.78 -46.21
CA PRO H 124 -6.48 -43.29 -45.93
C PRO H 124 -6.20 -41.99 -46.65
N SER H 125 -5.44 -41.12 -46.01
CA SER H 125 -5.13 -39.81 -46.57
C SER H 125 -4.19 -39.96 -47.76
N SER H 126 -4.37 -39.09 -48.75
CA SER H 126 -3.47 -39.12 -49.90
C SER H 126 -2.07 -38.69 -49.50
N GLU H 127 -1.94 -37.68 -48.65
CA GLU H 127 -0.62 -37.28 -48.17
C GLU H 127 -0.01 -38.33 -47.26
N GLU H 128 -0.85 -39.04 -46.49
CA GLU H 128 -0.33 -40.11 -45.64
C GLU H 128 0.09 -41.32 -46.48
N LEU H 129 -0.66 -41.63 -47.54
CA LEU H 129 -0.23 -42.69 -48.45
C LEU H 129 1.05 -42.30 -49.17
N GLN H 130 1.22 -41.00 -49.45
CA GLN H 130 2.49 -40.50 -49.97
C GLN H 130 3.59 -40.53 -48.92
N ALA H 131 3.21 -40.63 -47.65
CA ALA H 131 4.15 -40.76 -46.55
C ALA H 131 4.36 -42.20 -46.12
N ASN H 132 3.91 -43.16 -46.93
CA ASN H 132 4.10 -44.60 -46.69
C ASN H 132 3.43 -45.06 -45.40
N LYS H 133 2.28 -44.47 -45.08
CA LYS H 133 1.47 -44.90 -43.95
C LYS H 133 0.01 -44.84 -44.36
N ALA H 134 -0.81 -45.68 -43.74
CA ALA H 134 -2.24 -45.72 -44.03
C ALA H 134 -3.00 -45.76 -42.71
N THR H 135 -4.04 -44.93 -42.60
CA THR H 135 -4.89 -44.94 -41.42
C THR H 135 -6.35 -44.80 -41.86
N LEU H 136 -7.17 -45.72 -41.37
CA LEU H 136 -8.61 -45.69 -41.60
C LEU H 136 -9.29 -45.13 -40.36
N VAL H 137 -10.23 -44.20 -40.54
CA VAL H 137 -10.80 -43.46 -39.41
C VAL H 137 -12.28 -43.77 -39.30
N CYS H 138 -12.68 -44.49 -38.26
CA CYS H 138 -14.07 -44.77 -37.94
C CYS H 138 -14.49 -43.90 -36.76
N LEU H 139 -15.42 -42.97 -37.00
CA LEU H 139 -15.90 -42.05 -35.96
C LEU H 139 -17.35 -42.43 -35.66
N ILE H 140 -17.60 -42.81 -34.40
CA ILE H 140 -18.92 -43.25 -33.96
C ILE H 140 -19.44 -42.25 -32.93
N SER H 141 -20.69 -41.82 -33.10
CA SER H 141 -21.25 -40.79 -32.22
C SER H 141 -22.75 -41.05 -32.01
N ASP H 142 -23.31 -40.36 -31.02
CA ASP H 142 -24.75 -40.35 -30.76
C ASP H 142 -25.31 -41.76 -30.53
N PHE H 143 -24.81 -42.42 -29.50
CA PHE H 143 -25.32 -43.75 -29.15
C PHE H 143 -25.53 -43.85 -27.65
N TYR H 144 -26.53 -44.63 -27.25
CA TYR H 144 -26.87 -44.85 -25.86
C TYR H 144 -27.47 -46.25 -25.71
N PRO H 145 -26.96 -47.10 -24.80
CA PRO H 145 -25.83 -46.93 -23.86
C PRO H 145 -24.48 -46.82 -24.54
N GLY H 146 -23.42 -46.58 -23.76
CA GLY H 146 -22.12 -46.30 -24.33
C GLY H 146 -21.26 -47.49 -24.71
N ALA H 147 -21.62 -48.71 -24.31
CA ALA H 147 -20.83 -49.86 -24.71
C ALA H 147 -21.01 -50.11 -26.21
N VAL H 148 -19.90 -50.40 -26.89
CA VAL H 148 -19.87 -50.57 -28.35
C VAL H 148 -18.71 -51.50 -28.69
N THR H 149 -18.90 -52.34 -29.72
CA THR H 149 -17.84 -53.19 -30.23
C THR H 149 -17.54 -52.85 -31.68
N VAL H 150 -16.28 -52.62 -32.00
CA VAL H 150 -15.85 -52.21 -33.34
C VAL H 150 -15.01 -53.32 -33.94
N ALA H 151 -15.28 -53.67 -35.20
CA ALA H 151 -14.48 -54.65 -35.91
C ALA H 151 -14.21 -54.17 -37.33
N TRP H 152 -12.99 -54.42 -37.81
CA TRP H 152 -12.61 -54.03 -39.16
C TRP H 152 -12.49 -55.27 -40.04
N LYS H 153 -12.79 -55.09 -41.32
CA LYS H 153 -12.81 -56.18 -42.30
C LYS H 153 -12.07 -55.74 -43.56
N ALA H 154 -11.18 -56.59 -44.05
CA ALA H 154 -10.46 -56.35 -45.30
C ALA H 154 -11.05 -57.23 -46.39
N ASP H 155 -11.93 -56.66 -47.22
CA ASP H 155 -12.65 -57.42 -48.25
C ASP H 155 -13.32 -58.65 -47.62
N SER H 156 -13.97 -58.43 -46.48
CA SER H 156 -14.62 -59.42 -45.64
C SER H 156 -13.61 -60.21 -44.83
N SER H 157 -12.28 -59.98 -45.01
CA SER H 157 -11.35 -60.70 -44.14
C SER H 157 -11.17 -59.94 -42.83
N PRO H 158 -11.28 -60.63 -41.69
CA PRO H 158 -11.21 -59.94 -40.39
C PRO H 158 -9.79 -59.46 -40.10
N VAL H 159 -9.66 -58.17 -39.86
CA VAL H 159 -8.39 -57.62 -39.41
C VAL H 159 -8.28 -57.87 -37.91
N LYS H 160 -7.16 -58.45 -37.48
CA LYS H 160 -6.94 -58.77 -36.07
C LYS H 160 -5.74 -58.03 -35.48
N ALA H 161 -5.20 -57.03 -36.18
CA ALA H 161 -4.06 -56.29 -35.68
C ALA H 161 -4.10 -54.88 -36.25
N GLY H 162 -3.47 -53.96 -35.53
CA GLY H 162 -3.44 -52.57 -35.97
C GLY H 162 -4.75 -51.84 -35.81
N VAL H 163 -5.56 -52.20 -34.80
CA VAL H 163 -6.81 -51.53 -34.51
C VAL H 163 -6.64 -50.83 -33.17
N GLU H 164 -6.83 -49.52 -33.14
CA GLU H 164 -6.75 -48.75 -31.91
C GLU H 164 -8.08 -48.04 -31.72
N THR H 165 -8.78 -48.38 -30.65
CA THR H 165 -10.14 -47.88 -30.41
C THR H 165 -10.19 -47.12 -29.10
N THR H 166 -11.05 -46.10 -29.07
CA THR H 166 -11.21 -45.26 -27.88
C THR H 166 -12.24 -45.85 -26.92
N THR H 167 -12.13 -45.45 -25.68
CA THR H 167 -13.18 -45.63 -24.69
C THR H 167 -14.30 -44.61 -24.94
N PRO H 168 -15.55 -44.97 -24.64
CA PRO H 168 -16.71 -44.08 -24.93
C PRO H 168 -16.67 -42.73 -24.17
N SER H 169 -17.22 -41.69 -24.80
CA SER H 169 -17.18 -40.37 -24.19
C SER H 169 -18.60 -39.82 -24.16
N LYS H 170 -19.01 -39.27 -23.01
CA LYS H 170 -20.25 -38.51 -22.94
C LYS H 170 -20.00 -37.20 -23.69
N GLN H 171 -20.99 -36.76 -24.46
CA GLN H 171 -20.91 -35.51 -25.20
C GLN H 171 -21.97 -34.54 -24.68
N SER H 172 -22.15 -33.42 -25.39
CA SER H 172 -23.18 -32.47 -25.03
C SER H 172 -24.58 -33.07 -25.18
N ASN H 173 -24.76 -33.98 -26.14
CA ASN H 173 -26.08 -34.56 -26.38
C ASN H 173 -26.47 -35.59 -25.31
N ASN H 174 -25.59 -35.83 -24.34
CA ASN H 174 -25.74 -36.80 -23.25
C ASN H 174 -25.57 -38.23 -23.75
N LYS H 175 -25.37 -38.42 -25.06
CA LYS H 175 -25.04 -39.70 -25.65
C LYS H 175 -23.52 -39.88 -25.61
N TYR H 176 -23.07 -41.06 -26.01
CA TYR H 176 -21.66 -41.39 -25.92
C TYR H 176 -21.03 -41.36 -27.30
N ALA H 177 -19.70 -41.24 -27.33
CA ALA H 177 -18.96 -41.16 -28.59
C ALA H 177 -17.64 -41.92 -28.47
N ALA H 178 -17.14 -42.38 -29.62
CA ALA H 178 -15.90 -43.16 -29.66
C ALA H 178 -15.30 -43.08 -31.06
N SER H 179 -14.05 -43.52 -31.16
CA SER H 179 -13.33 -43.51 -32.42
C SER H 179 -12.42 -44.72 -32.49
N SER H 180 -12.26 -45.27 -33.69
CA SER H 180 -11.34 -46.36 -33.95
C SER H 180 -10.50 -46.05 -35.18
N TYR H 181 -9.24 -46.43 -35.15
CA TYR H 181 -8.30 -46.18 -36.23
C TYR H 181 -7.64 -47.49 -36.61
N LEU H 182 -7.66 -47.78 -37.91
CA LEU H 182 -7.02 -48.97 -38.45
C LEU H 182 -5.70 -48.55 -39.08
N SER H 183 -4.60 -48.95 -38.43
CA SER H 183 -3.26 -48.61 -38.89
C SER H 183 -2.80 -49.68 -39.87
N LEU H 184 -2.67 -49.33 -41.13
CA LEU H 184 -2.22 -50.23 -42.17
C LEU H 184 -0.98 -49.66 -42.86
N THR H 185 -0.23 -50.56 -43.47
CA THR H 185 0.78 -50.17 -44.44
C THR H 185 0.07 -49.95 -45.77
N PRO H 186 0.55 -49.03 -46.60
CA PRO H 186 -0.18 -48.75 -47.85
C PRO H 186 -0.41 -49.97 -48.74
N GLU H 187 0.52 -50.93 -48.75
CA GLU H 187 0.30 -52.14 -49.53
C GLU H 187 -0.95 -52.86 -49.08
N GLN H 188 -1.11 -53.04 -47.76
CA GLN H 188 -2.30 -53.71 -47.25
C GLN H 188 -3.56 -52.94 -47.60
N TRP H 189 -3.46 -51.63 -47.81
CA TRP H 189 -4.62 -50.86 -48.22
C TRP H 189 -4.95 -51.12 -49.70
N LYS H 190 -3.93 -51.14 -50.56
CA LYS H 190 -4.16 -51.34 -51.98
C LYS H 190 -4.30 -52.81 -52.36
N SER H 191 -3.81 -53.72 -51.52
CA SER H 191 -3.89 -55.14 -51.81
C SER H 191 -5.33 -55.67 -51.80
N HIS H 192 -6.22 -54.98 -51.09
CA HIS H 192 -7.62 -55.35 -51.00
C HIS H 192 -8.49 -54.43 -51.85
N ARG H 193 -9.80 -54.72 -51.84
CA ARG H 193 -10.77 -53.98 -52.65
C ARG H 193 -11.78 -53.20 -51.83
N SER H 194 -11.99 -53.52 -50.56
CA SER H 194 -13.05 -52.88 -49.76
C SER H 194 -12.76 -53.12 -48.28
N TYR H 195 -12.39 -52.06 -47.56
CA TYR H 195 -12.23 -52.14 -46.12
C TYR H 195 -13.49 -51.62 -45.43
N SER H 196 -13.90 -52.31 -44.36
CA SER H 196 -15.18 -52.04 -43.72
C SER H 196 -14.99 -51.91 -42.21
N CYS H 197 -15.75 -50.99 -41.63
CA CYS H 197 -15.83 -50.80 -40.19
C CYS H 197 -17.26 -51.15 -39.77
N GLN H 198 -17.39 -52.15 -38.90
CA GLN H 198 -18.67 -52.62 -38.41
C GLN H 198 -18.75 -52.33 -36.92
N VAL H 199 -19.81 -51.63 -36.53
CA VAL H 199 -20.00 -51.14 -35.17
C VAL H 199 -21.27 -51.78 -34.62
N THR H 200 -21.13 -52.51 -33.51
CA THR H 200 -22.24 -53.23 -32.90
C THR H 200 -22.58 -52.58 -31.58
N HIS H 201 -23.84 -52.17 -31.45
CA HIS H 201 -24.39 -51.54 -30.26
C HIS H 201 -25.80 -52.05 -30.04
N GLU H 202 -26.12 -52.35 -28.78
CA GLU H 202 -27.46 -52.80 -28.36
C GLU H 202 -27.89 -54.01 -29.20
N GLY H 203 -26.94 -54.79 -29.66
CA GLY H 203 -27.21 -56.01 -30.36
C GLY H 203 -27.32 -55.83 -31.86
N SER H 204 -27.55 -54.61 -32.31
CA SER H 204 -27.70 -54.29 -33.72
C SER H 204 -26.35 -53.89 -34.29
N THR H 205 -26.16 -54.01 -35.61
CA THR H 205 -24.85 -53.71 -36.18
C THR H 205 -25.02 -52.68 -37.31
N VAL H 206 -24.16 -51.65 -37.37
CA VAL H 206 -24.14 -50.66 -38.44
C VAL H 206 -22.76 -50.65 -39.05
N GLU H 207 -22.66 -50.75 -40.38
CA GLU H 207 -21.39 -50.93 -41.04
C GLU H 207 -21.20 -49.92 -42.16
N LYS H 208 -19.94 -49.50 -42.34
CA LYS H 208 -19.55 -48.59 -43.42
C LYS H 208 -18.33 -49.15 -44.14
N THR H 209 -18.21 -48.84 -45.43
CA THR H 209 -17.16 -49.39 -46.27
C THR H 209 -16.50 -48.30 -47.09
N VAL H 210 -15.18 -48.42 -47.27
CA VAL H 210 -14.38 -47.54 -48.09
C VAL H 210 -13.58 -48.41 -49.06
N ALA H 211 -13.26 -47.86 -50.22
CA ALA H 211 -12.55 -48.64 -51.21
C ALA H 211 -11.32 -47.91 -51.72
N PRO H 212 -10.26 -48.65 -52.07
CA PRO H 212 -9.03 -48.13 -52.67
C PRO H 212 -9.26 -47.51 -54.04
N HIS I 1 2.95 24.83 -17.41
CA HIS I 1 3.98 24.14 -16.64
C HIS I 1 3.68 24.18 -15.16
N SER I 2 3.82 23.01 -14.56
CA SER I 2 4.01 22.83 -13.13
C SER I 2 5.29 22.06 -12.84
N VAL I 3 5.62 22.03 -11.56
CA VAL I 3 6.68 21.13 -11.11
C VAL I 3 6.24 19.71 -11.43
N PRO I 4 7.13 18.85 -11.90
CA PRO I 4 6.72 17.51 -12.32
C PRO I 4 6.13 16.74 -11.15
N LYS I 5 5.14 15.91 -11.44
CA LYS I 5 4.58 15.04 -10.43
C LYS I 5 5.60 13.97 -10.06
N LEU I 6 5.51 13.50 -8.82
CA LEU I 6 6.45 12.47 -8.39
C LEU I 6 6.19 11.16 -9.10
N SER I 7 5.05 11.05 -9.77
CA SER I 7 4.71 9.91 -10.61
C SER I 7 5.34 9.98 -11.99
N ASP I 8 5.94 11.11 -12.37
CA ASP I 8 6.57 11.21 -13.68
C ASP I 8 7.88 10.46 -13.64
N PHE I 9 7.86 9.22 -14.13
CA PHE I 9 9.07 8.40 -14.14
C PHE I 9 10.08 8.92 -15.16
N GLU I 10 9.59 9.58 -16.21
CA GLU I 10 10.48 10.15 -17.21
C GLU I 10 11.36 11.25 -16.63
N SER I 11 10.78 12.14 -15.82
CA SER I 11 11.59 13.18 -15.19
C SER I 11 12.51 12.61 -14.12
N GLU I 12 12.02 11.64 -13.35
CA GLU I 12 12.87 11.02 -12.33
C GLU I 12 14.07 10.33 -12.96
N LEU I 13 13.88 9.75 -14.15
CA LEU I 13 14.99 9.08 -14.82
C LEU I 13 15.90 10.09 -15.52
N SER I 14 15.33 11.15 -16.09
CA SER I 14 16.16 12.19 -16.70
C SER I 14 17.02 12.87 -15.64
N HIS I 15 16.55 12.90 -14.39
CA HIS I 15 17.37 13.40 -13.30
C HIS I 15 18.31 12.34 -12.74
N TRP I 16 17.99 11.06 -12.92
CA TRP I 16 18.87 10.00 -12.43
C TRP I 16 20.09 9.83 -13.32
N PHE I 17 19.92 10.01 -14.63
CA PHE I 17 20.98 9.79 -15.60
C PHE I 17 21.72 11.07 -15.97
N LYS I 18 21.29 12.23 -15.44
CA LYS I 18 21.81 13.50 -15.91
C LYS I 18 23.23 13.71 -15.41
N ASN I 19 24.02 14.42 -16.22
CA ASN I 19 25.40 14.77 -15.91
C ASN I 19 25.46 16.28 -16.06
N GLN I 20 25.43 16.98 -14.93
CA GLN I 20 25.52 18.44 -14.88
C GLN I 20 26.71 18.96 -15.67
N HIS J 1 33.65 3.27 -5.43
CA HIS J 1 32.51 3.66 -4.61
C HIS J 1 31.25 3.00 -5.12
N SER J 2 30.08 3.48 -4.71
CA SER J 2 28.83 2.90 -5.20
C SER J 2 27.86 3.99 -5.65
N VAL J 3 26.91 3.58 -6.49
CA VAL J 3 25.76 4.41 -6.86
C VAL J 3 24.85 4.54 -5.65
N PRO J 4 24.24 5.70 -5.40
CA PRO J 4 23.40 5.84 -4.20
C PRO J 4 22.22 4.89 -4.23
N LYS J 5 21.85 4.40 -3.04
CA LYS J 5 20.66 3.57 -2.92
C LYS J 5 19.39 4.42 -3.04
N LEU J 6 18.34 3.79 -3.56
CA LEU J 6 17.07 4.50 -3.73
C LEU J 6 16.34 4.73 -2.42
N SER J 7 16.76 4.07 -1.33
CA SER J 7 16.14 4.27 -0.04
C SER J 7 16.65 5.52 0.68
N ASP J 8 17.74 6.12 0.20
CA ASP J 8 18.29 7.31 0.84
C ASP J 8 17.45 8.52 0.43
N PHE J 9 16.62 9.00 1.35
CA PHE J 9 15.76 10.15 1.06
C PHE J 9 16.58 11.41 0.85
N GLU J 10 17.77 11.49 1.47
CA GLU J 10 18.62 12.66 1.28
C GLU J 10 19.10 12.78 -0.15
N SER J 11 19.54 11.67 -0.76
CA SER J 11 19.96 11.71 -2.16
C SER J 11 18.76 11.92 -3.08
N GLU J 12 17.61 11.32 -2.76
CA GLU J 12 16.43 11.54 -3.60
C GLU J 12 16.05 13.01 -3.62
N LEU J 13 16.23 13.70 -2.50
CA LEU J 13 15.91 15.12 -2.45
C LEU J 13 16.99 15.95 -3.11
N SER J 14 18.26 15.58 -2.89
CA SER J 14 19.36 16.30 -3.53
C SER J 14 19.36 16.11 -5.04
N HIS J 15 18.85 14.98 -5.54
CA HIS J 15 18.69 14.78 -6.97
C HIS J 15 17.44 15.46 -7.48
N TRP J 16 16.47 15.68 -6.60
CA TRP J 16 15.25 16.38 -7.00
C TRP J 16 15.49 17.88 -7.12
N PHE J 17 16.32 18.44 -6.23
CA PHE J 17 16.50 19.89 -6.16
C PHE J 17 17.73 20.43 -6.89
N LYS J 18 18.67 19.59 -7.34
CA LYS J 18 19.92 20.19 -7.76
C LYS J 18 19.81 20.85 -9.12
N ASN J 19 20.49 21.99 -9.26
CA ASN J 19 20.61 22.71 -10.53
C ASN J 19 22.03 23.25 -10.63
N GLN J 20 22.86 22.60 -11.44
CA GLN J 20 24.24 23.03 -11.69
C GLN J 20 25.11 22.89 -10.44
N HIS K 1 -27.51 -13.31 -2.93
CA HIS K 1 -26.77 -14.01 -1.89
C HIS K 1 -25.35 -14.31 -2.33
N SER K 2 -24.40 -13.50 -1.87
CA SER K 2 -23.00 -13.68 -2.19
C SER K 2 -22.17 -13.85 -0.93
N VAL K 3 -20.98 -14.41 -1.09
CA VAL K 3 -19.99 -14.43 -0.02
C VAL K 3 -19.48 -13.01 0.22
N PRO K 4 -19.31 -12.57 1.47
CA PRO K 4 -18.87 -11.20 1.72
C PRO K 4 -17.48 -10.94 1.16
N LYS K 5 -17.26 -9.71 0.72
CA LYS K 5 -15.92 -9.29 0.32
C LYS K 5 -15.04 -9.20 1.56
N LEU K 6 -13.74 -9.39 1.38
CA LEU K 6 -12.85 -9.30 2.53
C LEU K 6 -12.75 -7.88 3.05
N SER K 7 -13.20 -6.90 2.28
CA SER K 7 -13.25 -5.50 2.69
C SER K 7 -14.46 -5.18 3.55
N ASP K 8 -15.44 -6.08 3.67
CA ASP K 8 -16.63 -5.80 4.47
C ASP K 8 -16.27 -5.97 5.94
N PHE K 9 -16.02 -4.85 6.60
CA PHE K 9 -15.65 -4.88 8.02
C PHE K 9 -16.83 -5.31 8.88
N GLU K 10 -18.06 -5.05 8.43
CA GLU K 10 -19.23 -5.47 9.18
C GLU K 10 -19.33 -7.00 9.27
N SER K 11 -19.05 -7.69 8.16
CA SER K 11 -19.05 -9.15 8.20
C SER K 11 -17.87 -9.68 9.00
N GLU K 12 -16.70 -9.04 8.89
CA GLU K 12 -15.55 -9.47 9.67
C GLU K 12 -15.84 -9.36 11.16
N LEU K 13 -16.62 -8.35 11.56
CA LEU K 13 -16.96 -8.19 12.97
C LEU K 13 -18.07 -9.15 13.38
N SER K 14 -19.06 -9.38 12.49
CA SER K 14 -20.11 -10.32 12.81
C SER K 14 -19.58 -11.74 12.94
N HIS K 15 -18.52 -12.06 12.20
CA HIS K 15 -17.87 -13.36 12.36
C HIS K 15 -16.88 -13.34 13.50
N TRP K 16 -16.42 -12.16 13.90
CA TRP K 16 -15.51 -12.05 15.03
C TRP K 16 -16.24 -12.22 16.36
N PHE K 17 -17.48 -11.72 16.44
CA PHE K 17 -18.25 -11.72 17.68
C PHE K 17 -19.22 -12.88 17.79
N LYS K 18 -19.32 -13.74 16.78
CA LYS K 18 -20.39 -14.73 16.77
C LYS K 18 -20.15 -15.80 17.82
N ASN K 19 -21.24 -16.28 18.43
CA ASN K 19 -21.18 -17.34 19.43
C ASN K 19 -22.25 -18.38 19.10
N GLN K 20 -21.83 -19.49 18.49
CA GLN K 20 -22.70 -20.61 18.17
C GLN K 20 -24.00 -20.17 17.50
N HIS L 1 -6.59 -17.47 28.40
CA HIS L 1 -6.46 -18.01 27.07
C HIS L 1 -6.89 -16.80 26.20
N SER L 2 -6.00 -15.88 25.85
CA SER L 2 -6.57 -14.65 25.29
C SER L 2 -7.11 -14.85 23.86
N VAL L 3 -7.75 -13.78 23.39
CA VAL L 3 -8.32 -13.55 22.05
C VAL L 3 -7.22 -13.67 20.99
N PRO L 4 -7.50 -14.33 19.86
CA PRO L 4 -6.45 -14.55 18.85
C PRO L 4 -5.94 -13.24 18.27
N LYS L 5 -4.66 -13.24 17.92
CA LYS L 5 -4.11 -12.10 17.22
C LYS L 5 -4.65 -12.08 15.80
N LEU L 6 -4.79 -10.88 15.25
CA LEU L 6 -5.31 -10.74 13.90
C LEU L 6 -4.32 -11.17 12.83
N SER L 7 -3.05 -11.34 13.17
CA SER L 7 -2.05 -11.80 12.23
C SER L 7 -2.04 -13.33 12.07
N ASP L 8 -2.76 -14.06 12.91
CA ASP L 8 -2.80 -15.52 12.83
C ASP L 8 -3.67 -15.92 11.65
N PHE L 9 -3.03 -16.29 10.55
CA PHE L 9 -3.77 -16.67 9.35
C PHE L 9 -4.52 -17.98 9.55
N GLU L 10 -4.02 -18.87 10.41
CA GLU L 10 -4.74 -20.10 10.72
C GLU L 10 -6.05 -19.78 11.42
N SER L 11 -6.03 -18.81 12.34
CA SER L 11 -7.26 -18.37 12.99
C SER L 11 -8.18 -17.66 12.02
N GLU L 12 -7.61 -16.83 11.14
CA GLU L 12 -8.42 -16.12 10.15
C GLU L 12 -9.15 -17.09 9.23
N LEU L 13 -8.51 -18.22 8.90
CA LEU L 13 -9.13 -19.19 8.02
C LEU L 13 -10.08 -20.12 8.76
N SER L 14 -9.72 -20.55 9.97
CA SER L 14 -10.59 -21.44 10.73
C SER L 14 -11.91 -20.79 11.10
N HIS L 15 -11.90 -19.48 11.32
CA HIS L 15 -13.12 -18.74 11.58
C HIS L 15 -13.83 -18.32 10.31
N TRP L 16 -13.14 -18.38 9.16
CA TRP L 16 -13.77 -18.05 7.88
C TRP L 16 -14.70 -19.17 7.41
N PHE L 17 -14.32 -20.42 7.60
CA PHE L 17 -15.07 -21.57 7.10
C PHE L 17 -15.99 -22.19 8.15
N LYS L 18 -15.98 -21.68 9.38
CA LYS L 18 -16.66 -22.35 10.49
C LYS L 18 -18.18 -22.19 10.39
N ASN L 19 -18.90 -23.21 10.89
CA ASN L 19 -20.36 -23.19 10.94
C ASN L 19 -20.78 -23.51 12.37
N GLN L 20 -21.00 -22.45 13.16
CA GLN L 20 -21.51 -22.49 14.54
C GLN L 20 -21.49 -23.85 15.24
#